data_2DB5
#
_entry.id   2DB5
#
_entity_poly.entity_id   1
_entity_poly.type   'polypeptide(L)'
_entity_poly.pdbx_seq_one_letter_code
;GSSGSSGLGNEDFNSVIQQMAQGRQIEYIDIERPSTGGLGFSVVALRSQNLGKVDIFVKDVQPGSVADRDQRLKENDQIL
AINHTPLDQNISHQQAIALLQQTTGSLRLIVAREPVHTKSSTSGPSSG
;
_entity_poly.pdbx_strand_id   A
#
# COMPACT_ATOMS: atom_id res chain seq x y z
N GLY A 1 -12.14 8.48 -17.45
CA GLY A 1 -11.60 9.59 -18.21
C GLY A 1 -10.13 9.82 -17.95
N SER A 2 -9.50 10.63 -18.80
CA SER A 2 -8.08 10.93 -18.67
C SER A 2 -7.84 12.43 -18.72
N SER A 3 -6.85 12.88 -17.95
CA SER A 3 -6.50 14.31 -17.91
C SER A 3 -5.00 14.50 -17.71
N GLY A 4 -4.52 15.70 -18.02
CA GLY A 4 -3.11 15.99 -17.86
C GLY A 4 -2.86 17.42 -17.39
N SER A 5 -2.11 17.55 -16.31
CA SER A 5 -1.80 18.87 -15.75
C SER A 5 -0.43 18.86 -15.09
N SER A 6 0.03 20.04 -14.68
CA SER A 6 1.33 20.18 -14.03
C SER A 6 1.16 20.38 -12.52
N GLY A 7 1.08 19.27 -11.80
CA GLY A 7 0.93 19.33 -10.36
C GLY A 7 -0.37 18.71 -9.89
N LEU A 8 -1.22 19.52 -9.25
CA LEU A 8 -2.50 19.04 -8.75
C LEU A 8 -3.56 20.14 -8.80
N GLY A 9 -4.81 19.76 -8.60
CA GLY A 9 -5.90 20.73 -8.63
C GLY A 9 -6.85 20.55 -7.47
N ASN A 10 -8.15 20.45 -7.79
CA ASN A 10 -9.18 20.28 -6.77
C ASN A 10 -8.72 19.28 -5.71
N GLU A 11 -8.26 18.12 -6.15
CA GLU A 11 -7.80 17.07 -5.25
C GLU A 11 -6.28 16.95 -5.28
N ASP A 12 -5.65 17.11 -4.12
CA ASP A 12 -4.20 17.02 -4.01
C ASP A 12 -3.78 15.65 -3.48
N PHE A 13 -2.49 15.36 -3.55
CA PHE A 13 -1.95 14.09 -3.08
C PHE A 13 -2.45 13.79 -1.67
N ASN A 14 -2.62 14.84 -0.87
CA ASN A 14 -3.09 14.69 0.50
C ASN A 14 -4.58 14.39 0.53
N SER A 15 -5.30 14.85 -0.49
CA SER A 15 -6.74 14.63 -0.57
C SER A 15 -7.05 13.25 -1.13
N VAL A 16 -6.40 12.90 -2.23
CA VAL A 16 -6.60 11.60 -2.86
C VAL A 16 -6.43 10.47 -1.86
N ILE A 17 -5.35 10.53 -1.08
CA ILE A 17 -5.07 9.50 -0.08
C ILE A 17 -6.14 9.51 1.02
N GLN A 18 -6.52 10.70 1.45
CA GLN A 18 -7.54 10.84 2.50
C GLN A 18 -8.91 10.40 1.99
N GLN A 19 -9.08 10.40 0.67
CA GLN A 19 -10.34 10.00 0.06
C GLN A 19 -10.38 8.49 -0.14
N MET A 20 -9.24 7.90 -0.48
CA MET A 20 -9.15 6.47 -0.71
C MET A 20 -9.17 5.71 0.61
N ALA A 21 -8.58 6.29 1.65
CA ALA A 21 -8.54 5.66 2.96
C ALA A 21 -9.93 5.64 3.59
N GLN A 22 -10.69 6.70 3.38
CA GLN A 22 -12.04 6.79 3.93
C GLN A 22 -12.00 6.87 5.45
N GLY A 23 -11.10 7.69 5.98
CA GLY A 23 -10.97 7.83 7.42
C GLY A 23 -10.06 6.79 8.03
N ARG A 24 -9.95 5.64 7.36
CA ARG A 24 -9.11 4.56 7.85
C ARG A 24 -7.72 5.07 8.24
N GLN A 25 -7.18 4.54 9.33
CA GLN A 25 -5.86 4.94 9.81
C GLN A 25 -4.79 4.63 8.77
N ILE A 26 -4.10 5.67 8.29
CA ILE A 26 -3.06 5.50 7.29
C ILE A 26 -1.69 5.38 7.96
N GLU A 27 -0.87 4.47 7.45
CA GLU A 27 0.47 4.25 8.00
C GLU A 27 1.52 4.23 6.88
N TYR A 28 2.67 4.81 7.15
CA TYR A 28 3.75 4.85 6.17
C TYR A 28 4.76 3.73 6.41
N ILE A 29 4.66 2.67 5.61
CA ILE A 29 5.56 1.54 5.74
C ILE A 29 6.80 1.72 4.88
N ASP A 30 7.90 2.11 5.52
CA ASP A 30 9.17 2.33 4.83
C ASP A 30 9.97 1.04 4.74
N ILE A 31 10.21 0.57 3.52
CA ILE A 31 10.97 -0.66 3.31
C ILE A 31 12.33 -0.37 2.68
N GLU A 32 13.35 -1.04 3.17
CA GLU A 32 14.71 -0.85 2.65
C GLU A 32 15.01 -1.87 1.55
N ARG A 33 15.01 -1.39 0.31
CA ARG A 33 15.28 -2.25 -0.84
C ARG A 33 16.71 -2.80 -0.78
N PRO A 34 16.83 -4.11 -0.58
CA PRO A 34 18.13 -4.78 -0.51
C PRO A 34 18.85 -4.82 -1.85
N SER A 35 20.09 -5.31 -1.85
CA SER A 35 20.87 -5.40 -3.06
C SER A 35 20.78 -6.79 -3.68
N THR A 36 21.01 -7.81 -2.86
CA THR A 36 20.96 -9.19 -3.31
C THR A 36 19.63 -9.84 -2.95
N GLY A 37 18.64 -9.01 -2.62
CA GLY A 37 17.33 -9.52 -2.26
C GLY A 37 16.21 -8.70 -2.85
N GLY A 38 15.00 -8.89 -2.33
CA GLY A 38 13.85 -8.16 -2.83
C GLY A 38 12.91 -7.72 -1.72
N LEU A 39 11.81 -7.07 -2.10
CA LEU A 39 10.83 -6.60 -1.14
C LEU A 39 10.46 -7.71 -0.16
N GLY A 40 10.47 -8.94 -0.63
CA GLY A 40 10.14 -10.07 0.23
C GLY A 40 8.65 -10.22 0.44
N PHE A 41 7.87 -9.49 -0.36
CA PHE A 41 6.41 -9.54 -0.25
C PHE A 41 5.76 -9.47 -1.63
N SER A 42 4.52 -9.94 -1.72
CA SER A 42 3.80 -9.93 -2.97
C SER A 42 2.59 -9.00 -2.90
N VAL A 43 1.91 -8.82 -4.03
CA VAL A 43 0.73 -7.96 -4.08
C VAL A 43 -0.35 -8.56 -4.96
N VAL A 44 -1.61 -8.23 -4.65
CA VAL A 44 -2.74 -8.75 -5.42
C VAL A 44 -3.55 -7.61 -6.02
N ALA A 45 -4.02 -7.81 -7.25
CA ALA A 45 -4.81 -6.81 -7.94
C ALA A 45 -6.29 -7.15 -7.89
N LEU A 46 -7.10 -6.25 -7.33
CA LEU A 46 -8.53 -6.46 -7.23
C LEU A 46 -9.30 -5.17 -7.54
N ARG A 47 -9.98 -5.15 -8.68
CA ARG A 47 -10.75 -3.98 -9.08
C ARG A 47 -11.69 -3.54 -7.96
N SER A 48 -11.62 -2.26 -7.62
CA SER A 48 -12.46 -1.70 -6.56
C SER A 48 -13.87 -1.43 -7.07
N GLN A 49 -14.71 -0.86 -6.21
CA GLN A 49 -16.08 -0.55 -6.58
C GLN A 49 -16.27 0.95 -6.80
N ASN A 50 -15.49 1.75 -6.06
CA ASN A 50 -15.57 3.20 -6.19
C ASN A 50 -15.66 3.62 -7.65
N LEU A 51 -14.66 3.24 -8.43
CA LEU A 51 -14.63 3.58 -9.85
C LEU A 51 -13.48 2.87 -10.55
N GLY A 52 -13.60 2.71 -11.87
CA GLY A 52 -12.56 2.05 -12.64
C GLY A 52 -11.19 2.21 -12.01
N LYS A 53 -10.84 1.25 -11.15
CA LYS A 53 -9.55 1.27 -10.47
C LYS A 53 -9.20 -0.10 -9.91
N VAL A 54 -7.99 -0.23 -9.38
CA VAL A 54 -7.53 -1.49 -8.81
C VAL A 54 -6.93 -1.29 -7.42
N ASP A 55 -7.34 -2.12 -6.47
CA ASP A 55 -6.85 -2.03 -5.11
C ASP A 55 -5.72 -3.04 -4.87
N ILE A 56 -4.51 -2.53 -4.66
CA ILE A 56 -3.35 -3.38 -4.42
C ILE A 56 -3.24 -3.74 -2.93
N PHE A 57 -3.18 -5.04 -2.66
CA PHE A 57 -3.07 -5.52 -1.28
C PHE A 57 -1.80 -6.36 -1.10
N VAL A 58 -1.14 -6.18 0.03
CA VAL A 58 0.08 -6.92 0.33
C VAL A 58 -0.24 -8.35 0.76
N LYS A 59 0.17 -9.31 -0.06
CA LYS A 59 -0.06 -10.72 0.22
C LYS A 59 1.25 -11.50 0.26
N ASP A 60 1.26 -12.62 0.97
CA ASP A 60 2.44 -13.46 1.08
C ASP A 60 3.59 -12.69 1.71
N VAL A 61 3.32 -12.07 2.87
CA VAL A 61 4.34 -11.31 3.58
C VAL A 61 5.35 -12.22 4.24
N GLN A 62 6.34 -12.66 3.47
CA GLN A 62 7.38 -13.54 3.99
C GLN A 62 7.81 -13.11 5.39
N PRO A 63 7.34 -13.84 6.41
CA PRO A 63 7.67 -13.55 7.81
C PRO A 63 9.13 -13.86 8.14
N GLY A 64 10.01 -12.90 7.85
CA GLY A 64 11.42 -13.08 8.12
C GLY A 64 12.30 -12.22 7.23
N SER A 65 11.75 -11.80 6.09
CA SER A 65 12.49 -10.97 5.16
C SER A 65 12.51 -9.51 5.61
N VAL A 66 13.21 -8.67 4.86
CA VAL A 66 13.31 -7.25 5.18
C VAL A 66 11.95 -6.67 5.54
N ALA A 67 10.95 -6.99 4.74
CA ALA A 67 9.60 -6.50 4.96
C ALA A 67 9.20 -6.67 6.42
N ASP A 68 9.72 -7.71 7.07
CA ASP A 68 9.42 -7.98 8.46
C ASP A 68 10.64 -7.68 9.34
N ARG A 69 11.67 -8.51 9.22
CA ARG A 69 12.88 -8.33 10.01
C ARG A 69 13.28 -6.86 10.08
N ASP A 70 12.92 -6.11 9.05
CA ASP A 70 13.24 -4.69 8.99
C ASP A 70 12.00 -3.83 9.26
N GLN A 71 11.04 -3.88 8.34
CA GLN A 71 9.82 -3.12 8.47
C GLN A 71 8.73 -3.95 9.17
N ARG A 72 7.58 -3.32 9.42
CA ARG A 72 6.47 -3.99 10.08
C ARG A 72 5.27 -4.09 9.15
N LEU A 73 5.53 -4.24 7.86
CA LEU A 73 4.46 -4.35 6.87
C LEU A 73 3.53 -5.51 7.19
N LYS A 74 2.25 -5.21 7.35
CA LYS A 74 1.26 -6.24 7.65
C LYS A 74 0.58 -6.73 6.38
N GLU A 75 -0.05 -7.89 6.46
CA GLU A 75 -0.74 -8.48 5.31
C GLU A 75 -2.10 -7.82 5.11
N ASN A 76 -2.63 -7.95 3.90
CA ASN A 76 -3.93 -7.37 3.57
C ASN A 76 -3.92 -5.86 3.77
N ASP A 77 -2.79 -5.24 3.45
CA ASP A 77 -2.65 -3.78 3.60
C ASP A 77 -2.82 -3.08 2.25
N GLN A 78 -3.99 -2.50 2.05
CA GLN A 78 -4.29 -1.79 0.81
C GLN A 78 -3.34 -0.62 0.61
N ILE A 79 -2.48 -0.73 -0.39
CA ILE A 79 -1.51 0.32 -0.70
C ILE A 79 -2.17 1.49 -1.41
N LEU A 80 -2.22 2.65 -0.75
CA LEU A 80 -2.82 3.84 -1.32
C LEU A 80 -1.85 4.55 -2.26
N ALA A 81 -0.60 4.69 -1.81
CA ALA A 81 0.43 5.34 -2.60
C ALA A 81 1.76 4.63 -2.47
N ILE A 82 2.59 4.73 -3.50
CA ILE A 82 3.91 4.09 -3.49
C ILE A 82 5.00 5.07 -3.95
N ASN A 83 5.84 5.48 -3.01
CA ASN A 83 6.92 6.41 -3.31
C ASN A 83 6.37 7.76 -3.75
N HIS A 84 5.40 8.28 -2.99
CA HIS A 84 4.79 9.56 -3.30
C HIS A 84 4.00 9.49 -4.61
N THR A 85 3.16 8.45 -4.72
CA THR A 85 2.35 8.27 -5.93
C THR A 85 1.16 7.37 -5.64
N PRO A 86 -0.03 7.97 -5.55
CA PRO A 86 -1.26 7.23 -5.28
C PRO A 86 -1.69 6.37 -6.46
N LEU A 87 -2.23 5.19 -6.16
CA LEU A 87 -2.69 4.26 -7.20
C LEU A 87 -4.16 4.48 -7.51
N ASP A 88 -4.61 5.72 -7.42
CA ASP A 88 -6.00 6.07 -7.71
C ASP A 88 -6.38 5.65 -9.13
N GLN A 89 -7.66 5.80 -9.46
CA GLN A 89 -8.15 5.43 -10.78
C GLN A 89 -7.13 5.77 -11.86
N ASN A 90 -6.38 6.85 -11.64
CA ASN A 90 -5.36 7.27 -12.60
C ASN A 90 -4.40 6.13 -12.91
N ILE A 91 -3.76 5.61 -11.87
CA ILE A 91 -2.82 4.51 -12.04
C ILE A 91 -3.50 3.16 -11.88
N SER A 92 -3.19 2.23 -12.77
CA SER A 92 -3.78 0.89 -12.73
C SER A 92 -3.00 -0.01 -11.78
N HIS A 93 -3.38 -1.29 -11.74
CA HIS A 93 -2.72 -2.26 -10.88
C HIS A 93 -1.30 -2.53 -11.36
N GLN A 94 -1.13 -2.59 -12.68
CA GLN A 94 0.18 -2.85 -13.27
C GLN A 94 1.19 -1.79 -12.84
N GLN A 95 0.89 -0.54 -13.18
CA GLN A 95 1.77 0.58 -12.82
C GLN A 95 2.24 0.46 -11.38
N ALA A 96 1.32 0.17 -10.47
CA ALA A 96 1.64 0.02 -9.06
C ALA A 96 2.79 -0.97 -8.86
N ILE A 97 2.68 -2.13 -9.50
CA ILE A 97 3.71 -3.16 -9.40
C ILE A 97 5.06 -2.64 -9.83
N ALA A 98 5.08 -1.92 -10.95
CA ALA A 98 6.33 -1.36 -11.49
C ALA A 98 7.05 -0.54 -10.42
N LEU A 99 6.39 0.52 -9.95
CA LEU A 99 6.98 1.38 -8.93
C LEU A 99 7.78 0.56 -7.91
N LEU A 100 7.31 -0.65 -7.64
CA LEU A 100 7.99 -1.52 -6.68
C LEU A 100 9.20 -2.20 -7.33
N GLN A 101 8.95 -2.96 -8.40
CA GLN A 101 10.02 -3.65 -9.10
C GLN A 101 11.06 -2.67 -9.61
N GLN A 102 10.71 -1.39 -9.63
CA GLN A 102 11.63 -0.36 -10.08
C GLN A 102 12.30 0.34 -8.91
N THR A 103 11.51 1.05 -8.11
CA THR A 103 12.03 1.75 -6.95
C THR A 103 13.14 0.96 -6.27
N THR A 104 14.35 1.52 -6.24
CA THR A 104 15.49 0.85 -5.62
C THR A 104 15.93 1.59 -4.36
N GLY A 105 16.79 0.95 -3.58
CA GLY A 105 17.28 1.56 -2.35
C GLY A 105 16.20 1.65 -1.29
N SER A 106 15.35 2.66 -1.39
CA SER A 106 14.27 2.85 -0.42
C SER A 106 12.91 2.75 -1.09
N LEU A 107 12.01 2.00 -0.47
CA LEU A 107 10.66 1.82 -1.02
C LEU A 107 9.61 2.11 0.05
N ARG A 108 8.89 3.21 -0.12
CA ARG A 108 7.84 3.60 0.82
C ARG A 108 6.48 3.13 0.35
N LEU A 109 5.61 2.78 1.29
CA LEU A 109 4.27 2.31 0.96
C LEU A 109 3.25 2.81 1.98
N ILE A 110 2.30 3.61 1.53
CA ILE A 110 1.27 4.16 2.41
C ILE A 110 0.02 3.30 2.37
N VAL A 111 -0.14 2.45 3.37
CA VAL A 111 -1.31 1.58 3.46
C VAL A 111 -2.29 2.06 4.53
N ALA A 112 -3.53 1.63 4.42
CA ALA A 112 -4.56 2.01 5.39
C ALA A 112 -4.98 0.83 6.25
N ARG A 113 -5.54 1.11 7.42
CA ARG A 113 -5.98 0.07 8.34
C ARG A 113 -7.30 0.45 9.00
N GLU A 114 -8.16 -0.54 9.21
CA GLU A 114 -9.45 -0.31 9.84
C GLU A 114 -9.31 -0.20 11.35
N PRO A 115 -10.03 0.77 11.94
CA PRO A 115 -10.00 1.00 13.39
C PRO A 115 -10.70 -0.13 14.17
N VAL A 116 -10.65 -0.03 15.50
CA VAL A 116 -11.26 -1.04 16.35
C VAL A 116 -12.66 -0.60 16.78
N HIS A 117 -13.54 -1.59 16.99
CA HIS A 117 -14.90 -1.30 17.40
C HIS A 117 -15.53 -2.53 18.06
N THR A 118 -15.70 -2.47 19.37
CA THR A 118 -16.28 -3.57 20.13
C THR A 118 -15.86 -4.92 19.54
N LYS A 119 -14.62 -5.00 19.06
CA LYS A 119 -14.10 -6.22 18.48
C LYS A 119 -13.53 -7.13 19.56
N SER A 120 -12.49 -6.66 20.24
CA SER A 120 -11.86 -7.43 21.30
C SER A 120 -11.10 -8.63 20.72
N SER A 121 -10.34 -8.39 19.66
CA SER A 121 -9.57 -9.44 19.01
C SER A 121 -8.45 -9.93 19.91
N THR A 122 -8.56 -11.16 20.38
CA THR A 122 -7.54 -11.75 21.25
C THR A 122 -6.21 -11.88 20.52
N SER A 123 -5.20 -11.17 21.02
CA SER A 123 -3.87 -11.20 20.43
C SER A 123 -2.79 -11.15 21.51
N GLY A 124 -1.84 -12.08 21.43
CA GLY A 124 -0.76 -12.13 22.40
C GLY A 124 0.53 -12.64 21.81
N PRO A 125 1.66 -12.10 22.29
CA PRO A 125 2.99 -12.50 21.82
C PRO A 125 3.37 -13.91 22.24
N SER A 126 3.89 -14.70 21.29
CA SER A 126 4.29 -16.06 21.58
C SER A 126 5.80 -16.24 21.44
N SER A 127 6.43 -16.79 22.47
CA SER A 127 7.87 -17.01 22.46
C SER A 127 8.20 -18.48 22.22
N GLY A 128 9.35 -18.73 21.61
CA GLY A 128 9.77 -20.09 21.33
C GLY A 128 11.16 -20.17 20.75
N GLY A 1 0.05 25.45 -27.53
CA GLY A 1 -0.27 26.17 -26.32
C GLY A 1 -0.29 25.26 -25.10
N SER A 2 -0.31 25.87 -23.91
CA SER A 2 -0.31 25.11 -22.67
C SER A 2 -1.52 25.47 -21.82
N SER A 3 -2.06 24.48 -21.12
CA SER A 3 -3.24 24.69 -20.28
C SER A 3 -2.97 25.78 -19.24
N GLY A 4 -1.83 25.67 -18.55
CA GLY A 4 -1.48 26.66 -17.55
C GLY A 4 -0.52 26.10 -16.51
N SER A 5 -0.50 26.72 -15.34
CA SER A 5 0.39 26.29 -14.26
C SER A 5 0.22 24.81 -13.97
N SER A 6 1.28 24.18 -13.48
CA SER A 6 1.25 22.76 -13.17
C SER A 6 1.47 22.52 -11.68
N GLY A 7 0.50 21.87 -11.03
CA GLY A 7 0.61 21.59 -9.62
C GLY A 7 -0.68 21.11 -9.02
N LEU A 8 -0.59 20.28 -7.97
CA LEU A 8 -1.78 19.74 -7.31
C LEU A 8 -2.82 20.83 -7.11
N GLY A 9 -3.93 20.72 -7.83
CA GLY A 9 -4.99 21.70 -7.71
C GLY A 9 -6.22 21.15 -7.01
N ASN A 10 -7.28 20.91 -7.78
CA ASN A 10 -8.53 20.38 -7.22
C ASN A 10 -8.23 19.27 -6.22
N GLU A 11 -7.49 18.26 -6.66
CA GLU A 11 -7.14 17.13 -5.80
C GLU A 11 -5.66 17.14 -5.46
N ASP A 12 -5.34 16.94 -4.18
CA ASP A 12 -3.96 16.92 -3.73
C ASP A 12 -3.61 15.57 -3.11
N PHE A 13 -2.34 15.19 -3.24
CA PHE A 13 -1.87 13.92 -2.70
C PHE A 13 -2.60 13.58 -1.40
N ASN A 14 -2.44 14.44 -0.41
CA ASN A 14 -3.08 14.24 0.89
C ASN A 14 -4.58 14.01 0.73
N SER A 15 -5.18 14.75 -0.20
CA SER A 15 -6.62 14.65 -0.45
C SER A 15 -6.96 13.30 -1.06
N VAL A 16 -6.33 12.98 -2.19
CA VAL A 16 -6.57 11.71 -2.87
C VAL A 16 -6.37 10.53 -1.93
N ILE A 17 -5.30 10.60 -1.13
CA ILE A 17 -4.99 9.54 -0.19
C ILE A 17 -6.09 9.40 0.86
N GLN A 18 -6.46 10.52 1.47
CA GLN A 18 -7.50 10.53 2.49
C GLN A 18 -8.81 9.97 1.93
N GLN A 19 -9.06 10.23 0.65
CA GLN A 19 -10.28 9.76 0.00
C GLN A 19 -10.24 8.25 -0.20
N MET A 20 -9.06 7.74 -0.57
CA MET A 20 -8.89 6.31 -0.79
C MET A 20 -8.92 5.54 0.52
N ALA A 21 -8.37 6.14 1.57
CA ALA A 21 -8.34 5.52 2.88
C ALA A 21 -9.74 5.36 3.45
N GLN A 22 -10.58 6.35 3.21
CA GLN A 22 -11.96 6.32 3.70
C GLN A 22 -12.00 6.29 5.23
N GLY A 23 -11.21 7.16 5.85
CA GLY A 23 -11.16 7.21 7.30
C GLY A 23 -10.16 6.23 7.89
N ARG A 24 -9.97 5.11 7.20
CA ARG A 24 -9.04 4.08 7.67
C ARG A 24 -7.72 4.70 8.11
N GLN A 25 -7.12 4.14 9.15
CA GLN A 25 -5.86 4.65 9.67
C GLN A 25 -4.72 4.40 8.68
N ILE A 26 -4.14 5.48 8.18
CA ILE A 26 -3.04 5.38 7.23
C ILE A 26 -1.70 5.19 7.94
N GLU A 27 -0.81 4.42 7.34
CA GLU A 27 0.50 4.16 7.92
C GLU A 27 1.58 4.18 6.84
N TYR A 28 2.64 4.94 7.09
CA TYR A 28 3.75 5.05 6.15
C TYR A 28 4.75 3.92 6.35
N ILE A 29 4.70 2.92 5.47
CA ILE A 29 5.60 1.78 5.55
C ILE A 29 6.82 1.99 4.67
N ASP A 30 7.98 2.16 5.29
CA ASP A 30 9.23 2.36 4.57
C ASP A 30 10.02 1.06 4.48
N ILE A 31 10.27 0.60 3.25
CA ILE A 31 11.02 -0.62 3.04
C ILE A 31 12.33 -0.34 2.32
N GLU A 32 13.42 -0.90 2.82
CA GLU A 32 14.74 -0.71 2.23
C GLU A 32 15.05 -1.83 1.23
N ARG A 33 14.80 -1.55 -0.04
CA ARG A 33 15.04 -2.53 -1.10
C ARG A 33 16.39 -3.20 -0.91
N PRO A 34 16.39 -4.55 -0.85
CA PRO A 34 17.61 -5.35 -0.67
C PRO A 34 18.51 -5.30 -1.90
N SER A 35 19.60 -6.06 -1.85
CA SER A 35 20.54 -6.12 -2.95
C SER A 35 20.29 -7.34 -3.83
N THR A 36 20.36 -8.52 -3.21
CA THR A 36 20.14 -9.78 -3.93
C THR A 36 18.71 -10.24 -3.80
N GLY A 37 18.03 -9.78 -2.75
CA GLY A 37 16.65 -10.17 -2.52
C GLY A 37 15.67 -9.17 -3.10
N GLY A 38 14.51 -9.05 -2.47
CA GLY A 38 13.50 -8.12 -2.95
C GLY A 38 12.58 -7.65 -1.85
N LEU A 39 11.40 -7.15 -2.23
CA LEU A 39 10.42 -6.68 -1.27
C LEU A 39 10.02 -7.78 -0.30
N GLY A 40 10.22 -9.03 -0.71
CA GLY A 40 9.88 -10.15 0.14
C GLY A 40 8.40 -10.21 0.45
N PHE A 41 7.61 -9.43 -0.27
CA PHE A 41 6.16 -9.40 -0.07
C PHE A 41 5.43 -9.28 -1.40
N SER A 42 4.42 -10.12 -1.58
CA SER A 42 3.63 -10.11 -2.82
C SER A 42 2.44 -9.19 -2.69
N VAL A 43 1.73 -8.98 -3.80
CA VAL A 43 0.56 -8.11 -3.81
C VAL A 43 -0.54 -8.69 -4.69
N VAL A 44 -1.78 -8.28 -4.42
CA VAL A 44 -2.93 -8.76 -5.19
C VAL A 44 -3.69 -7.60 -5.82
N ALA A 45 -4.14 -7.79 -7.06
CA ALA A 45 -4.88 -6.75 -7.76
C ALA A 45 -6.38 -7.04 -7.72
N LEU A 46 -7.14 -6.10 -7.18
CA LEU A 46 -8.59 -6.25 -7.08
C LEU A 46 -9.30 -4.94 -7.40
N ARG A 47 -10.02 -4.92 -8.52
CA ARG A 47 -10.75 -3.72 -8.93
C ARG A 47 -11.74 -3.28 -7.85
N SER A 48 -11.81 -1.98 -7.62
CA SER A 48 -12.71 -1.43 -6.61
C SER A 48 -14.11 -1.23 -7.19
N GLN A 49 -15.09 -1.05 -6.29
CA GLN A 49 -16.47 -0.86 -6.71
C GLN A 49 -16.73 0.60 -7.07
N ASN A 50 -15.94 1.50 -6.49
CA ASN A 50 -16.08 2.93 -6.75
C ASN A 50 -16.10 3.20 -8.26
N LEU A 51 -14.99 2.95 -8.91
CA LEU A 51 -14.88 3.18 -10.35
C LEU A 51 -13.56 2.64 -10.90
N GLY A 52 -13.30 2.88 -12.18
CA GLY A 52 -12.08 2.42 -12.79
C GLY A 52 -10.87 2.60 -11.89
N LYS A 53 -10.56 1.58 -11.09
CA LYS A 53 -9.43 1.63 -10.18
C LYS A 53 -9.19 0.28 -9.53
N VAL A 54 -7.93 -0.01 -9.23
CA VAL A 54 -7.56 -1.27 -8.60
C VAL A 54 -6.90 -1.04 -7.25
N ASP A 55 -7.27 -1.87 -6.27
CA ASP A 55 -6.72 -1.76 -4.93
C ASP A 55 -5.64 -2.81 -4.69
N ILE A 56 -4.40 -2.37 -4.55
CA ILE A 56 -3.28 -3.27 -4.33
C ILE A 56 -3.12 -3.58 -2.84
N PHE A 57 -3.27 -4.84 -2.49
CA PHE A 57 -3.14 -5.27 -1.09
C PHE A 57 -1.89 -6.12 -0.90
N VAL A 58 -1.23 -5.95 0.24
CA VAL A 58 -0.02 -6.69 0.54
C VAL A 58 -0.34 -8.11 1.01
N LYS A 59 -0.02 -9.09 0.17
CA LYS A 59 -0.28 -10.49 0.48
C LYS A 59 1.02 -11.27 0.60
N ASP A 60 0.98 -12.40 1.31
CA ASP A 60 2.16 -13.24 1.49
C ASP A 60 3.31 -12.44 2.08
N VAL A 61 3.05 -11.77 3.19
CA VAL A 61 4.06 -10.96 3.86
C VAL A 61 5.08 -11.85 4.58
N GLN A 62 6.29 -11.93 4.03
CA GLN A 62 7.35 -12.74 4.61
C GLN A 62 7.63 -12.29 6.05
N PRO A 63 7.37 -13.20 7.01
CA PRO A 63 7.59 -12.93 8.43
C PRO A 63 9.07 -12.85 8.78
N GLY A 64 9.93 -13.05 7.78
CA GLY A 64 11.36 -13.01 8.01
C GLY A 64 12.10 -12.40 6.83
N SER A 65 11.90 -11.11 6.60
CA SER A 65 12.56 -10.42 5.50
C SER A 65 12.38 -8.91 5.61
N VAL A 66 13.08 -8.17 4.77
CA VAL A 66 13.00 -6.71 4.77
C VAL A 66 11.55 -6.25 4.83
N ALA A 67 10.64 -7.10 4.38
CA ALA A 67 9.22 -6.78 4.39
C ALA A 67 8.74 -6.43 5.79
N ASP A 68 9.26 -7.14 6.78
CA ASP A 68 8.88 -6.90 8.17
C ASP A 68 10.10 -6.56 9.02
N ARG A 69 11.05 -7.50 9.06
CA ARG A 69 12.27 -7.31 9.85
C ARG A 69 12.75 -5.87 9.76
N ASP A 70 12.56 -5.26 8.59
CA ASP A 70 12.98 -3.88 8.37
C ASP A 70 11.99 -2.91 9.01
N GLN A 71 10.79 -2.84 8.46
CA GLN A 71 9.76 -1.95 8.97
C GLN A 71 8.48 -2.72 9.29
N ARG A 72 7.59 -2.10 10.07
CA ARG A 72 6.34 -2.72 10.44
C ARG A 72 5.41 -2.87 9.23
N LEU A 73 4.95 -4.08 8.98
CA LEU A 73 4.06 -4.35 7.85
C LEU A 73 3.23 -5.60 8.10
N LYS A 74 1.91 -5.45 8.03
CA LYS A 74 0.99 -6.58 8.23
C LYS A 74 0.36 -7.01 6.92
N GLU A 75 -0.30 -8.16 6.94
CA GLU A 75 -0.95 -8.70 5.75
C GLU A 75 -2.24 -7.93 5.45
N ASN A 76 -2.65 -7.94 4.19
CA ASN A 76 -3.86 -7.25 3.77
C ASN A 76 -3.71 -5.74 3.94
N ASP A 77 -2.61 -5.20 3.43
CA ASP A 77 -2.33 -3.77 3.52
C ASP A 77 -2.53 -3.10 2.16
N GLN A 78 -3.70 -2.47 1.99
CA GLN A 78 -4.01 -1.79 0.73
C GLN A 78 -3.08 -0.60 0.52
N ILE A 79 -2.10 -0.76 -0.37
CA ILE A 79 -1.16 0.30 -0.67
C ILE A 79 -1.83 1.44 -1.42
N LEU A 80 -2.05 2.55 -0.71
CA LEU A 80 -2.69 3.72 -1.31
C LEU A 80 -1.73 4.44 -2.26
N ALA A 81 -0.50 4.67 -1.80
CA ALA A 81 0.50 5.34 -2.60
C ALA A 81 1.85 4.63 -2.50
N ILE A 82 2.66 4.76 -3.55
CA ILE A 82 3.98 4.12 -3.57
C ILE A 82 5.05 5.11 -4.02
N ASN A 83 5.98 5.41 -3.11
CA ASN A 83 7.07 6.33 -3.41
C ASN A 83 6.52 7.71 -3.77
N HIS A 84 5.53 8.16 -3.00
CA HIS A 84 4.92 9.47 -3.23
C HIS A 84 4.09 9.46 -4.52
N THR A 85 3.28 8.42 -4.69
CA THR A 85 2.43 8.29 -5.87
C THR A 85 1.21 7.43 -5.57
N PRO A 86 0.04 8.08 -5.48
CA PRO A 86 -1.22 7.39 -5.20
C PRO A 86 -1.69 6.53 -6.37
N LEU A 87 -2.29 5.39 -6.06
CA LEU A 87 -2.78 4.49 -7.10
C LEU A 87 -4.25 4.76 -7.42
N ASP A 88 -4.58 6.03 -7.63
CA ASP A 88 -5.94 6.42 -7.95
C ASP A 88 -6.32 6.00 -9.36
N GLN A 89 -7.58 6.19 -9.72
CA GLN A 89 -8.07 5.83 -11.04
C GLN A 89 -7.02 6.09 -12.10
N ASN A 90 -6.18 7.10 -11.86
CA ASN A 90 -5.12 7.45 -12.79
C ASN A 90 -4.20 6.27 -13.05
N ILE A 91 -3.76 5.63 -11.98
CA ILE A 91 -2.87 4.47 -12.09
C ILE A 91 -3.61 3.17 -11.81
N SER A 92 -3.33 2.16 -12.61
CA SER A 92 -3.98 0.85 -12.44
C SER A 92 -3.15 -0.07 -11.56
N HIS A 93 -3.58 -1.31 -11.43
CA HIS A 93 -2.87 -2.29 -10.61
C HIS A 93 -1.48 -2.55 -11.17
N GLN A 94 -1.40 -2.70 -12.48
CA GLN A 94 -0.12 -2.97 -13.14
C GLN A 94 0.92 -1.94 -12.74
N GLN A 95 0.72 -0.70 -13.18
CA GLN A 95 1.64 0.39 -12.87
C GLN A 95 2.15 0.28 -11.43
N ALA A 96 1.22 0.14 -10.49
CA ALA A 96 1.58 0.02 -9.09
C ALA A 96 2.71 -0.98 -8.88
N ILE A 97 2.54 -2.17 -9.44
CA ILE A 97 3.55 -3.22 -9.32
C ILE A 97 4.89 -2.74 -9.87
N ALA A 98 4.86 -2.00 -10.96
CA ALA A 98 6.07 -1.48 -11.57
C ALA A 98 6.89 -0.67 -10.57
N LEU A 99 6.34 0.45 -10.13
CA LEU A 99 7.01 1.32 -9.18
C LEU A 99 7.83 0.49 -8.19
N LEU A 100 7.31 -0.66 -7.81
CA LEU A 100 7.99 -1.54 -6.86
C LEU A 100 9.22 -2.18 -7.52
N GLN A 101 9.01 -2.75 -8.71
CA GLN A 101 10.10 -3.40 -9.44
C GLN A 101 11.05 -2.37 -10.03
N GLN A 102 10.61 -1.11 -10.05
CA GLN A 102 11.42 -0.04 -10.60
C GLN A 102 11.80 0.97 -9.52
N THR A 103 12.11 0.46 -8.33
CA THR A 103 12.49 1.31 -7.21
C THR A 103 13.54 0.63 -6.33
N THR A 104 14.68 1.30 -6.16
CA THR A 104 15.76 0.77 -5.35
C THR A 104 16.05 1.68 -4.16
N GLY A 105 17.07 1.30 -3.37
CA GLY A 105 17.42 2.09 -2.21
C GLY A 105 16.32 2.13 -1.17
N SER A 106 15.33 2.99 -1.37
CA SER A 106 14.23 3.13 -0.44
C SER A 106 12.90 2.91 -1.16
N LEU A 107 11.95 2.28 -0.46
CA LEU A 107 10.63 2.01 -1.03
C LEU A 107 9.54 2.45 -0.06
N ARG A 108 8.92 3.59 -0.36
CA ARG A 108 7.85 4.13 0.47
C ARG A 108 6.51 3.53 0.08
N LEU A 109 5.77 3.03 1.08
CA LEU A 109 4.47 2.42 0.83
C LEU A 109 3.46 2.88 1.89
N ILE A 110 2.46 3.64 1.44
CA ILE A 110 1.43 4.14 2.35
C ILE A 110 0.18 3.26 2.28
N VAL A 111 0.03 2.39 3.27
CA VAL A 111 -1.12 1.49 3.34
C VAL A 111 -2.11 1.95 4.40
N ALA A 112 -3.37 1.52 4.25
CA ALA A 112 -4.41 1.89 5.20
C ALA A 112 -4.73 0.72 6.14
N ARG A 113 -5.40 1.02 7.24
CA ARG A 113 -5.78 0.01 8.21
C ARG A 113 -7.14 0.31 8.83
N GLU A 114 -7.99 -0.71 8.91
CA GLU A 114 -9.32 -0.55 9.49
C GLU A 114 -9.26 -0.48 11.01
N PRO A 115 -10.03 0.46 11.59
CA PRO A 115 -10.08 0.66 13.03
C PRO A 115 -10.76 -0.49 13.76
N VAL A 116 -10.81 -0.41 15.09
CA VAL A 116 -11.44 -1.46 15.89
C VAL A 116 -12.85 -1.06 16.28
N HIS A 117 -13.71 -2.06 16.49
CA HIS A 117 -15.10 -1.81 16.87
C HIS A 117 -15.49 -2.66 18.07
N THR A 118 -16.67 -2.41 18.61
CA THR A 118 -17.16 -3.15 19.77
C THR A 118 -17.50 -4.58 19.40
N LYS A 119 -16.95 -5.54 20.14
CA LYS A 119 -17.20 -6.95 19.90
C LYS A 119 -16.93 -7.78 21.15
N SER A 120 -17.63 -8.91 21.27
CA SER A 120 -17.47 -9.79 22.42
C SER A 120 -16.84 -11.11 22.01
N SER A 121 -16.51 -11.94 22.98
CA SER A 121 -15.89 -13.24 22.73
C SER A 121 -15.83 -14.08 24.00
N THR A 122 -15.60 -15.38 23.84
CA THR A 122 -15.52 -16.28 24.97
C THR A 122 -14.15 -16.94 25.05
N SER A 123 -13.83 -17.49 26.22
CA SER A 123 -12.54 -18.14 26.43
C SER A 123 -12.58 -19.01 27.69
N GLY A 124 -11.51 -19.78 27.89
CA GLY A 124 -11.43 -20.65 29.05
C GLY A 124 -10.15 -21.44 29.11
N PRO A 125 -9.04 -20.75 29.43
CA PRO A 125 -7.71 -21.38 29.52
C PRO A 125 -7.60 -22.32 30.71
N SER A 126 -6.46 -23.00 30.82
CA SER A 126 -6.23 -23.93 31.91
C SER A 126 -4.78 -23.86 32.38
N SER A 127 -4.59 -23.80 33.70
CA SER A 127 -3.27 -23.72 34.29
C SER A 127 -2.35 -24.79 33.70
N GLY A 128 -1.16 -24.38 33.29
CA GLY A 128 -0.20 -25.32 32.72
C GLY A 128 -0.46 -25.56 31.25
N GLY A 1 -5.49 6.41 -20.73
CA GLY A 1 -6.03 7.74 -20.52
C GLY A 1 -5.00 8.83 -20.72
N SER A 2 -5.19 9.96 -20.05
CA SER A 2 -4.28 11.08 -20.16
C SER A 2 -3.29 11.08 -18.99
N SER A 3 -2.27 11.92 -19.09
CA SER A 3 -1.25 12.03 -18.05
C SER A 3 -0.90 13.49 -17.78
N GLY A 4 -0.79 13.83 -16.49
CA GLY A 4 -0.45 15.20 -16.12
C GLY A 4 1.04 15.45 -16.11
N SER A 5 1.42 16.71 -16.04
CA SER A 5 2.83 17.10 -16.03
C SER A 5 3.16 17.97 -14.82
N SER A 6 2.37 19.02 -14.63
CA SER A 6 2.57 19.94 -13.52
C SER A 6 1.26 20.19 -12.78
N GLY A 7 1.34 20.26 -11.45
CA GLY A 7 0.16 20.50 -10.64
C GLY A 7 -0.51 19.21 -10.22
N LEU A 8 -1.69 19.33 -9.61
CA LEU A 8 -2.44 18.17 -9.15
C LEU A 8 -3.86 18.18 -9.72
N GLY A 9 -4.55 19.31 -9.55
CA GLY A 9 -5.91 19.42 -10.06
C GLY A 9 -6.89 19.81 -8.98
N ASN A 10 -7.97 19.05 -8.86
CA ASN A 10 -9.00 19.33 -7.87
C ASN A 10 -8.61 18.73 -6.52
N GLU A 11 -8.08 17.51 -6.54
CA GLU A 11 -7.68 16.83 -5.32
C GLU A 11 -6.16 16.72 -5.23
N ASP A 12 -5.59 17.08 -4.09
CA ASP A 12 -4.16 17.02 -3.88
C ASP A 12 -3.75 15.68 -3.28
N PHE A 13 -2.46 15.36 -3.39
CA PHE A 13 -1.94 14.09 -2.87
C PHE A 13 -2.61 13.74 -1.54
N ASN A 14 -2.53 14.66 -0.59
CA ASN A 14 -3.14 14.45 0.73
C ASN A 14 -4.63 14.18 0.61
N SER A 15 -5.25 14.79 -0.39
CA SER A 15 -6.69 14.63 -0.62
C SER A 15 -6.99 13.24 -1.19
N VAL A 16 -6.34 12.93 -2.31
CA VAL A 16 -6.54 11.63 -2.97
C VAL A 16 -6.36 10.48 -1.98
N ILE A 17 -5.34 10.60 -1.13
CA ILE A 17 -5.05 9.57 -0.14
C ILE A 17 -6.18 9.45 0.87
N GLN A 18 -6.56 10.59 1.45
CA GLN A 18 -7.63 10.62 2.44
C GLN A 18 -8.93 10.08 1.85
N GLN A 19 -9.11 10.27 0.55
CA GLN A 19 -10.31 9.80 -0.13
C GLN A 19 -10.27 8.29 -0.33
N MET A 20 -9.08 7.77 -0.63
CA MET A 20 -8.90 6.34 -0.85
C MET A 20 -8.93 5.57 0.47
N ALA A 21 -8.47 6.24 1.53
CA ALA A 21 -8.43 5.62 2.85
C ALA A 21 -9.83 5.55 3.46
N GLN A 22 -10.66 6.53 3.15
CA GLN A 22 -12.03 6.57 3.66
C GLN A 22 -12.04 6.56 5.18
N GLY A 23 -11.28 7.46 5.78
CA GLY A 23 -11.20 7.54 7.23
C GLY A 23 -10.22 6.55 7.83
N ARG A 24 -10.10 5.39 7.18
CA ARG A 24 -9.18 4.35 7.65
C ARG A 24 -7.84 4.96 8.07
N GLN A 25 -7.32 4.49 9.20
CA GLN A 25 -6.05 4.98 9.72
C GLN A 25 -4.91 4.64 8.77
N ILE A 26 -4.29 5.68 8.20
CA ILE A 26 -3.18 5.48 7.28
C ILE A 26 -1.86 5.29 8.03
N GLU A 27 -1.02 4.40 7.50
CA GLU A 27 0.28 4.13 8.12
C GLU A 27 1.38 4.05 7.07
N TYR A 28 2.33 4.99 7.15
CA TYR A 28 3.43 5.03 6.20
C TYR A 28 4.42 3.90 6.47
N ILE A 29 4.39 2.88 5.63
CA ILE A 29 5.29 1.74 5.78
C ILE A 29 6.60 1.98 5.04
N ASP A 30 7.70 2.03 5.79
CA ASP A 30 9.01 2.24 5.21
C ASP A 30 9.71 0.92 4.92
N ILE A 31 10.08 0.71 3.66
CA ILE A 31 10.76 -0.51 3.25
C ILE A 31 12.10 -0.21 2.60
N GLU A 32 13.15 -0.87 3.08
CA GLU A 32 14.48 -0.67 2.54
C GLU A 32 14.80 -1.72 1.48
N ARG A 33 14.67 -1.34 0.22
CA ARG A 33 14.94 -2.25 -0.90
C ARG A 33 16.25 -3.00 -0.67
N PRO A 34 16.15 -4.29 -0.35
CA PRO A 34 17.32 -5.14 -0.11
C PRO A 34 18.10 -5.43 -1.38
N SER A 35 19.06 -6.35 -1.28
CA SER A 35 19.88 -6.71 -2.43
C SER A 35 19.02 -7.29 -3.56
N THR A 36 19.67 -7.73 -4.62
CA THR A 36 18.97 -8.30 -5.77
C THR A 36 17.80 -9.17 -5.33
N GLY A 37 17.92 -9.73 -4.12
CA GLY A 37 16.87 -10.58 -3.60
C GLY A 37 15.48 -10.10 -4.00
N GLY A 38 14.89 -9.25 -3.17
CA GLY A 38 13.56 -8.73 -3.46
C GLY A 38 12.87 -8.19 -2.23
N LEU A 39 11.74 -7.52 -2.44
CA LEU A 39 10.98 -6.94 -1.34
C LEU A 39 10.59 -8.02 -0.32
N GLY A 40 10.42 -9.25 -0.80
CA GLY A 40 10.07 -10.34 0.07
C GLY A 40 8.58 -10.40 0.34
N PHE A 41 7.82 -9.56 -0.36
CA PHE A 41 6.37 -9.52 -0.19
C PHE A 41 5.67 -9.39 -1.54
N SER A 42 4.59 -10.14 -1.72
CA SER A 42 3.84 -10.10 -2.96
C SER A 42 2.62 -9.19 -2.83
N VAL A 43 1.92 -8.98 -3.95
CA VAL A 43 0.74 -8.13 -3.96
C VAL A 43 -0.34 -8.71 -4.86
N VAL A 44 -1.60 -8.36 -4.58
CA VAL A 44 -2.72 -8.84 -5.37
C VAL A 44 -3.50 -7.69 -5.98
N ALA A 45 -3.93 -7.87 -7.22
CA ALA A 45 -4.69 -6.84 -7.92
C ALA A 45 -6.18 -7.16 -7.93
N LEU A 46 -6.97 -6.33 -7.25
CA LEU A 46 -8.41 -6.52 -7.17
C LEU A 46 -9.16 -5.23 -7.51
N ARG A 47 -9.98 -5.28 -8.55
CA ARG A 47 -10.75 -4.12 -8.98
C ARG A 47 -11.59 -3.58 -7.83
N SER A 48 -11.36 -2.32 -7.47
CA SER A 48 -12.10 -1.68 -6.39
C SER A 48 -13.49 -1.24 -6.86
N GLN A 49 -14.46 -1.31 -5.96
CA GLN A 49 -15.83 -0.93 -6.28
C GLN A 49 -16.03 0.58 -6.08
N ASN A 50 -14.99 1.35 -6.39
CA ASN A 50 -15.05 2.80 -6.24
C ASN A 50 -15.30 3.48 -7.59
N LEU A 51 -14.27 3.49 -8.44
CA LEU A 51 -14.38 4.11 -9.75
C LEU A 51 -13.12 3.84 -10.58
N GLY A 52 -13.24 2.94 -11.55
CA GLY A 52 -12.11 2.61 -12.39
C GLY A 52 -10.79 2.68 -11.65
N LYS A 53 -10.50 1.65 -10.86
CA LYS A 53 -9.27 1.59 -10.09
C LYS A 53 -9.09 0.23 -9.44
N VAL A 54 -7.85 -0.12 -9.12
CA VAL A 54 -7.54 -1.40 -8.50
C VAL A 54 -6.85 -1.20 -7.16
N ASP A 55 -7.26 -1.99 -6.17
CA ASP A 55 -6.68 -1.90 -4.83
C ASP A 55 -5.58 -2.93 -4.65
N ILE A 56 -4.36 -2.45 -4.41
CA ILE A 56 -3.21 -3.33 -4.22
C ILE A 56 -3.06 -3.72 -2.76
N PHE A 57 -3.18 -5.02 -2.50
CA PHE A 57 -3.06 -5.53 -1.13
C PHE A 57 -1.77 -6.35 -0.97
N VAL A 58 -1.14 -6.21 0.18
CA VAL A 58 0.10 -6.93 0.47
C VAL A 58 -0.19 -8.36 0.89
N LYS A 59 0.09 -9.30 0.00
CA LYS A 59 -0.13 -10.72 0.28
C LYS A 59 1.19 -11.47 0.40
N ASP A 60 1.14 -12.67 0.96
CA ASP A 60 2.33 -13.49 1.13
C ASP A 60 3.45 -12.69 1.81
N VAL A 61 3.11 -12.02 2.90
CA VAL A 61 4.07 -11.22 3.64
C VAL A 61 5.05 -12.11 4.39
N GLN A 62 6.21 -12.34 3.78
CA GLN A 62 7.25 -13.17 4.38
C GLN A 62 7.52 -12.73 5.82
N PRO A 63 7.36 -13.67 6.77
CA PRO A 63 7.59 -13.42 8.19
C PRO A 63 9.06 -13.20 8.51
N GLY A 64 9.91 -13.40 7.51
CA GLY A 64 11.34 -13.22 7.71
C GLY A 64 12.01 -12.53 6.54
N SER A 65 11.50 -11.36 6.18
CA SER A 65 12.05 -10.59 5.07
C SER A 65 11.83 -9.10 5.27
N VAL A 66 12.62 -8.29 4.56
CA VAL A 66 12.51 -6.84 4.66
C VAL A 66 11.05 -6.41 4.81
N ALA A 67 10.16 -7.10 4.11
CA ALA A 67 8.74 -6.80 4.18
C ALA A 67 8.33 -6.37 5.59
N ASP A 68 8.54 -7.25 6.55
CA ASP A 68 8.19 -6.97 7.94
C ASP A 68 9.44 -6.77 8.78
N ARG A 69 10.30 -7.79 8.79
CA ARG A 69 11.54 -7.73 9.57
C ARG A 69 12.12 -6.32 9.55
N ASP A 70 11.88 -5.59 8.47
CA ASP A 70 12.39 -4.23 8.34
C ASP A 70 11.50 -3.25 9.10
N GLN A 71 10.28 -3.05 8.61
CA GLN A 71 9.34 -2.14 9.24
C GLN A 71 7.97 -2.79 9.40
N ARG A 72 7.10 -2.16 10.19
CA ARG A 72 5.76 -2.68 10.42
C ARG A 72 5.00 -2.83 9.10
N LEU A 73 4.51 -4.04 8.85
CA LEU A 73 3.76 -4.31 7.62
C LEU A 73 2.91 -5.58 7.77
N LYS A 74 1.60 -5.42 7.67
CA LYS A 74 0.68 -6.55 7.80
C LYS A 74 0.13 -6.95 6.43
N GLU A 75 -0.46 -8.14 6.36
CA GLU A 75 -1.02 -8.64 5.12
C GLU A 75 -2.33 -7.92 4.79
N ASN A 76 -2.78 -8.06 3.54
CA ASN A 76 -4.01 -7.42 3.10
C ASN A 76 -3.94 -5.90 3.27
N ASP A 77 -2.72 -5.37 3.26
CA ASP A 77 -2.52 -3.94 3.42
C ASP A 77 -2.73 -3.21 2.09
N GLN A 78 -3.87 -2.57 1.95
CA GLN A 78 -4.20 -1.83 0.74
C GLN A 78 -3.27 -0.64 0.55
N ILE A 79 -2.27 -0.81 -0.30
CA ILE A 79 -1.31 0.26 -0.55
C ILE A 79 -1.96 1.41 -1.33
N LEU A 80 -2.13 2.54 -0.66
CA LEU A 80 -2.74 3.71 -1.29
C LEU A 80 -1.76 4.38 -2.25
N ALA A 81 -0.56 4.65 -1.76
CA ALA A 81 0.47 5.28 -2.58
C ALA A 81 1.79 4.53 -2.48
N ILE A 82 2.58 4.59 -3.55
CA ILE A 82 3.88 3.91 -3.58
C ILE A 82 4.97 4.85 -4.08
N ASN A 83 5.97 5.11 -3.25
CA ASN A 83 7.07 5.98 -3.61
C ASN A 83 6.56 7.37 -3.98
N HIS A 84 5.75 7.95 -3.12
CA HIS A 84 5.19 9.29 -3.36
C HIS A 84 4.35 9.30 -4.63
N THR A 85 3.39 8.39 -4.71
CA THR A 85 2.52 8.30 -5.87
C THR A 85 1.31 7.42 -5.58
N PRO A 86 0.13 8.05 -5.48
CA PRO A 86 -1.12 7.34 -5.22
C PRO A 86 -1.58 6.48 -6.39
N LEU A 87 -2.13 5.32 -6.10
CA LEU A 87 -2.61 4.40 -7.12
C LEU A 87 -4.06 4.68 -7.46
N ASP A 88 -4.46 5.94 -7.40
CA ASP A 88 -5.83 6.34 -7.71
C ASP A 88 -6.24 5.87 -9.10
N GLN A 89 -7.48 6.13 -9.47
CA GLN A 89 -8.00 5.73 -10.77
C GLN A 89 -6.97 6.01 -11.86
N ASN A 90 -6.17 7.06 -11.68
CA ASN A 90 -5.16 7.43 -12.64
C ASN A 90 -4.21 6.26 -12.91
N ILE A 91 -3.83 5.56 -11.86
CA ILE A 91 -2.94 4.42 -11.98
C ILE A 91 -3.66 3.11 -11.73
N SER A 92 -3.36 2.09 -12.53
CA SER A 92 -3.99 0.79 -12.40
C SER A 92 -3.12 -0.16 -11.57
N HIS A 93 -3.55 -1.41 -11.48
CA HIS A 93 -2.81 -2.41 -10.72
C HIS A 93 -1.42 -2.61 -11.29
N GLN A 94 -1.34 -2.80 -12.61
CA GLN A 94 -0.07 -3.01 -13.28
C GLN A 94 0.94 -1.94 -12.87
N GLN A 95 0.69 -0.70 -13.28
CA GLN A 95 1.59 0.41 -12.95
C GLN A 95 2.08 0.30 -11.51
N ALA A 96 1.14 0.08 -10.59
CA ALA A 96 1.49 -0.04 -9.17
C ALA A 96 2.63 -1.02 -8.97
N ILE A 97 2.52 -2.19 -9.59
CA ILE A 97 3.55 -3.22 -9.46
C ILE A 97 4.88 -2.74 -10.07
N ALA A 98 4.79 -2.05 -11.20
CA ALA A 98 5.98 -1.54 -11.87
C ALA A 98 6.84 -0.72 -10.91
N LEU A 99 6.23 0.30 -10.30
CA LEU A 99 6.94 1.16 -9.36
C LEU A 99 7.81 0.33 -8.41
N LEU A 100 7.21 -0.66 -7.77
CA LEU A 100 7.93 -1.53 -6.85
C LEU A 100 9.17 -2.12 -7.51
N GLN A 101 8.97 -2.82 -8.62
CA GLN A 101 10.07 -3.44 -9.35
C GLN A 101 10.99 -2.38 -9.95
N GLN A 102 10.50 -1.15 -10.00
CA GLN A 102 11.27 -0.03 -10.55
C GLN A 102 11.61 0.99 -9.47
N THR A 103 11.99 0.50 -8.30
CA THR A 103 12.34 1.37 -7.18
C THR A 103 13.47 0.78 -6.36
N THR A 104 14.65 1.36 -6.49
CA THR A 104 15.81 0.90 -5.74
C THR A 104 16.29 1.94 -4.73
N GLY A 105 16.69 1.46 -3.56
CA GLY A 105 17.15 2.37 -2.52
C GLY A 105 16.17 2.48 -1.37
N SER A 106 15.04 3.16 -1.62
CA SER A 106 14.03 3.34 -0.60
C SER A 106 12.63 3.10 -1.17
N LEU A 107 11.83 2.33 -0.46
CA LEU A 107 10.47 2.02 -0.90
C LEU A 107 9.45 2.43 0.16
N ARG A 108 8.79 3.57 -0.07
CA ARG A 108 7.80 4.08 0.87
C ARG A 108 6.39 3.72 0.40
N LEU A 109 5.73 2.84 1.15
CA LEU A 109 4.38 2.41 0.82
C LEU A 109 3.38 2.88 1.88
N ILE A 110 2.40 3.65 1.45
CA ILE A 110 1.38 4.16 2.36
C ILE A 110 0.13 3.28 2.34
N VAL A 111 -0.02 2.45 3.35
CA VAL A 111 -1.18 1.56 3.45
C VAL A 111 -2.17 2.05 4.49
N ALA A 112 -3.42 1.65 4.34
CA ALA A 112 -4.48 2.05 5.27
C ALA A 112 -4.71 0.98 6.32
N ARG A 113 -5.40 1.35 7.39
CA ARG A 113 -5.70 0.41 8.48
C ARG A 113 -7.13 0.59 8.98
N GLU A 114 -7.72 -0.49 9.49
CA GLU A 114 -9.07 -0.46 10.00
C GLU A 114 -9.09 -0.12 11.49
N PRO A 115 -10.02 0.76 11.89
CA PRO A 115 -10.16 1.18 13.28
C PRO A 115 -10.69 0.06 14.18
N VAL A 116 -10.82 0.35 15.46
CA VAL A 116 -11.33 -0.62 16.42
C VAL A 116 -12.82 -0.44 16.64
N HIS A 117 -13.54 -1.56 16.73
CA HIS A 117 -14.98 -1.52 16.95
C HIS A 117 -15.37 -2.38 18.15
N THR A 118 -14.93 -3.63 18.14
CA THR A 118 -15.23 -4.55 19.24
C THR A 118 -14.00 -5.35 19.65
N LYS A 119 -13.65 -5.28 20.93
CA LYS A 119 -12.49 -5.99 21.45
C LYS A 119 -12.79 -7.47 21.62
N SER A 120 -11.76 -8.30 21.55
CA SER A 120 -11.92 -9.74 21.69
C SER A 120 -10.82 -10.32 22.58
N SER A 121 -11.10 -11.47 23.17
CA SER A 121 -10.14 -12.14 24.04
C SER A 121 -9.97 -13.60 23.66
N THR A 122 -9.04 -13.86 22.74
CA THR A 122 -8.77 -15.22 22.29
C THR A 122 -7.28 -15.53 22.30
N SER A 123 -6.92 -16.69 22.83
CA SER A 123 -5.52 -17.10 22.91
C SER A 123 -5.41 -18.61 23.07
N GLY A 124 -4.17 -19.10 23.09
CA GLY A 124 -3.95 -20.53 23.23
C GLY A 124 -2.98 -20.85 24.36
N PRO A 125 -2.88 -22.14 24.71
CA PRO A 125 -1.99 -22.60 25.78
C PRO A 125 -0.52 -22.48 25.41
N SER A 126 0.35 -22.80 26.36
CA SER A 126 1.79 -22.73 26.13
C SER A 126 2.53 -23.79 26.95
N SER A 127 3.85 -23.85 26.77
CA SER A 127 4.66 -24.82 27.49
C SER A 127 6.01 -24.21 27.87
N GLY A 128 6.77 -24.94 28.69
CA GLY A 128 8.07 -24.45 29.12
C GLY A 128 8.79 -23.68 28.03
N GLY A 1 6.61 12.25 -10.32
CA GLY A 1 8.04 12.04 -10.14
C GLY A 1 8.86 12.77 -11.19
N SER A 2 9.53 12.00 -12.04
CA SER A 2 10.36 12.56 -13.10
C SER A 2 9.51 13.21 -14.18
N SER A 3 9.11 14.45 -13.95
CA SER A 3 8.29 15.18 -14.91
C SER A 3 7.06 14.35 -15.30
N GLY A 4 6.46 13.69 -14.32
CA GLY A 4 5.28 12.88 -14.59
C GLY A 4 4.03 13.46 -13.97
N SER A 5 4.14 13.94 -12.74
CA SER A 5 3.00 14.52 -12.04
C SER A 5 3.25 15.99 -11.72
N SER A 6 2.76 16.87 -12.60
CA SER A 6 2.93 18.31 -12.41
C SER A 6 1.61 18.96 -11.99
N GLY A 7 1.61 19.52 -10.79
CA GLY A 7 0.41 20.17 -10.28
C GLY A 7 -0.67 19.17 -9.91
N LEU A 8 -1.12 19.24 -8.66
CA LEU A 8 -2.17 18.34 -8.17
C LEU A 8 -3.52 18.68 -8.79
N GLY A 9 -3.96 19.91 -8.59
CA GLY A 9 -5.23 20.35 -9.15
C GLY A 9 -6.36 20.26 -8.13
N ASN A 10 -7.56 19.97 -8.62
CA ASN A 10 -8.73 19.86 -7.75
C ASN A 10 -8.43 18.99 -6.54
N GLU A 11 -8.12 17.71 -6.80
CA GLU A 11 -7.81 16.77 -5.74
C GLU A 11 -6.33 16.81 -5.39
N ASP A 12 -6.03 16.90 -4.10
CA ASP A 12 -4.65 16.94 -3.62
C ASP A 12 -4.22 15.60 -3.04
N PHE A 13 -2.94 15.28 -3.16
CA PHE A 13 -2.40 14.03 -2.65
C PHE A 13 -3.12 13.62 -1.36
N ASN A 14 -3.02 14.46 -0.35
CA ASN A 14 -3.65 14.19 0.94
C ASN A 14 -5.15 13.91 0.76
N SER A 15 -5.77 14.63 -0.18
CA SER A 15 -7.19 14.46 -0.45
C SER A 15 -7.47 13.10 -1.08
N VAL A 16 -6.81 12.83 -2.20
CA VAL A 16 -6.98 11.57 -2.91
C VAL A 16 -6.75 10.38 -1.97
N ILE A 17 -5.71 10.47 -1.15
CA ILE A 17 -5.37 9.42 -0.21
C ILE A 17 -6.46 9.24 0.83
N GLN A 18 -6.85 10.35 1.46
CA GLN A 18 -7.89 10.31 2.48
C GLN A 18 -9.19 9.76 1.91
N GLN A 19 -9.37 9.88 0.61
CA GLN A 19 -10.58 9.38 -0.05
C GLN A 19 -10.50 7.88 -0.26
N MET A 20 -9.31 7.39 -0.62
CA MET A 20 -9.10 5.97 -0.84
C MET A 20 -9.10 5.20 0.47
N ALA A 21 -8.57 5.83 1.52
CA ALA A 21 -8.52 5.21 2.84
C ALA A 21 -9.88 5.24 3.52
N GLN A 22 -10.64 6.30 3.28
CA GLN A 22 -11.96 6.46 3.87
C GLN A 22 -11.87 6.53 5.39
N GLY A 23 -10.91 7.31 5.89
CA GLY A 23 -10.74 7.46 7.32
C GLY A 23 -9.80 6.41 7.89
N ARG A 24 -9.73 5.26 7.24
CA ARG A 24 -8.86 4.18 7.69
C ARG A 24 -7.52 4.73 8.17
N GLN A 25 -6.86 3.98 9.05
CA GLN A 25 -5.57 4.39 9.59
C GLN A 25 -4.47 4.27 8.54
N ILE A 26 -3.95 5.40 8.09
CA ILE A 26 -2.89 5.42 7.09
C ILE A 26 -1.51 5.49 7.74
N GLU A 27 -0.57 4.73 7.20
CA GLU A 27 0.79 4.70 7.73
C GLU A 27 1.82 4.73 6.59
N TYR A 28 3.03 5.16 6.91
CA TYR A 28 4.10 5.24 5.92
C TYR A 28 5.07 4.07 6.08
N ILE A 29 4.95 3.08 5.22
CA ILE A 29 5.81 1.91 5.26
C ILE A 29 7.08 2.13 4.43
N ASP A 30 8.18 2.44 5.11
CA ASP A 30 9.44 2.68 4.45
C ASP A 30 10.30 1.41 4.47
N ILE A 31 10.35 0.71 3.34
CA ILE A 31 11.14 -0.51 3.22
C ILE A 31 12.51 -0.22 2.62
N GLU A 32 13.55 -0.69 3.29
CA GLU A 32 14.92 -0.49 2.81
C GLU A 32 15.31 -1.56 1.80
N ARG A 33 15.05 -1.29 0.53
CA ARG A 33 15.38 -2.23 -0.53
C ARG A 33 16.77 -2.83 -0.32
N PRO A 34 16.82 -4.17 -0.20
CA PRO A 34 18.07 -4.90 0.00
C PRO A 34 18.96 -4.87 -1.23
N SER A 35 20.14 -5.51 -1.13
CA SER A 35 21.07 -5.56 -2.24
C SER A 35 20.57 -6.49 -3.34
N THR A 36 20.47 -7.77 -3.02
CA THR A 36 20.00 -8.77 -3.97
C THR A 36 18.64 -9.33 -3.57
N GLY A 37 18.30 -9.16 -2.29
CA GLY A 37 17.03 -9.66 -1.80
C GLY A 37 15.84 -8.91 -2.39
N GLY A 38 14.64 -9.32 -2.00
CA GLY A 38 13.44 -8.67 -2.51
C GLY A 38 12.61 -8.05 -1.40
N LEU A 39 11.53 -7.38 -1.79
CA LEU A 39 10.64 -6.74 -0.82
C LEU A 39 10.16 -7.75 0.23
N GLY A 40 10.09 -9.01 -0.16
CA GLY A 40 9.65 -10.05 0.76
C GLY A 40 8.15 -10.02 0.97
N PHE A 41 7.43 -9.40 0.06
CA PHE A 41 5.97 -9.30 0.16
C PHE A 41 5.34 -9.21 -1.22
N SER A 42 4.24 -9.92 -1.41
CA SER A 42 3.53 -9.93 -2.69
C SER A 42 2.34 -8.97 -2.66
N VAL A 43 1.68 -8.83 -3.81
CA VAL A 43 0.53 -7.95 -3.91
C VAL A 43 -0.56 -8.56 -4.80
N VAL A 44 -1.81 -8.19 -4.53
CA VAL A 44 -2.93 -8.70 -5.30
C VAL A 44 -3.73 -7.57 -5.93
N ALA A 45 -4.11 -7.73 -7.19
CA ALA A 45 -4.88 -6.73 -7.90
C ALA A 45 -6.37 -7.05 -7.85
N LEU A 46 -7.15 -6.13 -7.28
CA LEU A 46 -8.60 -6.32 -7.17
C LEU A 46 -9.35 -5.04 -7.53
N ARG A 47 -10.01 -5.04 -8.67
CA ARG A 47 -10.76 -3.88 -9.12
C ARG A 47 -11.62 -3.32 -7.99
N SER A 48 -11.48 -2.02 -7.73
CA SER A 48 -12.23 -1.36 -6.67
C SER A 48 -13.61 -0.96 -7.17
N GLN A 49 -14.44 -0.45 -6.25
CA GLN A 49 -15.79 -0.03 -6.59
C GLN A 49 -15.87 1.49 -6.72
N ASN A 50 -14.80 2.16 -6.33
CA ASN A 50 -14.74 3.62 -6.40
C ASN A 50 -15.11 4.11 -7.80
N LEU A 51 -14.18 3.96 -8.73
CA LEU A 51 -14.40 4.38 -10.12
C LEU A 51 -13.23 3.97 -11.00
N GLY A 52 -13.46 2.98 -11.85
CA GLY A 52 -12.42 2.51 -12.75
C GLY A 52 -11.04 2.56 -12.11
N LYS A 53 -10.77 1.60 -11.24
CA LYS A 53 -9.48 1.52 -10.57
C LYS A 53 -9.27 0.16 -9.91
N VAL A 54 -8.09 -0.06 -9.37
CA VAL A 54 -7.76 -1.32 -8.71
C VAL A 54 -7.15 -1.08 -7.33
N ASP A 55 -7.42 -2.00 -6.41
CA ASP A 55 -6.90 -1.89 -5.05
C ASP A 55 -5.77 -2.90 -4.82
N ILE A 56 -4.56 -2.38 -4.62
CA ILE A 56 -3.40 -3.23 -4.39
C ILE A 56 -3.26 -3.58 -2.92
N PHE A 57 -3.36 -4.86 -2.59
CA PHE A 57 -3.24 -5.33 -1.22
C PHE A 57 -1.99 -6.16 -1.03
N VAL A 58 -1.32 -5.97 0.10
CA VAL A 58 -0.09 -6.71 0.40
C VAL A 58 -0.41 -8.10 0.94
N LYS A 59 0.07 -9.12 0.24
CA LYS A 59 -0.17 -10.51 0.64
C LYS A 59 1.12 -11.31 0.57
N ASP A 60 1.15 -12.43 1.27
CA ASP A 60 2.33 -13.30 1.28
C ASP A 60 3.52 -12.59 1.90
N VAL A 61 3.31 -12.02 3.09
CA VAL A 61 4.38 -11.30 3.79
C VAL A 61 5.40 -12.27 4.35
N GLN A 62 6.43 -12.57 3.56
CA GLN A 62 7.48 -13.49 3.98
C GLN A 62 7.87 -13.23 5.44
N PRO A 63 7.75 -14.27 6.28
CA PRO A 63 8.09 -14.17 7.70
C PRO A 63 9.59 -14.04 7.93
N GLY A 64 10.37 -14.27 6.88
CA GLY A 64 11.81 -14.17 6.99
C GLY A 64 12.41 -13.25 5.95
N SER A 65 12.05 -11.97 6.01
CA SER A 65 12.55 -10.99 5.07
C SER A 65 12.54 -9.59 5.69
N VAL A 66 12.96 -8.60 4.89
CA VAL A 66 13.00 -7.22 5.36
C VAL A 66 11.64 -6.76 5.86
N ALA A 67 10.60 -7.06 5.08
CA ALA A 67 9.24 -6.68 5.44
C ALA A 67 8.86 -7.25 6.82
N ASP A 68 9.34 -8.44 7.11
CA ASP A 68 9.06 -9.09 8.39
C ASP A 68 9.69 -8.32 9.54
N ARG A 69 11.00 -8.14 9.47
CA ARG A 69 11.74 -7.43 10.51
C ARG A 69 11.30 -5.97 10.59
N ASP A 70 10.74 -5.47 9.49
CA ASP A 70 10.27 -4.10 9.42
C ASP A 70 9.17 -3.85 10.44
N GLN A 71 8.57 -4.92 10.93
CA GLN A 71 7.50 -4.82 11.91
C GLN A 71 6.64 -3.58 11.67
N ARG A 72 6.45 -3.24 10.40
CA ARG A 72 5.65 -2.08 10.02
C ARG A 72 4.58 -2.45 9.01
N LEU A 73 4.97 -3.24 8.01
CA LEU A 73 4.03 -3.67 6.98
C LEU A 73 3.25 -4.90 7.42
N LYS A 74 1.93 -4.83 7.32
CA LYS A 74 1.07 -5.94 7.70
C LYS A 74 0.40 -6.56 6.48
N GLU A 75 -0.21 -7.72 6.67
CA GLU A 75 -0.89 -8.42 5.59
C GLU A 75 -2.22 -7.75 5.27
N ASN A 76 -2.68 -7.91 4.03
CA ASN A 76 -3.94 -7.32 3.60
C ASN A 76 -3.90 -5.81 3.70
N ASP A 77 -2.70 -5.24 3.65
CA ASP A 77 -2.53 -3.81 3.75
C ASP A 77 -2.61 -3.16 2.37
N GLN A 78 -3.76 -2.56 2.07
CA GLN A 78 -3.97 -1.91 0.78
C GLN A 78 -3.02 -0.72 0.62
N ILE A 79 -2.17 -0.79 -0.40
CA ILE A 79 -1.21 0.28 -0.66
C ILE A 79 -1.89 1.44 -1.39
N LEU A 80 -2.17 2.51 -0.64
CA LEU A 80 -2.81 3.69 -1.21
C LEU A 80 -1.86 4.41 -2.16
N ALA A 81 -0.60 4.57 -1.72
CA ALA A 81 0.40 5.25 -2.53
C ALA A 81 1.73 4.51 -2.49
N ILE A 82 2.53 4.67 -3.53
CA ILE A 82 3.83 4.02 -3.61
C ILE A 82 4.92 5.00 -4.02
N ASN A 83 5.82 5.31 -3.09
CA ASN A 83 6.91 6.23 -3.35
C ASN A 83 6.37 7.63 -3.66
N HIS A 84 5.45 8.10 -2.83
CA HIS A 84 4.87 9.43 -3.02
C HIS A 84 4.03 9.47 -4.30
N THR A 85 3.09 8.54 -4.41
CA THR A 85 2.23 8.47 -5.59
C THR A 85 1.04 7.56 -5.34
N PRO A 86 -0.16 8.15 -5.27
CA PRO A 86 -1.41 7.41 -5.03
C PRO A 86 -1.80 6.55 -6.23
N LEU A 87 -2.35 5.38 -5.95
CA LEU A 87 -2.78 4.46 -7.00
C LEU A 87 -4.25 4.66 -7.35
N ASP A 88 -4.63 5.91 -7.56
CA ASP A 88 -6.02 6.24 -7.90
C ASP A 88 -6.35 5.79 -9.31
N GLN A 89 -7.61 5.97 -9.70
CA GLN A 89 -8.06 5.59 -11.04
C GLN A 89 -6.96 5.85 -12.07
N ASN A 90 -6.24 6.95 -11.89
CA ASN A 90 -5.17 7.32 -12.81
C ASN A 90 -4.22 6.14 -13.04
N ILE A 91 -3.70 5.58 -11.95
CA ILE A 91 -2.79 4.45 -12.03
C ILE A 91 -3.53 3.13 -11.86
N SER A 92 -3.21 2.16 -12.70
CA SER A 92 -3.84 0.85 -12.64
C SER A 92 -3.07 -0.09 -11.72
N HIS A 93 -3.50 -1.35 -11.68
CA HIS A 93 -2.85 -2.35 -10.84
C HIS A 93 -1.43 -2.63 -11.32
N GLN A 94 -1.27 -2.68 -12.64
CA GLN A 94 0.04 -2.94 -13.23
C GLN A 94 1.07 -1.91 -12.78
N GLN A 95 0.82 -0.65 -13.13
CA GLN A 95 1.72 0.44 -12.76
C GLN A 95 2.14 0.32 -11.29
N ALA A 96 1.18 0.01 -10.43
CA ALA A 96 1.46 -0.13 -9.01
C ALA A 96 2.60 -1.12 -8.77
N ILE A 97 2.52 -2.27 -9.42
CA ILE A 97 3.55 -3.30 -9.27
C ILE A 97 4.90 -2.80 -9.78
N ALA A 98 4.88 -2.05 -10.87
CA ALA A 98 6.10 -1.51 -11.44
C ALA A 98 6.87 -0.67 -10.42
N LEU A 99 6.23 0.40 -9.94
CA LEU A 99 6.85 1.28 -8.97
C LEU A 99 7.65 0.48 -7.94
N LEU A 100 7.25 -0.77 -7.72
CA LEU A 100 7.94 -1.63 -6.77
C LEU A 100 9.18 -2.25 -7.40
N GLN A 101 8.98 -3.10 -8.40
CA GLN A 101 10.09 -3.75 -9.09
C GLN A 101 11.00 -2.73 -9.73
N GLN A 102 10.54 -1.48 -9.81
CA GLN A 102 11.32 -0.41 -10.40
C GLN A 102 11.72 0.62 -9.35
N THR A 103 12.18 0.15 -8.20
CA THR A 103 12.59 1.03 -7.11
C THR A 103 13.62 0.36 -6.22
N THR A 104 14.86 0.83 -6.30
CA THR A 104 15.94 0.27 -5.49
C THR A 104 16.30 1.20 -4.34
N GLY A 105 17.08 0.68 -3.39
CA GLY A 105 17.50 1.48 -2.25
C GLY A 105 16.38 1.63 -1.23
N SER A 106 15.49 2.59 -1.46
CA SER A 106 14.38 2.84 -0.55
C SER A 106 13.04 2.62 -1.25
N LEU A 107 12.05 2.14 -0.51
CA LEU A 107 10.72 1.90 -1.06
C LEU A 107 9.65 2.33 -0.07
N ARG A 108 9.00 3.45 -0.38
CA ARG A 108 7.94 3.98 0.47
C ARG A 108 6.57 3.46 0.04
N LEU A 109 5.80 2.96 0.99
CA LEU A 109 4.48 2.42 0.70
C LEU A 109 3.46 2.92 1.72
N ILE A 110 2.46 3.66 1.24
CA ILE A 110 1.42 4.19 2.11
C ILE A 110 0.21 3.26 2.15
N VAL A 111 0.12 2.48 3.22
CA VAL A 111 -0.99 1.53 3.38
C VAL A 111 -1.98 2.04 4.43
N ALA A 112 -3.18 1.48 4.41
CA ALA A 112 -4.22 1.88 5.35
C ALA A 112 -4.57 0.73 6.29
N ARG A 113 -5.32 1.04 7.35
CA ARG A 113 -5.72 0.03 8.32
C ARG A 113 -7.16 0.25 8.77
N GLU A 114 -7.82 -0.82 9.20
CA GLU A 114 -9.19 -0.74 9.66
C GLU A 114 -9.26 -0.75 11.18
N PRO A 115 -10.00 0.21 11.75
CA PRO A 115 -10.17 0.33 13.20
C PRO A 115 -11.01 -0.80 13.78
N VAL A 116 -11.22 -0.76 15.10
CA VAL A 116 -12.00 -1.78 15.78
C VAL A 116 -13.14 -1.16 16.57
N HIS A 117 -14.35 -1.22 16.01
CA HIS A 117 -15.53 -0.66 16.66
C HIS A 117 -16.23 -1.72 17.50
N THR A 118 -16.38 -2.92 16.94
CA THR A 118 -17.04 -4.02 17.64
C THR A 118 -16.04 -5.10 18.03
N LYS A 119 -16.05 -5.49 19.29
CA LYS A 119 -15.15 -6.52 19.78
C LYS A 119 -15.68 -7.91 19.46
N SER A 120 -14.77 -8.87 19.31
CA SER A 120 -15.15 -10.24 19.00
C SER A 120 -15.89 -10.89 20.16
N SER A 121 -16.94 -11.65 19.84
CA SER A 121 -17.74 -12.31 20.86
C SER A 121 -17.20 -13.72 21.14
N THR A 122 -15.98 -13.78 21.64
CA THR A 122 -15.34 -15.06 21.95
C THR A 122 -14.03 -14.86 22.69
N SER A 123 -13.87 -15.53 23.82
CA SER A 123 -12.66 -15.43 24.62
C SER A 123 -11.54 -16.26 24.02
N GLY A 124 -10.33 -15.69 23.98
CA GLY A 124 -9.19 -16.39 23.43
C GLY A 124 -8.82 -17.62 24.24
N PRO A 125 -8.59 -18.74 23.55
CA PRO A 125 -8.22 -20.01 24.18
C PRO A 125 -6.82 -19.97 24.78
N SER A 126 -6.37 -21.11 25.29
CA SER A 126 -5.05 -21.21 25.90
C SER A 126 -3.99 -20.55 25.02
N SER A 127 -3.22 -19.64 25.61
CA SER A 127 -2.18 -18.93 24.87
C SER A 127 -1.54 -19.84 23.82
N GLY A 128 -1.86 -19.58 22.56
CA GLY A 128 -1.31 -20.37 21.47
C GLY A 128 -2.24 -20.44 20.28
N GLY A 1 -1.66 9.68 -24.31
CA GLY A 1 -0.82 10.83 -24.11
C GLY A 1 0.64 10.46 -23.86
N SER A 2 1.38 11.35 -23.22
CA SER A 2 2.78 11.10 -22.93
C SER A 2 2.98 10.72 -21.46
N SER A 3 4.22 10.40 -21.10
CA SER A 3 4.53 10.01 -19.73
C SER A 3 5.11 11.19 -18.95
N GLY A 4 4.40 11.60 -17.90
CA GLY A 4 4.85 12.71 -17.09
C GLY A 4 3.88 13.06 -15.98
N SER A 5 3.86 14.33 -15.58
CA SER A 5 2.97 14.79 -14.53
C SER A 5 3.03 16.30 -14.39
N SER A 6 1.93 16.97 -14.68
CA SER A 6 1.86 18.43 -14.60
C SER A 6 1.86 18.88 -13.13
N GLY A 7 0.90 18.36 -12.37
CA GLY A 7 0.80 18.71 -10.97
C GLY A 7 -0.54 18.35 -10.37
N LEU A 8 -0.80 18.82 -9.15
CA LEU A 8 -2.05 18.52 -8.47
C LEU A 8 -3.12 19.53 -8.85
N GLY A 9 -4.33 19.03 -9.13
CA GLY A 9 -5.43 19.90 -9.51
C GLY A 9 -6.55 19.89 -8.48
N ASN A 10 -7.75 19.55 -8.94
CA ASN A 10 -8.92 19.49 -8.06
C ASN A 10 -8.58 18.76 -6.77
N GLU A 11 -7.95 17.60 -6.90
CA GLU A 11 -7.58 16.79 -5.74
C GLU A 11 -6.06 16.78 -5.55
N ASP A 12 -5.64 16.81 -4.28
CA ASP A 12 -4.22 16.81 -3.96
C ASP A 12 -3.82 15.49 -3.31
N PHE A 13 -2.52 15.20 -3.33
CA PHE A 13 -2.00 13.96 -2.74
C PHE A 13 -2.76 13.61 -1.47
N ASN A 14 -2.79 14.54 -0.51
CA ASN A 14 -3.48 14.32 0.74
C ASN A 14 -4.95 14.01 0.51
N SER A 15 -5.53 14.63 -0.50
CA SER A 15 -6.94 14.42 -0.83
C SER A 15 -7.16 13.03 -1.41
N VAL A 16 -6.44 12.72 -2.49
CA VAL A 16 -6.56 11.42 -3.13
C VAL A 16 -6.40 10.29 -2.13
N ILE A 17 -5.40 10.43 -1.26
CA ILE A 17 -5.14 9.41 -0.24
C ILE A 17 -6.29 9.31 0.76
N GLN A 18 -6.74 10.47 1.25
CA GLN A 18 -7.84 10.52 2.20
C GLN A 18 -9.12 9.96 1.59
N GLN A 19 -9.22 10.04 0.26
CA GLN A 19 -10.40 9.54 -0.44
C GLN A 19 -10.32 8.03 -0.62
N MET A 20 -9.12 7.51 -0.85
CA MET A 20 -8.91 6.08 -1.04
C MET A 20 -8.96 5.36 0.31
N ALA A 21 -8.53 6.03 1.36
CA ALA A 21 -8.54 5.45 2.70
C ALA A 21 -9.95 5.40 3.28
N GLN A 22 -10.70 6.49 3.08
CA GLN A 22 -12.06 6.57 3.59
C GLN A 22 -12.08 6.51 5.12
N GLY A 23 -11.24 7.31 5.75
CA GLY A 23 -11.17 7.32 7.20
C GLY A 23 -10.14 6.36 7.75
N ARG A 24 -10.04 5.18 7.12
CA ARG A 24 -9.08 4.17 7.56
C ARG A 24 -7.76 4.82 7.97
N GLN A 25 -7.18 4.32 9.07
CA GLN A 25 -5.92 4.84 9.58
C GLN A 25 -4.78 4.51 8.62
N ILE A 26 -4.17 5.56 8.06
CA ILE A 26 -3.06 5.39 7.14
C ILE A 26 -1.74 5.28 7.88
N GLU A 27 -0.86 4.41 7.39
CA GLU A 27 0.44 4.20 8.01
C GLU A 27 1.55 4.23 6.96
N TYR A 28 2.65 4.92 7.28
CA TYR A 28 3.78 5.04 6.37
C TYR A 28 4.73 3.85 6.53
N ILE A 29 4.70 2.95 5.55
CA ILE A 29 5.56 1.77 5.58
C ILE A 29 6.91 2.05 4.94
N ASP A 30 7.97 1.99 5.76
CA ASP A 30 9.31 2.25 5.27
C ASP A 30 10.05 0.93 4.99
N ILE A 31 10.24 0.63 3.71
CA ILE A 31 10.93 -0.59 3.32
C ILE A 31 12.34 -0.30 2.82
N GLU A 32 13.31 -1.07 3.30
CA GLU A 32 14.69 -0.89 2.90
C GLU A 32 15.05 -1.79 1.72
N ARG A 33 14.96 -1.24 0.51
CA ARG A 33 15.28 -1.99 -0.70
C ARG A 33 16.67 -2.61 -0.61
N PRO A 34 16.72 -3.95 -0.57
CA PRO A 34 17.98 -4.69 -0.50
C PRO A 34 18.79 -4.60 -1.79
N SER A 35 19.76 -5.49 -1.94
CA SER A 35 20.61 -5.51 -3.12
C SER A 35 19.87 -6.13 -4.31
N THR A 36 19.68 -7.45 -4.27
CA THR A 36 19.00 -8.17 -5.33
C THR A 36 17.68 -8.75 -4.84
N GLY A 37 17.75 -9.58 -3.81
CA GLY A 37 16.55 -10.19 -3.27
C GLY A 37 15.34 -9.28 -3.38
N GLY A 38 14.24 -9.83 -3.90
CA GLY A 38 13.03 -9.05 -4.05
C GLY A 38 12.45 -8.59 -2.72
N LEU A 39 11.67 -7.51 -2.75
CA LEU A 39 11.07 -6.97 -1.54
C LEU A 39 10.70 -8.09 -0.57
N GLY A 40 10.34 -9.25 -1.11
CA GLY A 40 9.97 -10.38 -0.29
C GLY A 40 8.49 -10.42 0.01
N PHE A 41 7.74 -9.53 -0.63
CA PHE A 41 6.29 -9.47 -0.42
C PHE A 41 5.57 -9.23 -1.75
N SER A 42 4.54 -10.02 -2.01
CA SER A 42 3.77 -9.91 -3.23
C SER A 42 2.55 -9.01 -3.02
N VAL A 43 1.81 -8.76 -4.10
CA VAL A 43 0.63 -7.91 -4.04
C VAL A 43 -0.47 -8.45 -4.96
N VAL A 44 -1.72 -8.16 -4.60
CA VAL A 44 -2.87 -8.61 -5.39
C VAL A 44 -3.67 -7.42 -5.90
N ALA A 45 -4.30 -7.60 -7.06
CA ALA A 45 -5.11 -6.54 -7.66
C ALA A 45 -6.60 -6.88 -7.56
N LEU A 46 -7.37 -5.94 -7.01
CA LEU A 46 -8.81 -6.14 -6.86
C LEU A 46 -9.57 -4.87 -7.22
N ARG A 47 -10.24 -4.89 -8.36
CA ARG A 47 -11.00 -3.74 -8.83
C ARG A 47 -11.95 -3.24 -7.74
N SER A 48 -11.90 -1.95 -7.46
CA SER A 48 -12.74 -1.34 -6.43
C SER A 48 -14.06 -0.87 -7.01
N GLN A 49 -15.10 -0.87 -6.18
CA GLN A 49 -16.42 -0.45 -6.62
C GLN A 49 -16.50 1.07 -6.74
N ASN A 50 -15.83 1.77 -5.83
CA ASN A 50 -15.82 3.22 -5.83
C ASN A 50 -15.87 3.77 -7.25
N LEU A 51 -14.85 3.44 -8.03
CA LEU A 51 -14.78 3.90 -9.42
C LEU A 51 -13.57 3.29 -10.13
N GLY A 52 -13.62 3.27 -11.46
CA GLY A 52 -12.52 2.72 -12.24
C GLY A 52 -11.19 2.83 -11.52
N LYS A 53 -10.88 1.82 -10.72
CA LYS A 53 -9.63 1.80 -9.97
C LYS A 53 -9.38 0.42 -9.35
N VAL A 54 -8.12 0.15 -9.00
CA VAL A 54 -7.75 -1.11 -8.41
C VAL A 54 -7.08 -0.92 -7.05
N ASP A 55 -7.34 -1.85 -6.14
CA ASP A 55 -6.77 -1.78 -4.79
C ASP A 55 -5.68 -2.83 -4.60
N ILE A 56 -4.44 -2.38 -4.47
CA ILE A 56 -3.32 -3.29 -4.28
C ILE A 56 -3.12 -3.64 -2.81
N PHE A 57 -3.15 -4.92 -2.51
CA PHE A 57 -2.98 -5.39 -1.13
C PHE A 57 -1.70 -6.21 -0.99
N VAL A 58 -1.00 -6.01 0.13
CA VAL A 58 0.24 -6.74 0.39
C VAL A 58 -0.04 -8.19 0.73
N LYS A 59 0.34 -9.10 -0.16
CA LYS A 59 0.13 -10.53 0.06
C LYS A 59 1.45 -11.28 -0.04
N ASP A 60 1.54 -12.40 0.68
CA ASP A 60 2.74 -13.22 0.68
C ASP A 60 3.88 -12.51 1.39
N VAL A 61 3.62 -12.05 2.62
CA VAL A 61 4.62 -11.36 3.41
C VAL A 61 5.61 -12.34 4.03
N GLN A 62 6.70 -12.60 3.30
CA GLN A 62 7.72 -13.52 3.79
C GLN A 62 8.42 -12.97 5.03
N PRO A 63 8.40 -13.75 6.12
CA PRO A 63 9.02 -13.35 7.38
C PRO A 63 10.55 -13.34 7.29
N GLY A 64 11.07 -13.84 6.18
CA GLY A 64 12.52 -13.87 6.00
C GLY A 64 12.99 -12.93 4.91
N SER A 65 12.41 -11.73 4.88
CA SER A 65 12.77 -10.73 3.88
C SER A 65 12.77 -9.33 4.49
N VAL A 66 13.21 -8.35 3.69
CA VAL A 66 13.25 -6.97 4.15
C VAL A 66 11.87 -6.50 4.62
N ALA A 67 10.86 -6.77 3.81
CA ALA A 67 9.49 -6.37 4.14
C ALA A 67 9.16 -6.74 5.59
N ASP A 68 9.80 -7.77 6.10
CA ASP A 68 9.57 -8.23 7.46
C ASP A 68 10.40 -7.41 8.45
N ARG A 69 11.71 -7.43 8.27
CA ARG A 69 12.62 -6.70 9.15
C ARG A 69 12.25 -5.22 9.19
N ASP A 70 11.60 -4.75 8.13
CA ASP A 70 11.19 -3.35 8.05
C ASP A 70 10.54 -2.89 9.34
N GLN A 71 10.26 -1.59 9.44
CA GLN A 71 9.64 -1.02 10.63
C GLN A 71 8.36 -1.78 10.98
N ARG A 72 7.30 -1.53 10.21
CA ARG A 72 6.02 -2.18 10.45
C ARG A 72 5.29 -2.41 9.13
N LEU A 73 4.79 -3.63 8.94
CA LEU A 73 4.06 -3.99 7.73
C LEU A 73 3.24 -5.25 7.95
N LYS A 74 1.94 -5.15 7.69
CA LYS A 74 1.04 -6.28 7.86
C LYS A 74 0.47 -6.72 6.50
N GLU A 75 0.05 -7.99 6.43
CA GLU A 75 -0.52 -8.52 5.19
C GLU A 75 -1.83 -7.83 4.84
N ASN A 76 -2.35 -8.12 3.66
CA ASN A 76 -3.60 -7.52 3.19
C ASN A 76 -3.59 -6.01 3.42
N ASP A 77 -2.44 -5.39 3.16
CA ASP A 77 -2.31 -3.94 3.32
C ASP A 77 -2.59 -3.21 2.02
N GLN A 78 -3.74 -2.56 1.94
CA GLN A 78 -4.12 -1.83 0.73
C GLN A 78 -3.17 -0.67 0.49
N ILE A 79 -2.16 -0.90 -0.34
CA ILE A 79 -1.17 0.13 -0.66
C ILE A 79 -1.82 1.28 -1.43
N LEU A 80 -2.00 2.40 -0.74
CA LEU A 80 -2.61 3.58 -1.36
C LEU A 80 -1.64 4.24 -2.34
N ALA A 81 -0.42 4.49 -1.87
CA ALA A 81 0.60 5.12 -2.71
C ALA A 81 1.93 4.38 -2.60
N ILE A 82 2.75 4.47 -3.65
CA ILE A 82 4.04 3.81 -3.66
C ILE A 82 5.14 4.76 -4.13
N ASN A 83 6.12 4.99 -3.26
CA ASN A 83 7.23 5.89 -3.57
C ASN A 83 6.72 7.30 -3.88
N HIS A 84 5.80 7.78 -3.07
CA HIS A 84 5.23 9.11 -3.25
C HIS A 84 4.39 9.17 -4.53
N THR A 85 3.43 8.25 -4.65
CA THR A 85 2.57 8.20 -5.81
C THR A 85 1.33 7.34 -5.54
N PRO A 86 0.16 7.99 -5.48
CA PRO A 86 -1.11 7.30 -5.23
C PRO A 86 -1.54 6.44 -6.40
N LEU A 87 -2.17 5.31 -6.10
CA LEU A 87 -2.63 4.39 -7.13
C LEU A 87 -4.11 4.61 -7.43
N ASP A 88 -4.51 5.87 -7.55
CA ASP A 88 -5.90 6.21 -7.83
C ASP A 88 -6.26 5.89 -9.28
N GLN A 89 -7.47 6.24 -9.67
CA GLN A 89 -7.94 5.98 -11.03
C GLN A 89 -6.83 6.26 -12.05
N ASN A 90 -5.91 7.14 -11.68
CA ASN A 90 -4.80 7.49 -12.57
C ASN A 90 -3.95 6.27 -12.88
N ILE A 91 -3.45 5.62 -11.84
CA ILE A 91 -2.62 4.43 -12.00
C ILE A 91 -3.41 3.16 -11.73
N SER A 92 -3.22 2.16 -12.58
CA SER A 92 -3.92 0.88 -12.42
C SER A 92 -3.15 -0.05 -11.51
N HIS A 93 -3.64 -1.28 -11.37
CA HIS A 93 -3.00 -2.27 -10.51
C HIS A 93 -1.62 -2.65 -11.05
N GLN A 94 -1.53 -2.78 -12.37
CA GLN A 94 -0.27 -3.14 -13.02
C GLN A 94 0.83 -2.14 -12.67
N GLN A 95 0.66 -0.90 -13.12
CA GLN A 95 1.63 0.15 -12.85
C GLN A 95 2.12 0.07 -11.41
N ALA A 96 1.20 -0.11 -10.48
CA ALA A 96 1.54 -0.19 -9.06
C ALA A 96 2.61 -1.25 -8.83
N ILE A 97 2.45 -2.42 -9.45
CA ILE A 97 3.41 -3.50 -9.30
C ILE A 97 4.78 -3.09 -9.81
N ALA A 98 4.81 -2.39 -10.93
CA ALA A 98 6.06 -1.92 -11.52
C ALA A 98 6.84 -1.06 -10.54
N LEU A 99 6.25 0.05 -10.14
CA LEU A 99 6.90 0.96 -9.19
C LEU A 99 7.69 0.19 -8.14
N LEU A 100 7.06 -0.86 -7.60
CA LEU A 100 7.70 -1.68 -6.58
C LEU A 100 8.90 -2.44 -7.16
N GLN A 101 8.69 -3.05 -8.33
CA GLN A 101 9.76 -3.80 -8.98
C GLN A 101 10.82 -2.87 -9.54
N GLN A 102 10.51 -1.58 -9.58
CA GLN A 102 11.44 -0.58 -10.10
C GLN A 102 11.77 0.45 -9.03
N THR A 103 11.99 -0.02 -7.80
CA THR A 103 12.31 0.86 -6.69
C THR A 103 13.80 0.81 -6.35
N THR A 104 14.35 1.93 -5.90
CA THR A 104 15.75 2.01 -5.54
C THR A 104 15.94 2.65 -4.17
N GLY A 105 17.17 2.62 -3.67
CA GLY A 105 17.46 3.20 -2.37
C GLY A 105 16.47 2.76 -1.31
N SER A 106 15.39 3.52 -1.16
CA SER A 106 14.37 3.21 -0.17
C SER A 106 13.02 3.00 -0.84
N LEU A 107 12.17 2.20 -0.19
CA LEU A 107 10.84 1.91 -0.72
C LEU A 107 9.76 2.30 0.27
N ARG A 108 9.09 3.42 -0.01
CA ARG A 108 8.03 3.91 0.85
C ARG A 108 6.66 3.47 0.35
N LEU A 109 5.85 2.91 1.24
CA LEU A 109 4.51 2.45 0.88
C LEU A 109 3.48 2.92 1.91
N ILE A 110 2.48 3.64 1.42
CA ILE A 110 1.42 4.14 2.30
C ILE A 110 0.20 3.23 2.27
N VAL A 111 0.04 2.43 3.32
CA VAL A 111 -1.08 1.50 3.42
C VAL A 111 -2.12 2.01 4.41
N ALA A 112 -3.35 1.51 4.29
CA ALA A 112 -4.42 1.90 5.18
C ALA A 112 -4.89 0.73 6.04
N ARG A 113 -5.57 1.05 7.14
CA ARG A 113 -6.06 0.02 8.05
C ARG A 113 -7.44 0.38 8.60
N GLU A 114 -8.18 -0.63 9.04
CA GLU A 114 -9.52 -0.40 9.58
C GLU A 114 -9.45 0.06 11.03
N PRO A 115 -10.28 1.06 11.37
CA PRO A 115 -10.32 1.61 12.73
C PRO A 115 -10.93 0.64 13.74
N VAL A 116 -11.00 1.06 15.00
CA VAL A 116 -11.56 0.22 16.05
C VAL A 116 -12.37 1.06 17.04
N HIS A 117 -13.49 0.51 17.49
CA HIS A 117 -14.35 1.19 18.45
C HIS A 117 -14.25 0.56 19.83
N THR A 118 -14.15 1.40 20.85
CA THR A 118 -14.04 0.92 22.23
C THR A 118 -15.21 0.02 22.59
N LYS A 119 -14.92 -1.24 22.91
CA LYS A 119 -15.95 -2.20 23.27
C LYS A 119 -15.60 -2.89 24.59
N SER A 120 -16.53 -3.70 25.09
CA SER A 120 -16.32 -4.42 26.34
C SER A 120 -15.50 -5.68 26.11
N SER A 121 -14.68 -6.04 27.10
CA SER A 121 -13.83 -7.21 27.00
C SER A 121 -13.60 -7.82 28.39
N THR A 122 -13.03 -9.03 28.40
CA THR A 122 -12.76 -9.72 29.65
C THR A 122 -11.26 -9.77 29.93
N SER A 123 -10.90 -9.95 31.20
CA SER A 123 -9.50 -10.01 31.59
C SER A 123 -9.11 -11.44 32.00
N GLY A 124 -7.82 -11.67 32.16
CA GLY A 124 -7.33 -12.99 32.53
C GLY A 124 -5.88 -13.21 32.16
N PRO A 125 -4.98 -12.50 32.85
CA PRO A 125 -3.54 -12.61 32.61
C PRO A 125 -2.97 -13.95 33.05
N SER A 126 -3.30 -14.36 34.27
CA SER A 126 -2.82 -15.63 34.81
C SER A 126 -1.41 -15.92 34.32
N SER A 127 -0.58 -14.89 34.30
CA SER A 127 0.81 -15.04 33.84
C SER A 127 1.74 -14.17 34.67
N GLY A 128 2.97 -14.65 34.88
CA GLY A 128 3.94 -13.91 35.66
C GLY A 128 4.55 -12.76 34.87
N GLY A 1 -12.59 12.55 -16.30
CA GLY A 1 -11.64 13.42 -16.97
C GLY A 1 -10.22 13.23 -16.46
N SER A 2 -9.25 13.33 -17.38
CA SER A 2 -7.85 13.16 -17.02
C SER A 2 -6.95 14.03 -17.90
N SER A 3 -5.92 14.61 -17.30
CA SER A 3 -4.99 15.46 -18.02
C SER A 3 -3.67 15.59 -17.27
N GLY A 4 -2.57 15.29 -17.95
CA GLY A 4 -1.26 15.37 -17.34
C GLY A 4 -0.75 16.80 -17.26
N SER A 5 -0.67 17.34 -16.04
CA SER A 5 -0.20 18.71 -15.84
C SER A 5 0.84 18.76 -14.73
N SER A 6 1.62 19.84 -14.70
CA SER A 6 2.66 20.01 -13.69
C SER A 6 2.04 20.20 -12.32
N GLY A 7 2.64 19.55 -11.32
CA GLY A 7 2.15 19.66 -9.96
C GLY A 7 0.71 19.21 -9.83
N LEU A 8 0.25 19.05 -8.59
CA LEU A 8 -1.12 18.62 -8.34
C LEU A 8 -2.12 19.66 -8.84
N GLY A 9 -3.36 19.22 -9.07
CA GLY A 9 -4.39 20.13 -9.54
C GLY A 9 -5.60 20.16 -8.63
N ASN A 10 -6.78 20.00 -9.20
CA ASN A 10 -8.02 20.02 -8.44
C ASN A 10 -7.86 19.24 -7.13
N GLU A 11 -7.23 18.08 -7.21
CA GLU A 11 -7.00 17.25 -6.03
C GLU A 11 -5.55 17.31 -5.58
N ASP A 12 -5.29 16.86 -4.36
CA ASP A 12 -3.93 16.86 -3.82
C ASP A 12 -3.57 15.50 -3.26
N PHE A 13 -2.29 15.13 -3.39
CA PHE A 13 -1.82 13.83 -2.90
C PHE A 13 -2.42 13.52 -1.53
N ASN A 14 -2.66 14.56 -0.75
CA ASN A 14 -3.23 14.39 0.59
C ASN A 14 -4.73 14.10 0.50
N SER A 15 -5.38 14.72 -0.48
CA SER A 15 -6.82 14.53 -0.66
C SER A 15 -7.12 13.16 -1.24
N VAL A 16 -6.47 12.83 -2.36
CA VAL A 16 -6.67 11.55 -3.00
C VAL A 16 -6.51 10.40 -2.02
N ILE A 17 -5.46 10.47 -1.20
CA ILE A 17 -5.20 9.43 -0.21
C ILE A 17 -6.29 9.39 0.85
N GLN A 18 -6.64 10.56 1.39
CA GLN A 18 -7.66 10.66 2.41
C GLN A 18 -9.01 10.17 1.87
N GLN A 19 -9.13 10.13 0.55
CA GLN A 19 -10.36 9.68 -0.09
C GLN A 19 -10.38 8.16 -0.24
N MET A 20 -9.21 7.59 -0.48
CA MET A 20 -9.09 6.15 -0.65
C MET A 20 -9.07 5.44 0.70
N ALA A 21 -8.50 6.10 1.71
CA ALA A 21 -8.42 5.54 3.04
C ALA A 21 -9.81 5.40 3.66
N GLN A 22 -10.75 6.24 3.22
CA GLN A 22 -12.11 6.20 3.73
C GLN A 22 -12.12 6.30 5.24
N GLY A 23 -11.24 7.12 5.80
CA GLY A 23 -11.16 7.29 7.23
C GLY A 23 -10.18 6.33 7.88
N ARG A 24 -9.95 5.20 7.23
CA ARG A 24 -9.04 4.19 7.75
C ARG A 24 -7.71 4.82 8.15
N GLN A 25 -7.14 4.33 9.25
CA GLN A 25 -5.87 4.85 9.75
C GLN A 25 -4.74 4.57 8.76
N ILE A 26 -4.13 5.64 8.25
CA ILE A 26 -3.04 5.51 7.29
C ILE A 26 -1.71 5.30 8.01
N GLU A 27 -0.83 4.51 7.40
CA GLU A 27 0.48 4.24 7.98
C GLU A 27 1.56 4.25 6.90
N TYR A 28 2.60 5.05 7.12
CA TYR A 28 3.70 5.16 6.17
C TYR A 28 4.75 4.08 6.44
N ILE A 29 4.73 3.03 5.62
CA ILE A 29 5.68 1.93 5.76
C ILE A 29 6.93 2.18 4.93
N ASP A 30 8.03 2.51 5.61
CA ASP A 30 9.30 2.78 4.93
C ASP A 30 10.11 1.49 4.79
N ILE A 31 10.11 0.93 3.59
CA ILE A 31 10.85 -0.29 3.32
C ILE A 31 12.20 0.00 2.67
N GLU A 32 13.26 -0.55 3.24
CA GLU A 32 14.61 -0.34 2.71
C GLU A 32 14.86 -1.21 1.48
N ARG A 33 14.32 -0.77 0.34
CA ARG A 33 14.48 -1.50 -0.91
C ARG A 33 15.87 -2.12 -1.01
N PRO A 34 15.94 -3.45 -0.92
CA PRO A 34 17.21 -4.18 -0.99
C PRO A 34 17.81 -4.15 -2.39
N SER A 35 19.11 -3.86 -2.47
CA SER A 35 19.80 -3.78 -3.75
C SER A 35 19.42 -4.96 -4.63
N THR A 36 19.62 -6.17 -4.12
CA THR A 36 19.30 -7.39 -4.86
C THR A 36 17.81 -7.45 -5.20
N GLY A 37 17.00 -6.72 -4.43
CA GLY A 37 15.57 -6.70 -4.66
C GLY A 37 14.86 -7.84 -3.95
N GLY A 38 13.58 -8.03 -4.28
CA GLY A 38 12.81 -9.09 -3.65
C GLY A 38 12.17 -8.65 -2.35
N LEU A 39 11.37 -7.60 -2.42
CA LEU A 39 10.69 -7.08 -1.24
C LEU A 39 10.29 -8.21 -0.29
N GLY A 40 10.00 -9.37 -0.86
CA GLY A 40 9.61 -10.51 -0.06
C GLY A 40 8.12 -10.58 0.17
N PHE A 41 7.38 -9.67 -0.44
CA PHE A 41 5.94 -9.62 -0.29
C PHE A 41 5.25 -9.41 -1.65
N SER A 42 4.19 -10.18 -1.89
CA SER A 42 3.46 -10.08 -3.14
C SER A 42 2.27 -9.13 -3.01
N VAL A 43 1.61 -8.85 -4.13
CA VAL A 43 0.46 -7.97 -4.15
C VAL A 43 -0.65 -8.52 -5.02
N VAL A 44 -1.89 -8.34 -4.57
CA VAL A 44 -3.05 -8.83 -5.32
C VAL A 44 -3.86 -7.66 -5.88
N ALA A 45 -4.23 -7.77 -7.15
CA ALA A 45 -5.01 -6.73 -7.82
C ALA A 45 -6.50 -7.04 -7.73
N LEU A 46 -7.27 -6.06 -7.24
CA LEU A 46 -8.71 -6.23 -7.10
C LEU A 46 -9.45 -4.95 -7.50
N ARG A 47 -10.11 -4.98 -8.65
CA ARG A 47 -10.85 -3.82 -9.14
C ARG A 47 -11.79 -3.29 -8.06
N SER A 48 -11.64 -2.00 -7.74
CA SER A 48 -12.46 -1.37 -6.72
C SER A 48 -13.86 -1.07 -7.27
N GLN A 49 -14.78 -0.72 -6.37
CA GLN A 49 -16.15 -0.41 -6.76
C GLN A 49 -16.31 1.08 -7.07
N ASN A 50 -15.59 1.92 -6.32
CA ASN A 50 -15.65 3.36 -6.51
C ASN A 50 -15.73 3.70 -7.99
N LEU A 51 -14.71 3.29 -8.73
CA LEU A 51 -14.65 3.55 -10.17
C LEU A 51 -13.47 2.84 -10.81
N GLY A 52 -13.28 3.06 -12.11
CA GLY A 52 -12.18 2.44 -12.82
C GLY A 52 -10.87 2.54 -12.06
N LYS A 53 -10.61 1.56 -11.21
CA LYS A 53 -9.38 1.53 -10.42
C LYS A 53 -9.16 0.16 -9.79
N VAL A 54 -7.93 -0.09 -9.33
CA VAL A 54 -7.59 -1.36 -8.72
C VAL A 54 -7.05 -1.16 -7.31
N ASP A 55 -7.35 -2.11 -6.42
CA ASP A 55 -6.89 -2.03 -5.04
C ASP A 55 -5.76 -3.01 -4.79
N ILE A 56 -4.56 -2.49 -4.61
CA ILE A 56 -3.38 -3.32 -4.36
C ILE A 56 -3.22 -3.61 -2.88
N PHE A 57 -3.23 -4.91 -2.53
CA PHE A 57 -3.09 -5.32 -1.13
C PHE A 57 -1.81 -6.13 -0.94
N VAL A 58 -1.30 -6.13 0.29
CA VAL A 58 -0.09 -6.88 0.60
C VAL A 58 -0.40 -8.34 0.88
N LYS A 59 0.09 -9.23 0.01
CA LYS A 59 -0.13 -10.66 0.16
C LYS A 59 1.18 -11.43 0.01
N ASP A 60 1.31 -12.50 0.78
CA ASP A 60 2.52 -13.33 0.73
C ASP A 60 3.68 -12.63 1.44
N VAL A 61 3.43 -12.15 2.65
CA VAL A 61 4.45 -11.48 3.43
C VAL A 61 5.46 -12.47 4.01
N GLN A 62 6.56 -12.67 3.30
CA GLN A 62 7.59 -13.59 3.74
C GLN A 62 8.20 -13.14 5.06
N PRO A 63 8.35 -14.09 6.00
CA PRO A 63 8.91 -13.81 7.33
C PRO A 63 10.40 -13.50 7.28
N GLY A 64 11.03 -13.85 6.15
CA GLY A 64 12.45 -13.61 5.99
C GLY A 64 12.75 -12.61 4.89
N SER A 65 12.23 -11.39 5.03
CA SER A 65 12.44 -10.35 4.03
C SER A 65 12.14 -8.98 4.61
N VAL A 66 12.63 -7.94 3.94
CA VAL A 66 12.41 -6.57 4.39
C VAL A 66 11.01 -6.38 4.97
N ALA A 67 10.00 -6.64 4.14
CA ALA A 67 8.62 -6.51 4.56
C ALA A 67 8.44 -7.01 5.99
N ASP A 68 9.14 -8.07 6.35
CA ASP A 68 9.05 -8.64 7.69
C ASP A 68 9.98 -7.90 8.65
N ARG A 69 11.25 -7.79 8.27
CA ARG A 69 12.23 -7.11 9.10
C ARG A 69 12.19 -5.60 8.87
N ASP A 70 11.05 -5.10 8.41
CA ASP A 70 10.88 -3.68 8.15
C ASP A 70 10.25 -2.98 9.33
N GLN A 71 10.32 -1.65 9.34
CA GLN A 71 9.74 -0.86 10.43
C GLN A 71 8.43 -1.47 10.91
N ARG A 72 7.49 -1.66 9.99
CA ARG A 72 6.20 -2.24 10.34
C ARG A 72 5.36 -2.47 9.08
N LEU A 73 4.98 -3.72 8.84
CA LEU A 73 4.17 -4.07 7.68
C LEU A 73 3.39 -5.35 7.93
N LYS A 74 2.07 -5.24 7.86
CA LYS A 74 1.20 -6.40 8.07
C LYS A 74 0.54 -6.83 6.77
N GLU A 75 0.04 -8.06 6.74
CA GLU A 75 -0.62 -8.59 5.55
C GLU A 75 -1.93 -7.85 5.29
N ASN A 76 -2.57 -8.17 4.16
CA ASN A 76 -3.83 -7.54 3.80
C ASN A 76 -3.75 -6.02 3.98
N ASP A 77 -2.64 -5.44 3.54
CA ASP A 77 -2.44 -3.99 3.65
C ASP A 77 -2.58 -3.32 2.29
N GLN A 78 -3.69 -2.63 2.09
CA GLN A 78 -3.94 -1.93 0.83
C GLN A 78 -2.99 -0.75 0.66
N ILE A 79 -2.17 -0.81 -0.38
CA ILE A 79 -1.21 0.26 -0.65
C ILE A 79 -1.89 1.42 -1.37
N LEU A 80 -2.09 2.53 -0.65
CA LEU A 80 -2.72 3.71 -1.22
C LEU A 80 -1.78 4.42 -2.18
N ALA A 81 -0.52 4.54 -1.77
CA ALA A 81 0.49 5.20 -2.60
C ALA A 81 1.84 4.49 -2.50
N ILE A 82 2.65 4.62 -3.55
CA ILE A 82 3.96 3.99 -3.57
C ILE A 82 5.04 4.98 -4.00
N ASN A 83 5.95 5.29 -3.08
CA ASN A 83 7.03 6.22 -3.36
C ASN A 83 6.48 7.60 -3.69
N HIS A 84 5.58 8.10 -2.85
CA HIS A 84 4.98 9.41 -3.06
C HIS A 84 4.15 9.43 -4.34
N THR A 85 3.25 8.46 -4.49
CA THR A 85 2.40 8.38 -5.66
C THR A 85 1.17 7.51 -5.39
N PRO A 86 -0.01 8.14 -5.43
CA PRO A 86 -1.28 7.44 -5.18
C PRO A 86 -1.65 6.50 -6.32
N LEU A 87 -2.24 5.36 -5.97
CA LEU A 87 -2.63 4.37 -6.97
C LEU A 87 -4.12 4.50 -7.29
N ASP A 88 -4.59 5.74 -7.42
CA ASP A 88 -5.99 5.99 -7.73
C ASP A 88 -6.27 5.74 -9.21
N GLN A 89 -7.50 6.03 -9.63
CA GLN A 89 -7.90 5.84 -11.02
C GLN A 89 -6.73 6.11 -11.96
N ASN A 90 -6.00 7.17 -11.69
CA ASN A 90 -4.84 7.55 -12.52
C ASN A 90 -3.93 6.35 -12.75
N ILE A 91 -3.52 5.71 -11.66
CA ILE A 91 -2.64 4.55 -11.75
C ILE A 91 -3.43 3.26 -11.59
N SER A 92 -3.03 2.23 -12.33
CA SER A 92 -3.70 0.93 -12.29
C SER A 92 -2.92 -0.05 -11.43
N HIS A 93 -3.38 -1.29 -11.39
CA HIS A 93 -2.73 -2.33 -10.60
C HIS A 93 -1.33 -2.62 -11.15
N GLN A 94 -1.22 -2.70 -12.47
CA GLN A 94 0.06 -2.98 -13.11
C GLN A 94 1.12 -1.96 -12.68
N GLN A 95 0.82 -0.68 -12.88
CA GLN A 95 1.75 0.38 -12.52
C GLN A 95 2.24 0.20 -11.07
N ALA A 96 1.30 0.00 -10.16
CA ALA A 96 1.63 -0.18 -8.75
C ALA A 96 2.75 -1.21 -8.58
N ILE A 97 2.63 -2.32 -9.29
CA ILE A 97 3.63 -3.38 -9.22
C ILE A 97 4.99 -2.89 -9.71
N ALA A 98 4.99 -2.18 -10.83
CA ALA A 98 6.22 -1.65 -11.40
C ALA A 98 6.95 -0.77 -10.40
N LEU A 99 6.28 0.29 -9.95
CA LEU A 99 6.86 1.22 -8.99
C LEU A 99 7.68 0.47 -7.94
N LEU A 100 7.29 -0.76 -7.66
CA LEU A 100 7.98 -1.59 -6.67
C LEU A 100 9.17 -2.31 -7.32
N GLN A 101 8.88 -3.18 -8.27
CA GLN A 101 9.93 -3.94 -8.96
C GLN A 101 10.90 -3.00 -9.64
N GLN A 102 10.55 -1.72 -9.71
CA GLN A 102 11.40 -0.72 -10.34
C GLN A 102 12.15 0.10 -9.30
N THR A 103 11.41 0.82 -8.48
CA THR A 103 12.00 1.65 -7.43
C THR A 103 13.27 1.01 -6.87
N THR A 104 14.31 1.83 -6.72
CA THR A 104 15.58 1.34 -6.20
C THR A 104 16.03 2.15 -4.98
N GLY A 105 16.73 1.50 -4.07
CA GLY A 105 17.20 2.18 -2.88
C GLY A 105 16.17 2.17 -1.76
N SER A 106 15.33 3.20 -1.73
CA SER A 106 14.30 3.31 -0.71
C SER A 106 12.91 3.06 -1.29
N LEU A 107 12.10 2.27 -0.58
CA LEU A 107 10.76 1.96 -1.03
C LEU A 107 9.72 2.36 0.01
N ARG A 108 9.03 3.47 -0.23
CA ARG A 108 8.02 3.95 0.69
C ARG A 108 6.63 3.52 0.25
N LEU A 109 5.84 2.99 1.19
CA LEU A 109 4.49 2.54 0.89
C LEU A 109 3.51 3.04 1.93
N ILE A 110 2.40 3.61 1.48
CA ILE A 110 1.38 4.14 2.37
C ILE A 110 0.14 3.24 2.37
N VAL A 111 0.02 2.41 3.40
CA VAL A 111 -1.11 1.51 3.52
C VAL A 111 -2.10 1.99 4.58
N ALA A 112 -3.35 1.57 4.47
CA ALA A 112 -4.39 1.96 5.42
C ALA A 112 -4.81 0.78 6.28
N ARG A 113 -5.46 1.06 7.40
CA ARG A 113 -5.93 0.03 8.31
C ARG A 113 -7.30 0.38 8.87
N GLU A 114 -8.10 -0.65 9.15
CA GLU A 114 -9.44 -0.44 9.69
C GLU A 114 -9.39 -0.19 11.18
N PRO A 115 -10.14 0.82 11.64
CA PRO A 115 -10.19 1.19 13.06
C PRO A 115 -10.90 0.14 13.91
N VAL A 116 -10.64 0.17 15.21
CA VAL A 116 -11.26 -0.77 16.14
C VAL A 116 -11.55 -2.10 15.45
N HIS A 117 -10.64 -2.52 14.57
CA HIS A 117 -10.81 -3.78 13.85
C HIS A 117 -10.92 -4.95 14.82
N THR A 118 -11.79 -5.90 14.48
CA THR A 118 -11.99 -7.08 15.32
C THR A 118 -10.94 -8.15 15.04
N LYS A 119 -10.44 -8.76 16.10
CA LYS A 119 -9.42 -9.80 15.97
C LYS A 119 -10.04 -11.11 15.49
N SER A 120 -10.12 -11.28 14.18
CA SER A 120 -10.70 -12.50 13.60
C SER A 120 -9.62 -13.33 12.92
N SER A 121 -10.00 -14.55 12.52
CA SER A 121 -9.07 -15.45 11.85
C SER A 121 -7.77 -15.56 12.63
N THR A 122 -7.88 -15.75 13.94
CA THR A 122 -6.71 -15.87 14.80
C THR A 122 -6.64 -17.24 15.45
N SER A 123 -5.67 -18.04 15.04
CA SER A 123 -5.49 -19.38 15.58
C SER A 123 -6.68 -20.27 15.22
N GLY A 124 -7.22 -20.06 14.02
CA GLY A 124 -8.36 -20.85 13.57
C GLY A 124 -7.94 -22.20 13.01
N PRO A 125 -7.35 -22.19 11.81
CA PRO A 125 -6.90 -23.41 11.14
C PRO A 125 -5.69 -24.03 11.83
N SER A 126 -5.54 -25.35 11.67
CA SER A 126 -4.43 -26.06 12.28
C SER A 126 -4.63 -26.19 13.78
N SER A 127 -5.86 -26.43 14.19
CA SER A 127 -6.19 -26.57 15.61
C SER A 127 -5.29 -27.60 16.27
N GLY A 128 -5.13 -27.48 17.58
CA GLY A 128 -4.29 -28.41 18.32
C GLY A 128 -3.08 -27.74 18.94
N GLY A 1 -10.81 12.36 -12.34
CA GLY A 1 -9.91 12.70 -13.42
C GLY A 1 -9.51 14.16 -13.41
N SER A 2 -9.10 14.67 -14.57
CA SER A 2 -8.68 16.06 -14.69
C SER A 2 -8.44 16.43 -16.15
N SER A 3 -8.49 17.73 -16.44
CA SER A 3 -8.27 18.22 -17.80
C SER A 3 -7.93 19.70 -17.79
N GLY A 4 -7.08 20.11 -18.72
CA GLY A 4 -6.68 21.51 -18.80
C GLY A 4 -5.20 21.71 -18.54
N SER A 5 -4.79 21.44 -17.31
CA SER A 5 -3.39 21.60 -16.92
C SER A 5 -2.91 20.42 -16.09
N SER A 6 -1.64 20.08 -16.23
CA SER A 6 -1.05 18.95 -15.50
C SER A 6 -0.51 19.41 -14.16
N GLY A 7 -1.34 19.34 -13.12
CA GLY A 7 -0.93 19.74 -11.79
C GLY A 7 -2.00 19.52 -10.76
N LEU A 8 -1.60 19.38 -9.49
CA LEU A 8 -2.54 19.17 -8.40
C LEU A 8 -3.37 20.41 -8.15
N GLY A 9 -4.68 20.30 -8.39
CA GLY A 9 -5.57 21.43 -8.19
C GLY A 9 -6.55 21.19 -7.05
N ASN A 10 -7.80 20.89 -7.41
CA ASN A 10 -8.83 20.64 -6.41
C ASN A 10 -8.34 19.68 -5.34
N GLU A 11 -7.86 18.51 -5.77
CA GLU A 11 -7.36 17.51 -4.84
C GLU A 11 -5.84 17.41 -4.93
N ASP A 12 -5.20 17.08 -3.81
CA ASP A 12 -3.75 16.94 -3.76
C ASP A 12 -3.35 15.60 -3.17
N PHE A 13 -2.07 15.26 -3.27
CA PHE A 13 -1.56 14.00 -2.75
C PHE A 13 -2.19 13.67 -1.40
N ASN A 14 -2.14 14.63 -0.49
CA ASN A 14 -2.71 14.46 0.85
C ASN A 14 -4.21 14.19 0.77
N SER A 15 -4.86 14.80 -0.22
CA SER A 15 -6.30 14.64 -0.40
C SER A 15 -6.62 13.27 -0.98
N VAL A 16 -6.07 12.98 -2.15
CA VAL A 16 -6.29 11.69 -2.81
C VAL A 16 -6.15 10.54 -1.83
N ILE A 17 -5.09 10.57 -1.03
CA ILE A 17 -4.84 9.52 -0.05
C ILE A 17 -5.96 9.47 0.99
N GLN A 18 -6.28 10.61 1.58
CA GLN A 18 -7.33 10.69 2.58
C GLN A 18 -8.66 10.22 2.01
N GLN A 19 -8.86 10.46 0.72
CA GLN A 19 -10.10 10.05 0.05
C GLN A 19 -10.13 8.55 -0.17
N MET A 20 -8.99 7.99 -0.56
CA MET A 20 -8.89 6.55 -0.81
C MET A 20 -8.99 5.77 0.49
N ALA A 21 -8.40 6.32 1.55
CA ALA A 21 -8.42 5.67 2.85
C ALA A 21 -9.84 5.63 3.42
N GLN A 22 -10.62 6.67 3.14
CA GLN A 22 -12.00 6.74 3.62
C GLN A 22 -12.04 6.68 5.15
N GLY A 23 -11.12 7.40 5.79
CA GLY A 23 -11.08 7.40 7.24
C GLY A 23 -10.14 6.34 7.80
N ARG A 24 -9.99 5.25 7.06
CA ARG A 24 -9.11 4.16 7.49
C ARG A 24 -7.78 4.69 8.00
N GLN A 25 -7.30 4.14 9.11
CA GLN A 25 -6.03 4.56 9.69
C GLN A 25 -4.88 4.30 8.73
N ILE A 26 -4.25 5.38 8.26
CA ILE A 26 -3.14 5.28 7.34
C ILE A 26 -1.82 5.12 8.09
N GLU A 27 -0.92 4.30 7.54
CA GLU A 27 0.37 4.07 8.15
C GLU A 27 1.48 4.06 7.10
N TYR A 28 2.51 4.88 7.33
CA TYR A 28 3.64 4.97 6.39
C TYR A 28 4.56 3.76 6.54
N ILE A 29 4.43 2.81 5.63
CA ILE A 29 5.25 1.62 5.65
C ILE A 29 6.50 1.79 4.79
N ASP A 30 7.64 2.00 5.43
CA ASP A 30 8.90 2.18 4.71
C ASP A 30 9.63 0.85 4.56
N ILE A 31 10.16 0.60 3.36
CA ILE A 31 10.89 -0.63 3.10
C ILE A 31 12.21 -0.35 2.40
N GLU A 32 13.28 -0.96 2.91
CA GLU A 32 14.61 -0.77 2.34
C GLU A 32 14.87 -1.80 1.24
N ARG A 33 14.68 -1.39 0.00
CA ARG A 33 14.89 -2.28 -1.14
C ARG A 33 16.23 -2.99 -1.02
N PRO A 34 16.19 -4.34 -1.07
CA PRO A 34 17.38 -5.18 -0.96
C PRO A 34 18.27 -5.07 -2.20
N SER A 35 19.49 -5.58 -2.08
CA SER A 35 20.44 -5.53 -3.18
C SER A 35 20.13 -6.62 -4.21
N THR A 36 20.03 -7.86 -3.74
CA THR A 36 19.74 -8.99 -4.60
C THR A 36 18.32 -9.52 -4.37
N GLY A 37 17.96 -9.65 -3.10
CA GLY A 37 16.64 -10.15 -2.76
C GLY A 37 15.53 -9.25 -3.26
N GLY A 38 14.33 -9.43 -2.72
CA GLY A 38 13.19 -8.63 -3.14
C GLY A 38 12.43 -8.06 -1.97
N LEU A 39 11.50 -7.15 -2.25
CA LEU A 39 10.69 -6.53 -1.22
C LEU A 39 10.35 -7.52 -0.12
N GLY A 40 10.07 -8.76 -0.51
CA GLY A 40 9.73 -9.80 0.45
C GLY A 40 8.25 -9.88 0.72
N PHE A 41 7.47 -9.15 -0.08
CA PHE A 41 6.02 -9.15 0.09
C PHE A 41 5.32 -9.10 -1.27
N SER A 42 4.33 -9.98 -1.44
CA SER A 42 3.59 -10.05 -2.70
C SER A 42 2.37 -9.14 -2.66
N VAL A 43 1.79 -8.90 -3.82
CA VAL A 43 0.61 -8.03 -3.92
C VAL A 43 -0.44 -8.64 -4.84
N VAL A 44 -1.70 -8.40 -4.53
CA VAL A 44 -2.81 -8.92 -5.34
C VAL A 44 -3.62 -7.79 -5.97
N ALA A 45 -3.92 -7.93 -7.26
CA ALA A 45 -4.69 -6.93 -7.97
C ALA A 45 -6.19 -7.24 -7.93
N LEU A 46 -6.95 -6.37 -7.28
CA LEU A 46 -8.39 -6.56 -7.17
C LEU A 46 -9.14 -5.25 -7.45
N ARG A 47 -9.93 -5.23 -8.51
CA ARG A 47 -10.69 -4.05 -8.89
C ARG A 47 -11.36 -3.42 -7.66
N SER A 48 -11.04 -2.16 -7.40
CA SER A 48 -11.60 -1.46 -6.26
C SER A 48 -13.11 -1.27 -6.41
N GLN A 49 -13.79 -0.97 -5.32
CA GLN A 49 -15.23 -0.77 -5.33
C GLN A 49 -15.58 0.71 -5.50
N ASN A 50 -14.81 1.40 -6.31
CA ASN A 50 -15.03 2.82 -6.55
C ASN A 50 -15.41 3.07 -8.01
N LEU A 51 -14.42 3.06 -8.89
CA LEU A 51 -14.64 3.28 -10.31
C LEU A 51 -13.34 3.14 -11.10
N GLY A 52 -13.40 2.39 -12.20
CA GLY A 52 -12.23 2.18 -13.02
C GLY A 52 -10.94 2.31 -12.23
N LYS A 53 -10.62 1.30 -11.44
CA LYS A 53 -9.40 1.30 -10.64
C LYS A 53 -9.22 -0.03 -9.93
N VAL A 54 -8.00 -0.29 -9.46
CA VAL A 54 -7.68 -1.53 -8.76
C VAL A 54 -7.08 -1.25 -7.39
N ASP A 55 -7.20 -2.21 -6.48
CA ASP A 55 -6.67 -2.07 -5.14
C ASP A 55 -5.53 -3.06 -4.90
N ILE A 56 -4.35 -2.54 -4.62
CA ILE A 56 -3.18 -3.37 -4.37
C ILE A 56 -3.05 -3.72 -2.90
N PHE A 57 -3.27 -4.99 -2.57
CA PHE A 57 -3.17 -5.46 -1.20
C PHE A 57 -1.92 -6.30 -0.99
N VAL A 58 -1.27 -6.12 0.16
CA VAL A 58 -0.05 -6.86 0.48
C VAL A 58 -0.39 -8.29 0.94
N LYS A 59 -0.06 -9.26 0.11
CA LYS A 59 -0.32 -10.66 0.43
C LYS A 59 0.98 -11.44 0.60
N ASP A 60 0.92 -12.52 1.37
CA ASP A 60 2.09 -13.35 1.61
C ASP A 60 3.21 -12.52 2.25
N VAL A 61 2.87 -11.80 3.30
CA VAL A 61 3.85 -10.97 4.00
C VAL A 61 4.85 -11.82 4.77
N GLN A 62 5.96 -12.15 4.12
CA GLN A 62 7.00 -12.96 4.73
C GLN A 62 7.51 -12.32 6.02
N PRO A 63 7.33 -13.02 7.15
CA PRO A 63 7.76 -12.54 8.46
C PRO A 63 9.29 -12.51 8.59
N GLY A 64 9.98 -13.10 7.63
CA GLY A 64 11.43 -13.13 7.65
C GLY A 64 12.04 -12.47 6.43
N SER A 65 11.43 -11.38 5.97
CA SER A 65 11.92 -10.66 4.80
C SER A 65 11.89 -9.16 5.03
N VAL A 66 12.86 -8.46 4.46
CA VAL A 66 12.94 -7.01 4.60
C VAL A 66 11.54 -6.38 4.64
N ALA A 67 10.64 -6.90 3.83
CA ALA A 67 9.27 -6.41 3.77
C ALA A 67 8.81 -5.92 5.14
N ASP A 68 8.91 -6.80 6.13
CA ASP A 68 8.50 -6.47 7.50
C ASP A 68 9.70 -6.45 8.43
N ARG A 69 10.39 -7.59 8.53
CA ARG A 69 11.56 -7.71 9.39
C ARG A 69 12.34 -6.40 9.42
N ASP A 70 12.52 -5.79 8.26
CA ASP A 70 13.26 -4.54 8.14
C ASP A 70 12.70 -3.50 9.12
N GLN A 71 11.44 -3.14 8.95
CA GLN A 71 10.78 -2.16 9.81
C GLN A 71 9.46 -2.70 10.35
N ARG A 72 8.45 -2.75 9.48
CA ARG A 72 7.14 -3.24 9.87
C ARG A 72 6.20 -3.31 8.66
N LEU A 73 5.27 -4.25 8.70
CA LEU A 73 4.31 -4.43 7.61
C LEU A 73 3.30 -5.52 7.95
N LYS A 74 2.03 -5.25 7.65
CA LYS A 74 0.96 -6.20 7.93
C LYS A 74 0.35 -6.72 6.62
N GLU A 75 -0.36 -7.84 6.71
CA GLU A 75 -0.98 -8.44 5.54
C GLU A 75 -2.30 -7.73 5.20
N ASN A 76 -2.75 -7.90 3.96
CA ASN A 76 -4.00 -7.28 3.52
C ASN A 76 -3.91 -5.76 3.63
N ASP A 77 -2.71 -5.22 3.43
CA ASP A 77 -2.50 -3.78 3.50
C ASP A 77 -2.65 -3.13 2.13
N GLN A 78 -3.75 -2.43 1.93
CA GLN A 78 -4.02 -1.77 0.66
C GLN A 78 -3.08 -0.58 0.46
N ILE A 79 -2.17 -0.70 -0.50
CA ILE A 79 -1.22 0.37 -0.80
C ILE A 79 -1.89 1.52 -1.53
N LEU A 80 -2.08 2.63 -0.83
CA LEU A 80 -2.70 3.81 -1.42
C LEU A 80 -1.73 4.55 -2.33
N ALA A 81 -0.52 4.78 -1.84
CA ALA A 81 0.51 5.47 -2.61
C ALA A 81 1.85 4.75 -2.50
N ILE A 82 2.69 4.92 -3.53
CA ILE A 82 3.99 4.29 -3.56
C ILE A 82 5.08 5.29 -3.93
N ASN A 83 6.08 5.42 -3.07
CA ASN A 83 7.19 6.35 -3.32
C ASN A 83 6.67 7.71 -3.75
N HIS A 84 5.69 8.22 -3.02
CA HIS A 84 5.09 9.52 -3.32
C HIS A 84 4.34 9.47 -4.64
N THR A 85 3.40 8.54 -4.74
CA THR A 85 2.59 8.39 -5.95
C THR A 85 1.34 7.56 -5.69
N PRO A 86 0.18 8.23 -5.61
CA PRO A 86 -1.10 7.58 -5.36
C PRO A 86 -1.56 6.72 -6.55
N LEU A 87 -2.16 5.58 -6.25
CA LEU A 87 -2.64 4.67 -7.29
C LEU A 87 -4.12 4.92 -7.58
N ASP A 88 -4.49 6.19 -7.67
CA ASP A 88 -5.87 6.56 -7.96
C ASP A 88 -6.33 5.96 -9.29
N GLN A 89 -7.60 6.19 -9.61
CA GLN A 89 -8.17 5.68 -10.86
C GLN A 89 -7.19 5.88 -12.02
N ASN A 90 -6.34 6.88 -11.90
CA ASN A 90 -5.36 7.17 -12.94
C ASN A 90 -4.40 6.00 -13.14
N ILE A 91 -3.87 5.49 -12.04
CA ILE A 91 -2.94 4.36 -12.10
C ILE A 91 -3.67 3.04 -11.86
N SER A 92 -3.42 2.08 -12.74
CA SER A 92 -4.05 0.77 -12.64
C SER A 92 -3.23 -0.16 -11.76
N HIS A 93 -3.65 -1.42 -11.67
CA HIS A 93 -2.96 -2.41 -10.86
C HIS A 93 -1.55 -2.66 -11.41
N GLN A 94 -1.44 -2.76 -12.73
CA GLN A 94 -0.14 -3.00 -13.37
C GLN A 94 0.88 -1.95 -12.93
N GLN A 95 0.62 -0.69 -13.30
CA GLN A 95 1.52 0.41 -12.94
C GLN A 95 2.01 0.27 -11.51
N ALA A 96 1.07 0.04 -10.59
CA ALA A 96 1.40 -0.11 -9.18
C ALA A 96 2.57 -1.07 -8.99
N ILE A 97 2.46 -2.26 -9.57
CA ILE A 97 3.50 -3.26 -9.45
C ILE A 97 4.84 -2.72 -9.97
N ALA A 98 4.80 -2.08 -11.13
CA ALA A 98 6.01 -1.51 -11.71
C ALA A 98 6.75 -0.61 -10.72
N LEU A 99 6.00 0.29 -10.09
CA LEU A 99 6.57 1.22 -9.11
C LEU A 99 7.47 0.47 -8.14
N LEU A 100 6.99 -0.66 -7.64
CA LEU A 100 7.76 -1.47 -6.69
C LEU A 100 8.90 -2.20 -7.39
N GLN A 101 8.59 -2.86 -8.50
CA GLN A 101 9.60 -3.59 -9.25
C GLN A 101 10.63 -2.64 -9.84
N GLN A 102 10.33 -1.35 -9.82
CA GLN A 102 11.23 -0.34 -10.35
C GLN A 102 11.90 0.43 -9.21
N THR A 103 11.11 1.22 -8.50
CA THR A 103 11.63 2.02 -7.39
C THR A 103 12.74 1.28 -6.66
N THR A 104 13.93 1.87 -6.65
CA THR A 104 15.08 1.26 -5.99
C THR A 104 15.29 1.86 -4.60
N GLY A 105 16.26 1.32 -3.87
CA GLY A 105 16.54 1.80 -2.53
C GLY A 105 15.28 2.04 -1.72
N SER A 106 15.38 2.85 -0.68
CA SER A 106 14.23 3.15 0.18
C SER A 106 12.94 3.16 -0.63
N LEU A 107 11.92 2.51 -0.10
CA LEU A 107 10.62 2.43 -0.76
C LEU A 107 9.49 2.73 0.22
N ARG A 108 8.94 3.93 0.15
CA ARG A 108 7.86 4.33 1.03
C ARG A 108 6.52 3.82 0.49
N LEU A 109 5.78 3.11 1.35
CA LEU A 109 4.48 2.58 0.96
C LEU A 109 3.40 3.00 1.95
N ILE A 110 2.45 3.79 1.46
CA ILE A 110 1.35 4.28 2.30
C ILE A 110 0.15 3.36 2.21
N VAL A 111 0.00 2.50 3.21
CA VAL A 111 -1.12 1.56 3.26
C VAL A 111 -2.17 1.99 4.27
N ALA A 112 -3.39 1.51 4.10
CA ALA A 112 -4.48 1.85 5.01
C ALA A 112 -4.72 0.73 6.02
N ARG A 113 -5.30 1.08 7.15
CA ARG A 113 -5.58 0.11 8.20
C ARG A 113 -7.05 0.17 8.62
N GLU A 114 -7.54 -0.95 9.16
CA GLU A 114 -8.93 -1.03 9.60
C GLU A 114 -9.03 -1.04 11.12
N PRO A 115 -9.94 -0.22 11.65
CA PRO A 115 -10.15 -0.10 13.10
C PRO A 115 -10.79 -1.36 13.69
N VAL A 116 -11.03 -1.33 14.99
CA VAL A 116 -11.63 -2.47 15.68
C VAL A 116 -13.15 -2.32 15.76
N HIS A 117 -13.86 -3.32 15.26
CA HIS A 117 -15.32 -3.31 15.28
C HIS A 117 -15.88 -4.66 15.72
N THR A 118 -17.20 -4.76 15.78
CA THR A 118 -17.85 -5.99 16.20
C THR A 118 -18.74 -6.55 15.08
N LYS A 119 -18.24 -6.47 13.85
CA LYS A 119 -18.98 -6.97 12.69
C LYS A 119 -19.78 -8.21 13.06
N SER A 120 -19.12 -9.19 13.63
CA SER A 120 -19.77 -10.45 14.03
C SER A 120 -19.08 -11.07 15.24
N SER A 121 -19.80 -11.94 15.93
CA SER A 121 -19.26 -12.60 17.11
C SER A 121 -19.20 -14.11 16.91
N THR A 122 -18.66 -14.81 17.90
CA THR A 122 -18.54 -16.26 17.83
C THR A 122 -18.11 -16.72 16.44
N SER A 123 -17.19 -15.98 15.84
CA SER A 123 -16.69 -16.30 14.50
C SER A 123 -15.69 -17.45 14.56
N GLY A 124 -16.19 -18.68 14.65
CA GLY A 124 -15.33 -19.84 14.70
C GLY A 124 -15.11 -20.46 13.34
N PRO A 125 -13.91 -20.25 12.77
CA PRO A 125 -13.55 -20.79 11.46
C PRO A 125 -13.37 -22.31 11.49
N SER A 126 -12.97 -22.87 10.35
CA SER A 126 -12.76 -24.31 10.25
C SER A 126 -11.29 -24.67 10.47
N SER A 127 -11.04 -25.94 10.75
CA SER A 127 -9.68 -26.42 10.99
C SER A 127 -8.87 -26.39 9.70
N GLY A 128 -9.43 -26.96 8.64
CA GLY A 128 -8.74 -27.00 7.37
C GLY A 128 -7.26 -27.27 7.52
N GLY A 1 7.22 10.66 -23.11
CA GLY A 1 7.37 10.07 -21.81
C GLY A 1 6.56 10.78 -20.74
N SER A 2 6.52 12.10 -20.81
CA SER A 2 5.77 12.89 -19.84
C SER A 2 5.61 14.33 -20.33
N SER A 3 4.35 14.77 -20.44
CA SER A 3 4.05 16.12 -20.89
C SER A 3 4.65 17.15 -19.96
N GLY A 4 4.44 16.96 -18.66
CA GLY A 4 4.97 17.89 -17.68
C GLY A 4 3.87 18.57 -16.88
N SER A 5 3.93 18.42 -15.56
CA SER A 5 2.93 19.03 -14.68
C SER A 5 3.60 19.89 -13.61
N SER A 6 2.95 20.99 -13.27
CA SER A 6 3.49 21.90 -12.26
C SER A 6 3.12 21.44 -10.85
N GLY A 7 1.82 21.51 -10.54
CA GLY A 7 1.35 21.09 -9.23
C GLY A 7 0.45 19.87 -9.30
N LEU A 8 -0.42 19.72 -8.31
CA LEU A 8 -1.34 18.60 -8.25
C LEU A 8 -2.54 18.83 -9.16
N GLY A 9 -3.42 19.74 -8.73
CA GLY A 9 -4.61 20.04 -9.50
C GLY A 9 -5.88 19.78 -8.75
N ASN A 10 -6.91 19.34 -9.46
CA ASN A 10 -8.21 19.05 -8.84
C ASN A 10 -8.01 18.37 -7.49
N GLU A 11 -7.57 17.11 -7.52
CA GLU A 11 -7.34 16.35 -6.29
C GLU A 11 -5.88 16.39 -5.88
N ASP A 12 -5.64 16.67 -4.61
CA ASP A 12 -4.27 16.74 -4.09
C ASP A 12 -3.84 15.40 -3.51
N PHE A 13 -2.54 15.12 -3.58
CA PHE A 13 -2.00 13.87 -3.07
C PHE A 13 -2.54 13.57 -1.66
N ASN A 14 -2.58 14.61 -0.83
CA ASN A 14 -3.07 14.45 0.54
C ASN A 14 -4.56 14.16 0.56
N SER A 15 -5.25 14.55 -0.52
CA SER A 15 -6.68 14.31 -0.62
C SER A 15 -6.97 12.91 -1.15
N VAL A 16 -6.38 12.58 -2.29
CA VAL A 16 -6.58 11.28 -2.91
C VAL A 16 -6.37 10.16 -1.89
N ILE A 17 -5.31 10.29 -1.10
CA ILE A 17 -5.00 9.29 -0.08
C ILE A 17 -6.09 9.23 0.99
N GLN A 18 -6.54 10.40 1.42
CA GLN A 18 -7.58 10.49 2.44
C GLN A 18 -8.89 9.91 1.93
N GLN A 19 -9.09 9.96 0.61
CA GLN A 19 -10.30 9.45 -0.01
C GLN A 19 -10.24 7.93 -0.15
N MET A 20 -9.05 7.41 -0.44
CA MET A 20 -8.86 5.98 -0.60
C MET A 20 -8.86 5.28 0.75
N ALA A 21 -8.34 5.96 1.77
CA ALA A 21 -8.28 5.40 3.10
C ALA A 21 -9.67 5.27 3.71
N GLN A 22 -10.57 6.17 3.32
CA GLN A 22 -11.94 6.16 3.81
C GLN A 22 -11.96 6.22 5.34
N GLY A 23 -11.16 7.12 5.89
CA GLY A 23 -11.10 7.27 7.34
C GLY A 23 -10.10 6.33 7.99
N ARG A 24 -9.86 5.20 7.33
CA ARG A 24 -8.92 4.20 7.84
C ARG A 24 -7.61 4.86 8.25
N GLN A 25 -7.02 4.37 9.34
CA GLN A 25 -5.76 4.91 9.84
C GLN A 25 -4.63 4.64 8.86
N ILE A 26 -4.06 5.70 8.30
CA ILE A 26 -2.96 5.58 7.35
C ILE A 26 -1.62 5.47 8.08
N GLU A 27 -0.74 4.62 7.55
CA GLU A 27 0.58 4.43 8.14
C GLU A 27 1.66 4.46 7.07
N TYR A 28 2.82 5.01 7.43
CA TYR A 28 3.94 5.10 6.50
C TYR A 28 4.91 3.95 6.69
N ILE A 29 4.85 2.97 5.80
CA ILE A 29 5.73 1.82 5.87
C ILE A 29 7.01 2.03 5.06
N ASP A 30 8.09 2.36 5.76
CA ASP A 30 9.37 2.59 5.10
C ASP A 30 10.15 1.29 4.95
N ILE A 31 10.17 0.75 3.74
CA ILE A 31 10.88 -0.49 3.48
C ILE A 31 12.27 -0.22 2.90
N GLU A 32 13.23 -1.04 3.27
CA GLU A 32 14.60 -0.89 2.79
C GLU A 32 14.93 -1.95 1.75
N ARG A 33 14.81 -1.59 0.48
CA ARG A 33 15.10 -2.51 -0.61
C ARG A 33 16.41 -3.24 -0.38
N PRO A 34 16.35 -4.59 -0.34
CA PRO A 34 17.53 -5.43 -0.13
C PRO A 34 18.48 -5.41 -1.31
N SER A 35 19.45 -6.32 -1.31
CA SER A 35 20.42 -6.41 -2.39
C SER A 35 20.39 -7.80 -3.05
N THR A 36 20.05 -8.80 -2.25
CA THR A 36 19.98 -10.18 -2.75
C THR A 36 18.55 -10.55 -3.14
N GLY A 37 17.68 -10.67 -2.14
CA GLY A 37 16.30 -11.03 -2.40
C GLY A 37 15.50 -9.85 -2.94
N GLY A 38 14.46 -9.46 -2.21
CA GLY A 38 13.63 -8.35 -2.63
C GLY A 38 12.69 -7.88 -1.54
N LEU A 39 11.68 -7.11 -1.93
CA LEU A 39 10.70 -6.59 -0.97
C LEU A 39 10.23 -7.69 -0.02
N GLY A 40 10.27 -8.93 -0.49
CA GLY A 40 9.85 -10.05 0.33
C GLY A 40 8.35 -10.08 0.55
N PHE A 41 7.63 -9.25 -0.20
CA PHE A 41 6.18 -9.17 -0.08
C PHE A 41 5.53 -8.95 -1.44
N SER A 42 4.47 -9.69 -1.71
CA SER A 42 3.76 -9.59 -2.99
C SER A 42 2.51 -8.73 -2.84
N VAL A 43 1.82 -8.48 -3.96
CA VAL A 43 0.61 -7.68 -3.95
C VAL A 43 -0.44 -8.27 -4.87
N VAL A 44 -1.71 -7.98 -4.58
CA VAL A 44 -2.82 -8.48 -5.38
C VAL A 44 -3.64 -7.33 -5.95
N ALA A 45 -4.12 -7.51 -7.18
CA ALA A 45 -4.92 -6.50 -7.85
C ALA A 45 -6.41 -6.84 -7.78
N LEU A 46 -7.19 -5.93 -7.21
CA LEU A 46 -8.63 -6.15 -7.08
C LEU A 46 -9.39 -4.88 -7.47
N ARG A 47 -10.09 -4.95 -8.60
CA ARG A 47 -10.88 -3.82 -9.08
C ARG A 47 -11.89 -3.37 -8.04
N SER A 48 -11.77 -2.12 -7.60
CA SER A 48 -12.67 -1.57 -6.60
C SER A 48 -14.03 -1.25 -7.21
N GLN A 49 -15.09 -1.68 -6.53
CA GLN A 49 -16.45 -1.45 -7.00
C GLN A 49 -16.58 -0.05 -7.61
N ASN A 50 -15.75 0.88 -7.13
CA ASN A 50 -15.78 2.25 -7.63
C ASN A 50 -15.43 2.30 -9.10
N LEU A 51 -15.34 3.51 -9.65
CA LEU A 51 -15.02 3.69 -11.05
C LEU A 51 -13.74 2.94 -11.43
N GLY A 52 -13.33 3.06 -12.69
CA GLY A 52 -12.13 2.39 -13.14
C GLY A 52 -10.96 2.60 -12.21
N LYS A 53 -10.81 1.70 -11.25
CA LYS A 53 -9.71 1.79 -10.28
C LYS A 53 -9.45 0.44 -9.62
N VAL A 54 -8.19 0.17 -9.33
CA VAL A 54 -7.81 -1.09 -8.70
C VAL A 54 -7.18 -0.86 -7.32
N ASP A 55 -7.37 -1.82 -6.43
CA ASP A 55 -6.83 -1.71 -5.08
C ASP A 55 -5.67 -2.69 -4.88
N ILE A 56 -4.51 -2.15 -4.52
CA ILE A 56 -3.32 -2.97 -4.31
C ILE A 56 -3.16 -3.31 -2.83
N PHE A 57 -3.25 -4.60 -2.52
CA PHE A 57 -3.11 -5.07 -1.15
C PHE A 57 -1.83 -5.88 -0.98
N VAL A 58 -1.34 -5.96 0.26
CA VAL A 58 -0.14 -6.71 0.56
C VAL A 58 -0.45 -8.17 0.87
N LYS A 59 0.09 -9.08 0.06
CA LYS A 59 -0.14 -10.51 0.26
C LYS A 59 1.19 -11.27 0.30
N ASP A 60 1.12 -12.52 0.71
CA ASP A 60 2.32 -13.37 0.78
C ASP A 60 3.43 -12.65 1.54
N VAL A 61 3.11 -12.11 2.70
CA VAL A 61 4.08 -11.40 3.51
C VAL A 61 5.06 -12.37 4.18
N GLN A 62 6.20 -12.59 3.53
CA GLN A 62 7.21 -13.50 4.06
C GLN A 62 7.65 -13.07 5.45
N PRO A 63 7.55 -13.99 6.43
CA PRO A 63 7.94 -13.73 7.81
C PRO A 63 9.45 -13.59 7.98
N GLY A 64 10.18 -13.69 6.86
CA GLY A 64 11.62 -13.57 6.90
C GLY A 64 12.14 -12.58 5.89
N SER A 65 11.67 -11.34 5.97
CA SER A 65 12.09 -10.29 5.04
C SER A 65 11.70 -8.92 5.56
N VAL A 66 12.26 -7.88 4.95
CA VAL A 66 11.97 -6.51 5.36
C VAL A 66 10.53 -6.37 5.83
N ALA A 67 9.60 -6.81 5.00
CA ALA A 67 8.18 -6.74 5.33
C ALA A 67 7.96 -6.81 6.83
N ASP A 68 8.65 -7.73 7.49
CA ASP A 68 8.55 -7.90 8.94
C ASP A 68 9.79 -7.37 9.65
N ARG A 69 10.90 -8.08 9.47
CA ARG A 69 12.16 -7.69 10.09
C ARG A 69 12.32 -6.17 10.09
N ASP A 70 11.80 -5.54 9.04
CA ASP A 70 11.89 -4.09 8.90
C ASP A 70 10.93 -3.39 9.87
N GLN A 71 10.85 -2.07 9.75
CA GLN A 71 9.97 -1.29 10.61
C GLN A 71 8.71 -2.08 10.98
N ARG A 72 7.82 -2.24 9.99
CA ARG A 72 6.58 -2.98 10.21
C ARG A 72 5.79 -3.10 8.92
N LEU A 73 5.01 -4.17 8.80
CA LEU A 73 4.20 -4.40 7.61
C LEU A 73 3.30 -5.62 7.79
N LYS A 74 2.00 -5.39 7.79
CA LYS A 74 1.03 -6.48 7.96
C LYS A 74 0.39 -6.84 6.63
N GLU A 75 -0.26 -7.99 6.58
CA GLU A 75 -0.92 -8.45 5.36
C GLU A 75 -2.22 -7.68 5.12
N ASN A 76 -2.75 -7.78 3.90
CA ASN A 76 -3.98 -7.10 3.54
C ASN A 76 -3.83 -5.59 3.67
N ASP A 77 -2.60 -5.12 3.51
CA ASP A 77 -2.32 -3.69 3.60
C ASP A 77 -2.51 -3.01 2.24
N GLN A 78 -3.64 -2.34 2.07
CA GLN A 78 -3.95 -1.65 0.83
C GLN A 78 -3.01 -0.46 0.62
N ILE A 79 -2.06 -0.63 -0.28
CA ILE A 79 -1.10 0.44 -0.58
C ILE A 79 -1.78 1.61 -1.29
N LEU A 80 -1.94 2.71 -0.58
CA LEU A 80 -2.57 3.90 -1.13
C LEU A 80 -1.63 4.61 -2.10
N ALA A 81 -0.37 4.74 -1.71
CA ALA A 81 0.64 5.39 -2.54
C ALA A 81 1.97 4.67 -2.46
N ILE A 82 2.77 4.80 -3.51
CA ILE A 82 4.08 4.15 -3.56
C ILE A 82 5.17 5.14 -3.97
N ASN A 83 6.01 5.50 -3.02
CA ASN A 83 7.10 6.44 -3.29
C ASN A 83 6.55 7.78 -3.80
N HIS A 84 5.62 8.36 -3.04
CA HIS A 84 5.01 9.63 -3.41
C HIS A 84 4.22 9.51 -4.70
N THR A 85 3.32 8.52 -4.74
CA THR A 85 2.49 8.30 -5.92
C THR A 85 1.28 7.45 -5.58
N PRO A 86 0.10 8.08 -5.52
CA PRO A 86 -1.16 7.40 -5.21
C PRO A 86 -1.61 6.48 -6.33
N LEU A 87 -2.17 5.33 -5.96
CA LEU A 87 -2.66 4.37 -6.94
C LEU A 87 -4.15 4.51 -7.15
N ASP A 88 -4.60 5.73 -7.38
CA ASP A 88 -6.02 6.00 -7.61
C ASP A 88 -6.40 5.72 -9.06
N GLN A 89 -7.64 6.03 -9.42
CA GLN A 89 -8.13 5.81 -10.77
C GLN A 89 -7.06 6.14 -11.81
N ASN A 90 -6.18 7.08 -11.46
CA ASN A 90 -5.11 7.49 -12.35
C ASN A 90 -4.22 6.31 -12.71
N ILE A 91 -3.66 5.67 -11.69
CA ILE A 91 -2.79 4.52 -11.90
C ILE A 91 -3.53 3.20 -11.67
N SER A 92 -3.30 2.23 -12.54
CA SER A 92 -3.94 0.93 -12.43
C SER A 92 -3.14 -0.01 -11.54
N HIS A 93 -3.58 -1.26 -11.46
CA HIS A 93 -2.90 -2.26 -10.64
C HIS A 93 -1.49 -2.53 -11.16
N GLN A 94 -1.38 -2.72 -12.47
CA GLN A 94 -0.09 -2.98 -13.10
C GLN A 94 0.96 -1.96 -12.64
N GLN A 95 0.79 -0.72 -13.08
CA GLN A 95 1.71 0.35 -12.72
C GLN A 95 2.14 0.22 -11.27
N ALA A 96 1.16 0.10 -10.37
CA ALA A 96 1.45 -0.03 -8.95
C ALA A 96 2.55 -1.06 -8.70
N ILE A 97 2.43 -2.21 -9.34
CA ILE A 97 3.40 -3.28 -9.19
C ILE A 97 4.77 -2.86 -9.70
N ALA A 98 4.78 -2.17 -10.84
CA ALA A 98 6.01 -1.70 -11.45
C ALA A 98 6.77 -0.77 -10.49
N LEU A 99 6.11 0.28 -10.05
CA LEU A 99 6.72 1.25 -9.13
C LEU A 99 7.58 0.54 -8.10
N LEU A 100 7.13 -0.63 -7.66
CA LEU A 100 7.87 -1.41 -6.67
C LEU A 100 9.06 -2.12 -7.32
N GLN A 101 8.77 -3.03 -8.24
CA GLN A 101 9.82 -3.78 -8.93
C GLN A 101 10.81 -2.83 -9.60
N GLN A 102 10.41 -1.57 -9.73
CA GLN A 102 11.26 -0.55 -10.35
C GLN A 102 12.01 0.27 -9.31
N THR A 103 11.24 0.98 -8.49
CA THR A 103 11.82 1.81 -7.44
C THR A 103 12.96 1.10 -6.73
N THR A 104 14.19 1.60 -6.91
CA THR A 104 15.36 1.00 -6.29
C THR A 104 15.65 1.63 -4.94
N GLY A 105 16.27 0.86 -4.05
CA GLY A 105 16.60 1.38 -2.73
C GLY A 105 15.37 1.60 -1.87
N SER A 106 15.52 2.39 -0.82
CA SER A 106 14.42 2.69 0.09
C SER A 106 13.09 2.75 -0.68
N LEU A 107 12.17 1.86 -0.32
CA LEU A 107 10.87 1.82 -0.97
C LEU A 107 9.75 2.16 0.03
N ARG A 108 9.22 3.37 -0.08
CA ARG A 108 8.15 3.81 0.80
C ARG A 108 6.80 3.30 0.32
N LEU A 109 5.94 2.92 1.26
CA LEU A 109 4.61 2.41 0.92
C LEU A 109 3.58 2.89 1.94
N ILE A 110 2.69 3.77 1.51
CA ILE A 110 1.64 4.30 2.38
C ILE A 110 0.41 3.40 2.36
N VAL A 111 0.27 2.58 3.38
CA VAL A 111 -0.88 1.67 3.48
C VAL A 111 -1.87 2.16 4.54
N ALA A 112 -3.11 1.69 4.43
CA ALA A 112 -4.14 2.07 5.39
C ALA A 112 -4.62 0.87 6.19
N ARG A 113 -5.14 1.12 7.38
CA ARG A 113 -5.64 0.06 8.26
C ARG A 113 -6.99 0.43 8.85
N GLU A 114 -7.84 -0.58 9.04
CA GLU A 114 -9.17 -0.36 9.60
C GLU A 114 -9.13 -0.40 11.13
N PRO A 115 -9.80 0.55 11.77
CA PRO A 115 -9.86 0.66 13.23
C PRO A 115 -10.67 -0.48 13.85
N VAL A 116 -10.78 -0.45 15.18
CA VAL A 116 -11.53 -1.47 15.90
C VAL A 116 -12.85 -0.92 16.41
N HIS A 117 -13.89 -1.75 16.41
CA HIS A 117 -15.21 -1.35 16.87
C HIS A 117 -15.47 -1.90 18.27
N THR A 118 -15.61 -3.21 18.38
CA THR A 118 -15.88 -3.85 19.66
C THR A 118 -14.67 -4.67 20.12
N LYS A 119 -14.44 -4.69 21.43
CA LYS A 119 -13.33 -5.44 22.00
C LYS A 119 -13.79 -6.78 22.55
N SER A 120 -12.86 -7.71 22.71
CA SER A 120 -13.17 -9.03 23.23
C SER A 120 -12.00 -9.60 24.03
N SER A 121 -12.29 -10.58 24.87
CA SER A 121 -11.27 -11.20 25.71
C SER A 121 -10.96 -12.62 25.23
N THR A 122 -9.69 -12.87 24.95
CA THR A 122 -9.26 -14.19 24.48
C THR A 122 -8.52 -14.95 25.58
N SER A 123 -8.53 -16.27 25.49
CA SER A 123 -7.87 -17.11 26.47
C SER A 123 -6.58 -17.70 25.89
N GLY A 124 -5.51 -17.63 26.68
CA GLY A 124 -4.23 -18.17 26.23
C GLY A 124 -3.07 -17.29 26.65
N PRO A 125 -1.93 -17.94 26.99
CA PRO A 125 -0.73 -17.23 27.41
C PRO A 125 -0.07 -16.46 26.27
N SER A 126 0.75 -15.48 26.62
CA SER A 126 1.44 -14.67 25.61
C SER A 126 2.74 -14.11 26.18
N SER A 127 3.86 -14.54 25.59
CA SER A 127 5.18 -14.08 26.03
C SER A 127 6.12 -13.93 24.85
N GLY A 128 6.77 -12.78 24.75
CA GLY A 128 7.69 -12.52 23.67
C GLY A 128 6.99 -12.42 22.32
N GLY A 1 -4.37 11.37 -26.07
CA GLY A 1 -3.85 11.37 -24.71
C GLY A 1 -3.10 12.64 -24.38
N SER A 2 -2.07 12.53 -23.54
CA SER A 2 -1.27 13.68 -23.15
C SER A 2 0.20 13.29 -22.99
N SER A 3 1.06 14.30 -22.97
CA SER A 3 2.49 14.07 -22.83
C SER A 3 2.91 14.07 -21.36
N GLY A 4 2.10 13.44 -20.53
CA GLY A 4 2.39 13.39 -19.10
C GLY A 4 2.12 14.70 -18.40
N SER A 5 1.08 14.71 -17.56
CA SER A 5 0.70 15.92 -16.84
C SER A 5 1.63 16.14 -15.64
N SER A 6 1.64 17.37 -15.14
CA SER A 6 2.48 17.72 -14.00
C SER A 6 1.86 18.86 -13.19
N GLY A 7 1.59 18.59 -11.92
CA GLY A 7 0.99 19.61 -11.07
C GLY A 7 -0.37 19.20 -10.53
N LEU A 8 -0.52 19.21 -9.21
CA LEU A 8 -1.77 18.83 -8.58
C LEU A 8 -2.93 19.64 -9.15
N GLY A 9 -4.15 19.34 -8.71
CA GLY A 9 -5.32 20.05 -9.19
C GLY A 9 -6.41 20.13 -8.14
N ASN A 10 -7.60 19.66 -8.50
CA ASN A 10 -8.74 19.68 -7.58
C ASN A 10 -8.36 19.07 -6.24
N GLU A 11 -7.96 17.80 -6.27
CA GLU A 11 -7.57 17.10 -5.05
C GLU A 11 -6.05 17.02 -4.92
N ASP A 12 -5.55 17.25 -3.70
CA ASP A 12 -4.12 17.20 -3.45
C ASP A 12 -3.69 15.80 -3.02
N PHE A 13 -2.43 15.48 -3.26
CA PHE A 13 -1.88 14.16 -2.90
C PHE A 13 -2.44 13.70 -1.57
N ASN A 14 -2.57 14.63 -0.63
CA ASN A 14 -3.10 14.32 0.70
C ASN A 14 -4.59 13.98 0.62
N SER A 15 -5.33 14.75 -0.18
CA SER A 15 -6.76 14.54 -0.34
C SER A 15 -7.04 13.18 -0.97
N VAL A 16 -6.41 12.93 -2.11
CA VAL A 16 -6.60 11.67 -2.83
C VAL A 16 -6.43 10.48 -1.90
N ILE A 17 -5.36 10.50 -1.11
CA ILE A 17 -5.08 9.41 -0.17
C ILE A 17 -6.20 9.27 0.85
N GLN A 18 -6.59 10.40 1.45
CA GLN A 18 -7.65 10.40 2.45
C GLN A 18 -8.96 9.88 1.85
N GLN A 19 -9.20 10.21 0.59
CA GLN A 19 -10.41 9.78 -0.09
C GLN A 19 -10.39 8.27 -0.35
N MET A 20 -9.20 7.75 -0.63
CA MET A 20 -9.04 6.33 -0.89
C MET A 20 -9.06 5.53 0.42
N ALA A 21 -8.59 6.15 1.49
CA ALA A 21 -8.56 5.49 2.80
C ALA A 21 -9.94 5.45 3.43
N GLN A 22 -10.75 6.47 3.13
CA GLN A 22 -12.10 6.55 3.68
C GLN A 22 -12.07 6.66 5.20
N GLY A 23 -11.17 7.49 5.71
CA GLY A 23 -11.07 7.68 7.14
C GLY A 23 -10.15 6.66 7.79
N ARG A 24 -10.00 5.50 7.15
CA ARG A 24 -9.15 4.44 7.66
C ARG A 24 -7.79 4.99 8.09
N GLN A 25 -7.28 4.49 9.21
CA GLN A 25 -5.99 4.93 9.73
C GLN A 25 -4.87 4.59 8.75
N ILE A 26 -4.28 5.63 8.16
CA ILE A 26 -3.19 5.45 7.21
C ILE A 26 -1.85 5.31 7.92
N GLU A 27 -0.97 4.48 7.37
CA GLU A 27 0.35 4.26 7.95
C GLU A 27 1.43 4.27 6.88
N TYR A 28 2.49 5.02 7.12
CA TYR A 28 3.60 5.11 6.17
C TYR A 28 4.64 4.03 6.44
N ILE A 29 4.67 3.02 5.58
CA ILE A 29 5.62 1.93 5.72
C ILE A 29 6.89 2.18 4.91
N ASP A 30 7.94 2.62 5.60
CA ASP A 30 9.21 2.91 4.95
C ASP A 30 10.04 1.64 4.79
N ILE A 31 10.06 1.10 3.57
CA ILE A 31 10.83 -0.11 3.28
C ILE A 31 12.17 0.21 2.65
N GLU A 32 13.22 -0.48 3.11
CA GLU A 32 14.56 -0.26 2.58
C GLU A 32 15.02 -1.47 1.77
N ARG A 33 14.97 -1.35 0.45
CA ARG A 33 15.38 -2.43 -0.43
C ARG A 33 16.76 -2.97 -0.03
N PRO A 34 16.81 -4.27 0.29
CA PRO A 34 18.06 -4.93 0.70
C PRO A 34 19.05 -5.06 -0.46
N SER A 35 18.56 -5.57 -1.59
CA SER A 35 19.41 -5.76 -2.77
C SER A 35 18.56 -5.89 -4.03
N THR A 36 19.22 -6.15 -5.15
CA THR A 36 18.53 -6.31 -6.42
C THR A 36 17.47 -7.40 -6.35
N GLY A 37 17.52 -8.20 -5.28
CA GLY A 37 16.56 -9.28 -5.12
C GLY A 37 15.14 -8.82 -5.31
N GLY A 38 14.49 -8.41 -4.21
CA GLY A 38 13.12 -7.96 -4.28
C GLY A 38 12.66 -7.31 -2.99
N LEU A 39 11.45 -7.64 -2.56
CA LEU A 39 10.89 -7.08 -1.33
C LEU A 39 10.49 -8.19 -0.37
N GLY A 40 10.30 -9.40 -0.90
CA GLY A 40 9.90 -10.52 -0.07
C GLY A 40 8.43 -10.54 0.23
N PHE A 41 7.68 -9.62 -0.38
CA PHE A 41 6.24 -9.54 -0.19
C PHE A 41 5.52 -9.39 -1.52
N SER A 42 4.48 -10.21 -1.72
CA SER A 42 3.71 -10.18 -2.95
C SER A 42 2.49 -9.29 -2.80
N VAL A 43 1.74 -9.12 -3.89
CA VAL A 43 0.54 -8.30 -3.88
C VAL A 43 -0.53 -8.87 -4.80
N VAL A 44 -1.76 -8.38 -4.64
CA VAL A 44 -2.87 -8.84 -5.46
C VAL A 44 -3.65 -7.67 -6.05
N ALA A 45 -4.16 -7.85 -7.26
CA ALA A 45 -4.93 -6.80 -7.93
C ALA A 45 -6.43 -7.06 -7.81
N LEU A 46 -7.14 -6.12 -7.23
CA LEU A 46 -8.59 -6.25 -7.06
C LEU A 46 -9.29 -4.93 -7.34
N ARG A 47 -10.03 -4.88 -8.45
CA ARG A 47 -10.76 -3.67 -8.83
C ARG A 47 -11.65 -3.19 -7.69
N SER A 48 -11.64 -1.88 -7.45
CA SER A 48 -12.45 -1.29 -6.39
C SER A 48 -13.82 -0.88 -6.91
N GLN A 49 -14.86 -1.30 -6.19
CA GLN A 49 -16.22 -0.99 -6.58
C GLN A 49 -16.37 0.50 -6.90
N ASN A 50 -15.63 1.33 -6.18
CA ASN A 50 -15.67 2.78 -6.38
C ASN A 50 -15.78 3.11 -7.85
N LEU A 51 -14.70 2.90 -8.59
CA LEU A 51 -14.67 3.18 -10.02
C LEU A 51 -13.40 2.63 -10.66
N GLY A 52 -13.23 2.92 -11.95
CA GLY A 52 -12.05 2.44 -12.65
C GLY A 52 -10.78 2.58 -11.84
N LYS A 53 -10.45 1.53 -11.09
CA LYS A 53 -9.25 1.54 -10.25
C LYS A 53 -9.02 0.16 -9.65
N VAL A 54 -7.79 -0.07 -9.17
CA VAL A 54 -7.44 -1.34 -8.56
C VAL A 54 -6.73 -1.13 -7.22
N ASP A 55 -7.09 -1.96 -6.24
CA ASP A 55 -6.50 -1.86 -4.91
C ASP A 55 -5.41 -2.92 -4.73
N ILE A 56 -4.18 -2.46 -4.57
CA ILE A 56 -3.04 -3.36 -4.38
C ILE A 56 -2.87 -3.73 -2.91
N PHE A 57 -3.26 -4.95 -2.57
CA PHE A 57 -3.14 -5.43 -1.19
C PHE A 57 -1.88 -6.26 -1.01
N VAL A 58 -1.22 -6.09 0.13
CA VAL A 58 0.01 -6.83 0.43
C VAL A 58 -0.31 -8.26 0.85
N LYS A 59 -0.04 -9.21 -0.05
CA LYS A 59 -0.29 -10.61 0.23
C LYS A 59 1.02 -11.40 0.31
N ASP A 60 1.00 -12.49 1.06
CA ASP A 60 2.19 -13.33 1.23
C ASP A 60 3.34 -12.53 1.84
N VAL A 61 3.08 -11.90 2.97
CA VAL A 61 4.09 -11.10 3.66
C VAL A 61 5.10 -12.00 4.36
N GLN A 62 6.28 -12.14 3.74
CA GLN A 62 7.34 -12.97 4.32
C GLN A 62 7.73 -12.47 5.70
N PRO A 63 7.64 -13.37 6.70
CA PRO A 63 7.98 -13.04 8.09
C PRO A 63 9.48 -12.84 8.28
N GLY A 64 10.27 -13.28 7.31
CA GLY A 64 11.71 -13.13 7.40
C GLY A 64 12.28 -12.38 6.21
N SER A 65 11.60 -11.33 5.79
CA SER A 65 12.04 -10.52 4.66
C SER A 65 12.10 -9.05 5.03
N VAL A 66 12.70 -8.25 4.15
CA VAL A 66 12.83 -6.82 4.39
C VAL A 66 11.47 -6.19 4.67
N ALA A 67 10.47 -6.56 3.89
CA ALA A 67 9.12 -6.04 4.07
C ALA A 67 8.75 -5.93 5.54
N ASP A 68 9.41 -6.73 6.37
CA ASP A 68 9.17 -6.72 7.81
C ASP A 68 10.31 -6.05 8.55
N ARG A 69 11.47 -6.70 8.57
CA ARG A 69 12.64 -6.17 9.25
C ARG A 69 12.76 -4.67 9.02
N ASP A 70 12.35 -4.22 7.84
CA ASP A 70 12.42 -2.81 7.48
C ASP A 70 11.46 -1.98 8.34
N GLN A 71 10.19 -2.37 8.33
CA GLN A 71 9.17 -1.67 9.11
C GLN A 71 7.91 -2.53 9.27
N ARG A 72 7.07 -2.16 10.23
CA ARG A 72 5.84 -2.90 10.47
C ARG A 72 4.98 -2.96 9.22
N LEU A 73 4.67 -4.17 8.78
CA LEU A 73 3.86 -4.37 7.58
C LEU A 73 2.97 -5.61 7.73
N LYS A 74 1.65 -5.38 7.73
CA LYS A 74 0.69 -6.46 7.87
C LYS A 74 0.14 -6.87 6.50
N GLU A 75 -0.50 -8.03 6.45
CA GLU A 75 -1.08 -8.53 5.20
C GLU A 75 -2.37 -7.79 4.86
N ASN A 76 -2.85 -7.97 3.64
CA ASN A 76 -4.07 -7.33 3.18
C ASN A 76 -3.98 -5.81 3.37
N ASP A 77 -2.76 -5.28 3.28
CA ASP A 77 -2.55 -3.85 3.44
C ASP A 77 -2.74 -3.11 2.11
N GLN A 78 -3.89 -2.49 1.95
CA GLN A 78 -4.20 -1.76 0.72
C GLN A 78 -3.25 -0.59 0.54
N ILE A 79 -2.35 -0.70 -0.45
CA ILE A 79 -1.39 0.35 -0.72
C ILE A 79 -2.05 1.53 -1.44
N LEU A 80 -2.14 2.66 -0.73
CA LEU A 80 -2.76 3.85 -1.29
C LEU A 80 -1.78 4.57 -2.23
N ALA A 81 -0.54 4.71 -1.78
CA ALA A 81 0.49 5.38 -2.58
C ALA A 81 1.81 4.64 -2.50
N ILE A 82 2.60 4.71 -3.58
CA ILE A 82 3.89 4.04 -3.63
C ILE A 82 4.98 4.98 -4.12
N ASN A 83 5.96 5.25 -3.26
CA ASN A 83 7.06 6.13 -3.60
C ASN A 83 6.56 7.54 -3.93
N HIS A 84 5.66 8.04 -3.08
CA HIS A 84 5.09 9.37 -3.27
C HIS A 84 4.24 9.42 -4.53
N THR A 85 3.27 8.52 -4.62
CA THR A 85 2.38 8.46 -5.78
C THR A 85 1.18 7.57 -5.50
N PRO A 86 -0.01 8.20 -5.43
CA PRO A 86 -1.27 7.48 -5.16
C PRO A 86 -1.68 6.61 -6.34
N LEU A 87 -2.27 5.46 -6.03
CA LEU A 87 -2.72 4.52 -7.07
C LEU A 87 -4.18 4.79 -7.44
N ASP A 88 -4.52 6.05 -7.62
CA ASP A 88 -5.88 6.44 -7.97
C ASP A 88 -6.23 5.96 -9.38
N GLN A 89 -7.49 6.14 -9.77
CA GLN A 89 -7.95 5.72 -11.08
C GLN A 89 -6.85 5.89 -12.13
N ASN A 90 -6.14 7.01 -12.05
CA ASN A 90 -5.07 7.30 -12.98
C ASN A 90 -4.15 6.09 -13.15
N ILE A 91 -3.56 5.64 -12.04
CA ILE A 91 -2.67 4.49 -12.07
C ILE A 91 -3.44 3.20 -11.84
N SER A 92 -3.15 2.19 -12.67
CA SER A 92 -3.82 0.90 -12.56
C SER A 92 -3.04 -0.03 -11.63
N HIS A 93 -3.51 -1.26 -11.51
CA HIS A 93 -2.87 -2.26 -10.66
C HIS A 93 -1.47 -2.58 -11.17
N GLN A 94 -1.33 -2.69 -12.48
CA GLN A 94 -0.05 -2.99 -13.10
C GLN A 94 0.99 -1.94 -12.75
N GLN A 95 0.72 -0.69 -13.11
CA GLN A 95 1.63 0.42 -12.82
C GLN A 95 2.13 0.34 -11.38
N ALA A 96 1.21 0.12 -10.46
CA ALA A 96 1.55 0.02 -9.05
C ALA A 96 2.70 -0.96 -8.81
N ILE A 97 2.55 -2.15 -9.37
CA ILE A 97 3.58 -3.19 -9.23
C ILE A 97 4.91 -2.72 -9.79
N ALA A 98 4.87 -2.10 -10.97
CA ALA A 98 6.09 -1.61 -11.60
C ALA A 98 6.89 -0.71 -10.65
N LEU A 99 6.21 0.26 -10.05
CA LEU A 99 6.85 1.17 -9.11
C LEU A 99 7.67 0.41 -8.09
N LEU A 100 7.17 -0.75 -7.67
CA LEU A 100 7.87 -1.58 -6.69
C LEU A 100 9.09 -2.24 -7.31
N GLN A 101 8.87 -3.03 -8.36
CA GLN A 101 9.96 -3.72 -9.04
C GLN A 101 10.90 -2.73 -9.71
N GLN A 102 10.45 -1.49 -9.83
CA GLN A 102 11.25 -0.43 -10.46
C GLN A 102 11.62 0.65 -9.45
N THR A 103 12.10 0.22 -8.28
CA THR A 103 12.49 1.15 -7.23
C THR A 103 13.53 0.54 -6.31
N THR A 104 14.77 1.02 -6.40
CA THR A 104 15.86 0.52 -5.59
C THR A 104 16.26 1.54 -4.52
N GLY A 105 17.04 1.09 -3.55
CA GLY A 105 17.49 1.98 -2.48
C GLY A 105 16.44 2.14 -1.40
N SER A 106 15.43 2.97 -1.67
CA SER A 106 14.37 3.22 -0.72
C SER A 106 13.00 2.96 -1.34
N LEU A 107 12.09 2.40 -0.54
CA LEU A 107 10.74 2.10 -1.02
C LEU A 107 9.70 2.45 0.04
N ARG A 108 8.97 3.54 -0.19
CA ARG A 108 7.93 3.98 0.74
C ARG A 108 6.55 3.56 0.26
N LEU A 109 5.76 2.99 1.16
CA LEU A 109 4.41 2.55 0.83
C LEU A 109 3.41 3.01 1.90
N ILE A 110 2.38 3.71 1.46
CA ILE A 110 1.35 4.21 2.36
C ILE A 110 0.11 3.32 2.32
N VAL A 111 -0.02 2.45 3.32
CA VAL A 111 -1.16 1.55 3.40
C VAL A 111 -2.15 2.00 4.47
N ALA A 112 -3.40 1.55 4.35
CA ALA A 112 -4.43 1.91 5.30
C ALA A 112 -4.59 0.83 6.37
N ARG A 113 -5.29 1.16 7.45
CA ARG A 113 -5.51 0.23 8.55
C ARG A 113 -6.96 0.30 9.04
N GLU A 114 -7.43 -0.81 9.60
CA GLU A 114 -8.80 -0.88 10.10
C GLU A 114 -8.83 -0.81 11.62
N PRO A 115 -9.63 0.13 12.16
CA PRO A 115 -9.75 0.32 13.61
C PRO A 115 -10.48 -0.84 14.29
N VAL A 116 -10.58 -0.78 15.61
CA VAL A 116 -11.26 -1.81 16.38
C VAL A 116 -12.08 -1.21 17.50
N HIS A 117 -13.16 -1.91 17.88
CA HIS A 117 -14.03 -1.45 18.95
C HIS A 117 -14.11 -2.48 20.07
N THR A 118 -14.58 -2.04 21.23
CA THR A 118 -14.71 -2.93 22.39
C THR A 118 -15.22 -4.31 21.96
N LYS A 119 -14.73 -5.35 22.64
CA LYS A 119 -15.13 -6.71 22.34
C LYS A 119 -14.88 -7.63 23.53
N SER A 120 -15.24 -8.90 23.37
CA SER A 120 -15.06 -9.88 24.44
C SER A 120 -14.21 -11.05 23.96
N SER A 121 -14.02 -12.04 24.83
CA SER A 121 -13.24 -13.22 24.50
C SER A 121 -13.46 -14.33 25.52
N THR A 122 -12.91 -15.51 25.23
CA THR A 122 -13.06 -16.65 26.12
C THR A 122 -11.85 -17.57 26.03
N SER A 123 -11.77 -18.54 26.95
CA SER A 123 -10.66 -19.48 26.97
C SER A 123 -11.15 -20.88 27.32
N GLY A 124 -10.21 -21.83 27.37
CA GLY A 124 -10.57 -23.21 27.68
C GLY A 124 -9.35 -24.09 27.87
N PRO A 125 -8.96 -24.79 26.81
CA PRO A 125 -7.80 -25.69 26.84
C PRO A 125 -6.47 -24.93 26.95
N SER A 126 -5.94 -24.86 28.17
CA SER A 126 -4.69 -24.17 28.42
C SER A 126 -3.56 -24.74 27.56
N SER A 127 -3.48 -26.07 27.53
CA SER A 127 -2.45 -26.75 26.75
C SER A 127 -2.77 -28.23 26.61
N GLY A 128 -2.46 -28.79 25.44
CA GLY A 128 -2.72 -30.20 25.19
C GLY A 128 -3.21 -30.45 23.78
N GLY A 1 7.16 22.37 -20.53
CA GLY A 1 8.04 23.37 -19.96
C GLY A 1 8.47 23.02 -18.54
N SER A 2 7.67 23.45 -17.57
CA SER A 2 7.97 23.20 -16.17
C SER A 2 8.37 21.73 -15.95
N SER A 3 9.16 21.49 -14.92
CA SER A 3 9.62 20.14 -14.61
C SER A 3 9.34 19.80 -13.15
N GLY A 4 8.55 18.75 -12.93
CA GLY A 4 8.22 18.34 -11.58
C GLY A 4 6.95 18.98 -11.07
N SER A 5 5.82 18.54 -11.59
CA SER A 5 4.52 19.08 -11.19
C SER A 5 4.39 19.10 -9.67
N SER A 6 3.95 20.24 -9.13
CA SER A 6 3.79 20.39 -7.69
C SER A 6 2.46 21.07 -7.37
N GLY A 7 2.23 21.31 -6.08
CA GLY A 7 1.00 21.96 -5.66
C GLY A 7 -0.20 21.47 -6.44
N LEU A 8 -0.59 20.22 -6.23
CA LEU A 8 -1.72 19.64 -6.92
C LEU A 8 -2.89 20.62 -6.98
N GLY A 9 -3.88 20.31 -7.80
CA GLY A 9 -5.04 21.18 -7.92
C GLY A 9 -6.19 20.75 -7.02
N ASN A 10 -7.39 20.67 -7.59
CA ASN A 10 -8.57 20.26 -6.83
C ASN A 10 -8.21 19.22 -5.78
N GLU A 11 -7.87 18.02 -6.23
CA GLU A 11 -7.50 16.93 -5.33
C GLU A 11 -5.99 16.86 -5.15
N ASP A 12 -5.53 17.02 -3.91
CA ASP A 12 -4.11 16.97 -3.61
C ASP A 12 -3.71 15.60 -3.04
N PHE A 13 -2.44 15.27 -3.15
CA PHE A 13 -1.94 14.00 -2.65
C PHE A 13 -2.63 13.60 -1.35
N ASN A 14 -2.50 14.46 -0.35
CA ASN A 14 -3.11 14.21 0.95
C ASN A 14 -4.62 13.98 0.81
N SER A 15 -5.22 14.64 -0.18
CA SER A 15 -6.65 14.51 -0.42
C SER A 15 -6.98 13.16 -1.04
N VAL A 16 -6.32 12.84 -2.15
CA VAL A 16 -6.54 11.58 -2.84
C VAL A 16 -6.34 10.40 -1.90
N ILE A 17 -5.27 10.46 -1.10
CA ILE A 17 -4.96 9.39 -0.16
C ILE A 17 -6.04 9.29 0.92
N GLN A 18 -6.36 10.42 1.54
CA GLN A 18 -7.38 10.45 2.59
C GLN A 18 -8.73 9.98 2.05
N GLN A 19 -8.98 10.25 0.77
CA GLN A 19 -10.24 9.86 0.14
C GLN A 19 -10.26 8.35 -0.12
N MET A 20 -9.12 7.82 -0.57
CA MET A 20 -9.02 6.39 -0.86
C MET A 20 -9.06 5.57 0.43
N ALA A 21 -8.47 6.10 1.49
CA ALA A 21 -8.45 5.42 2.78
C ALA A 21 -9.84 5.39 3.40
N GLN A 22 -10.60 6.46 3.18
CA GLN A 22 -11.95 6.55 3.74
C GLN A 22 -11.92 6.51 5.26
N GLY A 23 -11.04 7.30 5.86
CA GLY A 23 -10.92 7.33 7.31
C GLY A 23 -9.94 6.30 7.83
N ARG A 24 -9.79 5.20 7.10
CA ARG A 24 -8.87 4.15 7.50
C ARG A 24 -7.52 4.73 7.95
N GLN A 25 -7.04 4.25 9.09
CA GLN A 25 -5.77 4.72 9.63
C GLN A 25 -4.62 4.39 8.68
N ILE A 26 -3.99 5.43 8.13
CA ILE A 26 -2.87 5.26 7.21
C ILE A 26 -1.55 5.13 7.97
N GLU A 27 -0.68 4.25 7.48
CA GLU A 27 0.61 4.04 8.10
C GLU A 27 1.73 4.03 7.05
N TYR A 28 2.70 4.92 7.23
CA TYR A 28 3.82 5.01 6.30
C TYR A 28 4.76 3.83 6.46
N ILE A 29 4.67 2.88 5.54
CA ILE A 29 5.51 1.69 5.57
C ILE A 29 6.81 1.91 4.79
N ASP A 30 7.89 2.16 5.51
CA ASP A 30 9.19 2.39 4.90
C ASP A 30 9.95 1.08 4.73
N ILE A 31 10.21 0.70 3.49
CA ILE A 31 10.93 -0.54 3.20
C ILE A 31 12.27 -0.25 2.54
N GLU A 32 13.34 -0.80 3.09
CA GLU A 32 14.68 -0.61 2.56
C GLU A 32 15.00 -1.67 1.52
N ARG A 33 14.87 -1.31 0.24
CA ARG A 33 15.15 -2.23 -0.85
C ARG A 33 16.58 -2.77 -0.77
N PRO A 34 16.72 -4.09 -0.68
CA PRO A 34 18.02 -4.75 -0.60
C PRO A 34 18.82 -4.65 -1.89
N SER A 35 19.96 -5.31 -1.92
CA SER A 35 20.82 -5.29 -3.11
C SER A 35 20.36 -6.34 -4.13
N THR A 36 19.90 -5.86 -5.28
CA THR A 36 19.43 -6.75 -6.33
C THR A 36 18.64 -7.92 -5.76
N GLY A 37 18.06 -7.72 -4.58
CA GLY A 37 17.29 -8.76 -3.94
C GLY A 37 15.82 -8.69 -4.28
N GLY A 38 14.99 -8.35 -3.29
CA GLY A 38 13.56 -8.26 -3.53
C GLY A 38 12.82 -7.66 -2.34
N LEU A 39 11.52 -7.45 -2.49
CA LEU A 39 10.70 -6.89 -1.42
C LEU A 39 10.28 -7.96 -0.44
N GLY A 40 10.29 -9.22 -0.88
CA GLY A 40 9.91 -10.32 -0.02
C GLY A 40 8.42 -10.35 0.24
N PHE A 41 7.67 -9.55 -0.50
CA PHE A 41 6.22 -9.49 -0.34
C PHE A 41 5.52 -9.36 -1.69
N SER A 42 4.38 -10.02 -1.81
CA SER A 42 3.61 -10.00 -3.05
C SER A 42 2.44 -9.01 -2.95
N VAL A 43 1.74 -8.83 -4.06
CA VAL A 43 0.60 -7.92 -4.10
C VAL A 43 -0.56 -8.51 -4.91
N VAL A 44 -1.78 -8.13 -4.56
CA VAL A 44 -2.96 -8.62 -5.25
C VAL A 44 -3.77 -7.47 -5.84
N ALA A 45 -4.21 -7.64 -7.08
CA ALA A 45 -4.99 -6.61 -7.76
C ALA A 45 -6.48 -6.93 -7.68
N LEU A 46 -7.24 -6.03 -7.08
CA LEU A 46 -8.69 -6.20 -6.94
C LEU A 46 -9.43 -4.93 -7.33
N ARG A 47 -10.27 -5.02 -8.35
CA ARG A 47 -11.05 -3.88 -8.81
C ARG A 47 -11.97 -3.37 -7.71
N SER A 48 -11.78 -2.11 -7.33
CA SER A 48 -12.60 -1.49 -6.28
C SER A 48 -13.98 -1.12 -6.82
N GLN A 49 -15.01 -1.41 -6.04
CA GLN A 49 -16.37 -1.09 -6.42
C GLN A 49 -16.45 0.26 -7.12
N ASN A 50 -15.62 1.19 -6.67
CA ASN A 50 -15.59 2.54 -7.26
C ASN A 50 -15.35 2.46 -8.76
N LEU A 51 -15.28 3.63 -9.39
CA LEU A 51 -15.06 3.71 -10.83
C LEU A 51 -13.84 2.88 -11.24
N GLY A 52 -13.54 2.88 -12.53
CA GLY A 52 -12.40 2.13 -13.03
C GLY A 52 -11.15 2.35 -12.19
N LYS A 53 -10.99 1.52 -11.17
CA LYS A 53 -9.83 1.61 -10.28
C LYS A 53 -9.55 0.28 -9.61
N VAL A 54 -8.28 0.06 -9.25
CA VAL A 54 -7.88 -1.18 -8.59
C VAL A 54 -7.26 -0.89 -7.22
N ASP A 55 -7.33 -1.89 -6.34
CA ASP A 55 -6.78 -1.75 -5.00
C ASP A 55 -5.69 -2.79 -4.74
N ILE A 56 -4.45 -2.31 -4.58
CA ILE A 56 -3.32 -3.20 -4.35
C ILE A 56 -3.17 -3.51 -2.86
N PHE A 57 -3.11 -4.79 -2.53
CA PHE A 57 -2.97 -5.22 -1.15
C PHE A 57 -1.69 -6.02 -0.95
N VAL A 58 -1.10 -5.91 0.23
CA VAL A 58 0.13 -6.63 0.55
C VAL A 58 -0.15 -8.07 0.96
N LYS A 59 0.17 -9.01 0.09
CA LYS A 59 -0.05 -10.42 0.37
C LYS A 59 1.26 -11.20 0.35
N ASP A 60 1.23 -12.42 0.87
CA ASP A 60 2.41 -13.26 0.91
C ASP A 60 3.59 -12.51 1.54
N VAL A 61 3.38 -11.98 2.75
CA VAL A 61 4.42 -11.24 3.45
C VAL A 61 5.45 -12.19 4.05
N GLN A 62 6.41 -12.61 3.23
CA GLN A 62 7.46 -13.52 3.68
C GLN A 62 8.05 -13.05 5.00
N PRO A 63 7.93 -13.88 6.04
CA PRO A 63 8.44 -13.58 7.38
C PRO A 63 9.97 -13.58 7.43
N GLY A 64 10.59 -13.98 6.32
CA GLY A 64 12.04 -14.02 6.25
C GLY A 64 12.60 -13.09 5.20
N SER A 65 12.10 -11.87 5.18
CA SER A 65 12.56 -10.87 4.20
C SER A 65 12.49 -9.47 4.80
N VAL A 66 13.03 -8.49 4.07
CA VAL A 66 13.03 -7.11 4.52
C VAL A 66 11.65 -6.69 5.00
N ALA A 67 10.63 -6.93 4.17
CA ALA A 67 9.27 -6.57 4.52
C ALA A 67 8.97 -6.92 5.97
N ASP A 68 9.12 -8.19 6.33
CA ASP A 68 8.86 -8.64 7.69
C ASP A 68 9.70 -7.85 8.69
N ARG A 69 11.01 -8.11 8.68
CA ARG A 69 11.92 -7.42 9.60
C ARG A 69 11.72 -5.91 9.54
N ASP A 70 11.09 -5.45 8.47
CA ASP A 70 10.83 -4.02 8.29
C ASP A 70 10.28 -3.41 9.58
N GLN A 71 10.14 -2.08 9.58
CA GLN A 71 9.63 -1.38 10.75
C GLN A 71 8.22 -1.86 11.09
N ARG A 72 7.28 -1.66 10.17
CA ARG A 72 5.90 -2.08 10.38
C ARG A 72 5.22 -2.39 9.06
N LEU A 73 4.66 -3.59 8.96
CA LEU A 73 3.98 -4.02 7.74
C LEU A 73 3.21 -5.32 7.97
N LYS A 74 1.89 -5.25 7.85
CA LYS A 74 1.04 -6.42 8.05
C LYS A 74 0.39 -6.84 6.74
N GLU A 75 -0.14 -8.06 6.71
CA GLU A 75 -0.80 -8.58 5.51
C GLU A 75 -2.12 -7.85 5.26
N ASN A 76 -2.59 -7.93 4.02
CA ASN A 76 -3.85 -7.28 3.64
C ASN A 76 -3.73 -5.77 3.80
N ASP A 77 -2.55 -5.23 3.53
CA ASP A 77 -2.32 -3.79 3.63
C ASP A 77 -2.50 -3.11 2.27
N GLN A 78 -3.67 -2.49 2.09
CA GLN A 78 -3.97 -1.81 0.84
C GLN A 78 -3.03 -0.63 0.62
N ILE A 79 -2.14 -0.77 -0.36
CA ILE A 79 -1.18 0.28 -0.66
C ILE A 79 -1.85 1.45 -1.39
N LEU A 80 -2.02 2.56 -0.66
CA LEU A 80 -2.65 3.74 -1.23
C LEU A 80 -1.70 4.46 -2.18
N ALA A 81 -0.47 4.66 -1.74
CA ALA A 81 0.54 5.34 -2.55
C ALA A 81 1.89 4.63 -2.44
N ILE A 82 2.70 4.76 -3.49
CA ILE A 82 4.01 4.13 -3.52
C ILE A 82 5.09 5.11 -3.97
N ASN A 83 5.98 5.46 -3.06
CA ASN A 83 7.06 6.39 -3.37
C ASN A 83 6.50 7.76 -3.76
N HIS A 84 5.53 8.24 -3.00
CA HIS A 84 4.91 9.53 -3.26
C HIS A 84 4.08 9.49 -4.54
N THR A 85 3.33 8.40 -4.72
CA THR A 85 2.49 8.23 -5.90
C THR A 85 1.28 7.36 -5.59
N PRO A 86 0.10 8.00 -5.48
CA PRO A 86 -1.15 7.29 -5.18
C PRO A 86 -1.62 6.44 -6.36
N LEU A 87 -2.15 5.27 -6.04
CA LEU A 87 -2.65 4.35 -7.07
C LEU A 87 -4.12 4.58 -7.35
N ASP A 88 -4.53 5.84 -7.35
CA ASP A 88 -5.92 6.20 -7.60
C ASP A 88 -6.38 5.70 -8.96
N GLN A 89 -7.63 5.95 -9.30
CA GLN A 89 -8.20 5.52 -10.57
C GLN A 89 -7.22 5.79 -11.72
N ASN A 90 -6.40 6.83 -11.55
CA ASN A 90 -5.42 7.19 -12.56
C ASN A 90 -4.51 6.01 -12.89
N ILE A 91 -3.84 5.49 -11.88
CA ILE A 91 -2.93 4.36 -12.06
C ILE A 91 -3.67 3.03 -11.84
N SER A 92 -3.29 2.03 -12.62
CA SER A 92 -3.90 0.71 -12.53
C SER A 92 -3.11 -0.20 -11.61
N HIS A 93 -3.62 -1.41 -11.40
CA HIS A 93 -2.95 -2.38 -10.53
C HIS A 93 -1.54 -2.70 -11.07
N GLN A 94 -1.43 -2.80 -12.39
CA GLN A 94 -0.14 -3.10 -13.02
C GLN A 94 0.88 -2.02 -12.69
N GLN A 95 0.61 -0.80 -13.14
CA GLN A 95 1.51 0.33 -12.90
C GLN A 95 2.00 0.33 -11.46
N ALA A 96 1.09 0.06 -10.53
CA ALA A 96 1.44 0.03 -9.11
C ALA A 96 2.59 -0.92 -8.84
N ILE A 97 2.48 -2.14 -9.36
CA ILE A 97 3.53 -3.14 -9.18
C ILE A 97 4.87 -2.64 -9.72
N ALA A 98 4.84 -2.05 -10.91
CA ALA A 98 6.06 -1.53 -11.53
C ALA A 98 6.85 -0.68 -10.55
N LEU A 99 6.23 0.40 -10.08
CA LEU A 99 6.89 1.31 -9.14
C LEU A 99 7.78 0.53 -8.16
N LEU A 100 7.28 -0.61 -7.70
CA LEU A 100 8.03 -1.44 -6.77
C LEU A 100 9.23 -2.09 -7.46
N GLN A 101 8.99 -2.66 -8.64
CA GLN A 101 10.04 -3.31 -9.40
C GLN A 101 11.03 -2.28 -9.93
N GLN A 102 10.61 -1.03 -10.00
CA GLN A 102 11.46 0.05 -10.50
C GLN A 102 11.80 1.03 -9.38
N THR A 103 12.26 0.51 -8.25
CA THR A 103 12.61 1.34 -7.11
C THR A 103 13.56 0.61 -6.17
N THR A 104 14.81 1.07 -6.14
CA THR A 104 15.81 0.46 -5.27
C THR A 104 16.32 1.46 -4.23
N GLY A 105 16.92 0.93 -3.16
CA GLY A 105 17.44 1.77 -2.11
C GLY A 105 16.41 2.03 -1.02
N SER A 106 15.30 2.66 -1.40
CA SER A 106 14.24 2.98 -0.45
C SER A 106 12.87 2.84 -1.10
N LEU A 107 11.93 2.24 -0.38
CA LEU A 107 10.58 2.05 -0.88
C LEU A 107 9.55 2.47 0.16
N ARG A 108 8.98 3.65 -0.03
CA ARG A 108 7.97 4.17 0.89
C ARG A 108 6.57 3.79 0.43
N LEU A 109 5.97 2.81 1.12
CA LEU A 109 4.63 2.36 0.78
C LEU A 109 3.61 2.82 1.82
N ILE A 110 2.64 3.60 1.37
CA ILE A 110 1.61 4.12 2.26
C ILE A 110 0.35 3.25 2.21
N VAL A 111 0.15 2.44 3.24
CA VAL A 111 -1.01 1.56 3.31
C VAL A 111 -2.04 2.09 4.30
N ALA A 112 -3.25 1.53 4.25
CA ALA A 112 -4.32 1.95 5.14
C ALA A 112 -4.73 0.82 6.07
N ARG A 113 -5.51 1.15 7.09
CA ARG A 113 -5.98 0.15 8.05
C ARG A 113 -7.39 0.47 8.52
N GLU A 114 -8.12 -0.56 8.94
CA GLU A 114 -9.49 -0.40 9.42
C GLU A 114 -9.50 0.05 10.87
N PRO A 115 -10.34 1.06 11.17
CA PRO A 115 -10.47 1.60 12.54
C PRO A 115 -11.15 0.61 13.49
N VAL A 116 -11.23 0.99 14.76
CA VAL A 116 -11.86 0.15 15.77
C VAL A 116 -12.66 0.98 16.76
N HIS A 117 -13.94 0.66 16.90
CA HIS A 117 -14.81 1.37 17.82
C HIS A 117 -15.23 0.48 18.99
N THR A 118 -15.80 -0.67 18.67
CA THR A 118 -16.24 -1.62 19.68
C THR A 118 -15.12 -1.92 20.68
N LYS A 119 -15.51 -2.34 21.88
CA LYS A 119 -14.55 -2.65 22.92
C LYS A 119 -13.99 -4.06 22.74
N SER A 120 -14.88 -5.03 22.63
CA SER A 120 -14.49 -6.43 22.46
C SER A 120 -13.81 -6.63 21.11
N SER A 121 -12.71 -7.37 21.12
CA SER A 121 -11.96 -7.64 19.89
C SER A 121 -11.66 -9.13 19.76
N THR A 122 -11.32 -9.55 18.55
CA THR A 122 -11.02 -10.96 18.27
C THR A 122 -9.52 -11.16 18.11
N SER A 123 -8.86 -11.63 19.16
CA SER A 123 -7.42 -11.87 19.13
C SER A 123 -7.13 -13.33 18.80
N GLY A 124 -5.86 -13.63 18.55
CA GLY A 124 -5.46 -14.99 18.23
C GLY A 124 -4.19 -15.40 18.94
N PRO A 125 -4.10 -16.70 19.31
CA PRO A 125 -2.94 -17.24 20.00
C PRO A 125 -1.71 -17.32 19.10
N SER A 126 -0.54 -17.43 19.72
CA SER A 126 0.72 -17.50 18.98
C SER A 126 1.41 -18.83 19.21
N SER A 127 2.47 -19.09 18.45
CA SER A 127 3.22 -20.33 18.57
C SER A 127 4.45 -20.13 19.45
N GLY A 128 5.01 -21.24 19.94
CA GLY A 128 6.18 -21.17 20.79
C GLY A 128 7.14 -20.08 20.36
N GLY A 1 -3.65 35.92 0.55
CA GLY A 1 -4.70 35.05 0.07
C GLY A 1 -5.03 35.28 -1.39
N SER A 2 -4.90 34.23 -2.19
CA SER A 2 -5.18 34.33 -3.62
C SER A 2 -5.58 32.97 -4.19
N SER A 3 -6.85 32.84 -4.58
CA SER A 3 -7.36 31.60 -5.13
C SER A 3 -6.77 31.34 -6.52
N GLY A 4 -5.60 30.70 -6.55
CA GLY A 4 -4.96 30.40 -7.81
C GLY A 4 -3.71 29.54 -7.64
N SER A 5 -3.60 28.50 -8.45
CA SER A 5 -2.45 27.60 -8.39
C SER A 5 -2.34 26.77 -9.66
N SER A 6 -1.27 26.00 -9.76
CA SER A 6 -1.03 25.15 -10.93
C SER A 6 -0.34 23.85 -10.55
N GLY A 7 -1.08 22.75 -10.65
CA GLY A 7 -0.51 21.46 -10.31
C GLY A 7 -1.58 20.42 -10.01
N LEU A 8 -1.88 20.23 -8.73
CA LEU A 8 -2.89 19.27 -8.31
C LEU A 8 -4.28 19.74 -8.69
N GLY A 9 -4.78 20.75 -7.98
CA GLY A 9 -6.10 21.28 -8.26
C GLY A 9 -7.07 21.04 -7.12
N ASN A 10 -8.33 20.78 -7.47
CA ASN A 10 -9.37 20.53 -6.48
C ASN A 10 -8.83 19.64 -5.36
N GLU A 11 -8.48 18.40 -5.69
CA GLU A 11 -7.97 17.46 -4.72
C GLU A 11 -6.45 17.36 -4.82
N ASP A 12 -5.78 17.26 -3.67
CA ASP A 12 -4.33 17.16 -3.62
C ASP A 12 -3.90 15.75 -3.22
N PHE A 13 -2.64 15.44 -3.44
CA PHE A 13 -2.09 14.12 -3.09
C PHE A 13 -2.59 13.67 -1.72
N ASN A 14 -2.67 14.62 -0.80
CA ASN A 14 -3.14 14.33 0.56
C ASN A 14 -4.62 14.02 0.57
N SER A 15 -5.37 14.66 -0.32
CA SER A 15 -6.81 14.46 -0.41
C SER A 15 -7.12 13.10 -1.02
N VAL A 16 -6.51 12.81 -2.18
CA VAL A 16 -6.73 11.55 -2.86
C VAL A 16 -6.54 10.37 -1.91
N ILE A 17 -5.49 10.43 -1.10
CA ILE A 17 -5.21 9.36 -0.15
C ILE A 17 -6.35 9.20 0.85
N GLN A 18 -6.74 10.30 1.49
CA GLN A 18 -7.82 10.27 2.46
C GLN A 18 -9.09 9.69 1.85
N GLN A 19 -9.33 10.01 0.58
CA GLN A 19 -10.51 9.52 -0.12
C GLN A 19 -10.43 8.02 -0.34
N MET A 20 -9.22 7.52 -0.55
CA MET A 20 -9.00 6.09 -0.78
C MET A 20 -8.96 5.34 0.55
N ALA A 21 -8.49 6.02 1.59
CA ALA A 21 -8.40 5.41 2.92
C ALA A 21 -9.78 5.25 3.55
N GLN A 22 -10.66 6.19 3.27
CA GLN A 22 -12.01 6.15 3.81
C GLN A 22 -11.99 6.24 5.33
N GLY A 23 -11.15 7.12 5.86
CA GLY A 23 -11.05 7.28 7.30
C GLY A 23 -10.07 6.30 7.93
N ARG A 24 -9.85 5.17 7.26
CA ARG A 24 -8.94 4.14 7.76
C ARG A 24 -7.61 4.76 8.18
N GLN A 25 -7.00 4.18 9.21
CA GLN A 25 -5.72 4.67 9.72
C GLN A 25 -4.60 4.39 8.73
N ILE A 26 -4.02 5.45 8.18
CA ILE A 26 -2.93 5.32 7.22
C ILE A 26 -1.59 5.19 7.93
N GLU A 27 -0.71 4.36 7.38
CA GLU A 27 0.61 4.14 7.95
C GLU A 27 1.69 4.12 6.87
N TYR A 28 2.75 4.89 7.09
CA TYR A 28 3.85 4.96 6.13
C TYR A 28 4.82 3.82 6.34
N ILE A 29 4.77 2.82 5.45
CA ILE A 29 5.66 1.68 5.54
C ILE A 29 6.96 1.92 4.80
N ASP A 30 8.07 1.93 5.54
CA ASP A 30 9.38 2.16 4.96
C ASP A 30 10.11 0.85 4.73
N ILE A 31 10.38 0.53 3.47
CA ILE A 31 11.09 -0.71 3.13
C ILE A 31 12.39 -0.41 2.40
N GLU A 32 13.46 -1.06 2.84
CA GLU A 32 14.77 -0.87 2.23
C GLU A 32 14.99 -1.86 1.09
N ARG A 33 14.90 -1.36 -0.15
CA ARG A 33 15.08 -2.20 -1.32
C ARG A 33 16.49 -2.78 -1.36
N PRO A 34 16.58 -4.12 -1.34
CA PRO A 34 17.86 -4.83 -1.37
C PRO A 34 18.56 -4.71 -2.72
N SER A 35 19.79 -5.19 -2.79
CA SER A 35 20.57 -5.14 -4.03
C SER A 35 19.69 -5.39 -5.24
N THR A 36 18.83 -6.41 -5.14
CA THR A 36 17.93 -6.76 -6.22
C THR A 36 16.47 -6.60 -5.81
N GLY A 37 15.56 -7.09 -6.64
CA GLY A 37 14.15 -7.00 -6.35
C GLY A 37 13.67 -8.12 -5.45
N GLY A 38 13.73 -7.91 -4.14
CA GLY A 38 13.30 -8.92 -3.19
C GLY A 38 12.54 -8.33 -2.03
N LEU A 39 11.64 -7.40 -2.31
CA LEU A 39 10.83 -6.76 -1.28
C LEU A 39 10.45 -7.76 -0.19
N GLY A 40 10.14 -8.99 -0.60
CA GLY A 40 9.76 -10.02 0.34
C GLY A 40 8.27 -10.04 0.61
N PHE A 41 7.51 -9.32 -0.21
CA PHE A 41 6.06 -9.26 -0.07
C PHE A 41 5.39 -9.09 -1.42
N SER A 42 4.40 -9.94 -1.70
CA SER A 42 3.68 -9.89 -2.95
C SER A 42 2.47 -8.97 -2.85
N VAL A 43 1.79 -8.77 -3.97
CA VAL A 43 0.62 -7.89 -4.02
C VAL A 43 -0.46 -8.47 -4.94
N VAL A 44 -1.71 -8.23 -4.58
CA VAL A 44 -2.84 -8.72 -5.38
C VAL A 44 -3.63 -7.56 -5.97
N ALA A 45 -4.16 -7.77 -7.17
CA ALA A 45 -4.95 -6.75 -7.85
C ALA A 45 -6.45 -7.04 -7.75
N LEU A 46 -7.21 -6.06 -7.28
CA LEU A 46 -8.65 -6.21 -7.13
C LEU A 46 -9.38 -4.94 -7.53
N ARG A 47 -10.05 -4.97 -8.68
CA ARG A 47 -10.78 -3.81 -9.17
C ARG A 47 -11.71 -3.26 -8.09
N SER A 48 -11.53 -1.98 -7.76
CA SER A 48 -12.34 -1.33 -6.75
C SER A 48 -13.73 -1.01 -7.29
N GLN A 49 -14.73 -1.12 -6.43
CA GLN A 49 -16.11 -0.84 -6.81
C GLN A 49 -16.29 0.65 -7.10
N ASN A 50 -15.64 1.49 -6.32
CA ASN A 50 -15.73 2.93 -6.49
C ASN A 50 -15.87 3.29 -7.97
N LEU A 51 -14.80 3.09 -8.72
CA LEU A 51 -14.79 3.40 -10.14
C LEU A 51 -13.55 2.81 -10.83
N GLY A 52 -13.43 3.05 -12.13
CA GLY A 52 -12.29 2.55 -12.87
C GLY A 52 -10.99 2.66 -12.09
N LYS A 53 -10.66 1.61 -11.35
CA LYS A 53 -9.44 1.60 -10.55
C LYS A 53 -9.21 0.22 -9.92
N VAL A 54 -7.99 -0.02 -9.45
CA VAL A 54 -7.64 -1.28 -8.84
C VAL A 54 -7.13 -1.08 -7.41
N ASP A 55 -7.38 -2.07 -6.56
CA ASP A 55 -6.95 -2.00 -5.17
C ASP A 55 -5.80 -2.97 -4.91
N ILE A 56 -4.61 -2.43 -4.68
CA ILE A 56 -3.43 -3.24 -4.42
C ILE A 56 -3.29 -3.54 -2.93
N PHE A 57 -3.23 -4.82 -2.59
CA PHE A 57 -3.10 -5.24 -1.19
C PHE A 57 -1.82 -6.05 -1.00
N VAL A 58 -1.37 -6.13 0.26
CA VAL A 58 -0.16 -6.88 0.59
C VAL A 58 -0.48 -8.33 0.92
N LYS A 59 0.00 -9.25 0.10
CA LYS A 59 -0.23 -10.67 0.32
C LYS A 59 1.09 -11.45 0.33
N ASP A 60 1.09 -12.58 1.04
CA ASP A 60 2.29 -13.41 1.14
C ASP A 60 3.43 -12.65 1.81
N VAL A 61 3.13 -12.01 2.93
CA VAL A 61 4.14 -11.25 3.66
C VAL A 61 5.17 -12.16 4.31
N GLN A 62 6.32 -12.28 3.67
CA GLN A 62 7.40 -13.14 4.17
C GLN A 62 7.95 -12.59 5.49
N PRO A 63 7.72 -13.34 6.58
CA PRO A 63 8.17 -12.95 7.91
C PRO A 63 9.69 -13.04 8.05
N GLY A 64 10.35 -13.55 7.01
CA GLY A 64 11.79 -13.68 7.03
C GLY A 64 12.46 -12.88 5.94
N SER A 65 11.95 -11.68 5.68
CA SER A 65 12.51 -10.82 4.64
C SER A 65 12.55 -9.37 5.11
N VAL A 66 13.18 -8.51 4.32
CA VAL A 66 13.29 -7.10 4.64
C VAL A 66 11.93 -6.49 4.93
N ALA A 67 10.90 -7.01 4.27
CA ALA A 67 9.55 -6.52 4.46
C ALA A 67 9.12 -6.62 5.92
N ASP A 68 9.55 -7.68 6.58
CA ASP A 68 9.22 -7.90 7.98
C ASP A 68 10.11 -7.05 8.89
N ARG A 69 11.42 -7.22 8.74
CA ARG A 69 12.39 -6.47 9.55
C ARG A 69 12.11 -4.97 9.47
N ASP A 70 11.55 -4.53 8.35
CA ASP A 70 11.23 -3.12 8.15
C ASP A 70 10.44 -2.57 9.34
N GLN A 71 10.04 -1.31 9.24
CA GLN A 71 9.27 -0.67 10.29
C GLN A 71 8.12 -1.56 10.77
N ARG A 72 7.13 -1.73 9.91
CA ARG A 72 5.98 -2.56 10.23
C ARG A 72 5.06 -2.70 9.02
N LEU A 73 4.75 -3.95 8.67
CA LEU A 73 3.87 -4.23 7.53
C LEU A 73 2.97 -5.42 7.83
N LYS A 74 1.67 -5.15 7.87
CA LYS A 74 0.69 -6.20 8.13
C LYS A 74 0.06 -6.71 6.84
N GLU A 75 -0.44 -7.94 6.87
CA GLU A 75 -1.05 -8.55 5.69
C GLU A 75 -2.37 -7.85 5.35
N ASN A 76 -2.79 -7.98 4.10
CA ASN A 76 -4.03 -7.37 3.65
C ASN A 76 -3.96 -5.85 3.74
N ASP A 77 -2.75 -5.31 3.57
CA ASP A 77 -2.54 -3.87 3.65
C ASP A 77 -2.69 -3.23 2.26
N GLN A 78 -3.81 -2.52 2.07
CA GLN A 78 -4.06 -1.86 0.79
C GLN A 78 -3.12 -0.69 0.58
N ILE A 79 -2.25 -0.81 -0.41
CA ILE A 79 -1.29 0.25 -0.72
C ILE A 79 -1.96 1.43 -1.42
N LEU A 80 -2.10 2.53 -0.70
CA LEU A 80 -2.74 3.72 -1.26
C LEU A 80 -1.80 4.44 -2.22
N ALA A 81 -0.58 4.70 -1.76
CA ALA A 81 0.42 5.38 -2.58
C ALA A 81 1.78 4.68 -2.47
N ILE A 82 2.56 4.78 -3.54
CA ILE A 82 3.89 4.17 -3.56
C ILE A 82 4.95 5.16 -4.02
N ASN A 83 5.86 5.51 -3.11
CA ASN A 83 6.93 6.44 -3.43
C ASN A 83 6.36 7.82 -3.78
N HIS A 84 5.42 8.29 -2.95
CA HIS A 84 4.80 9.59 -3.18
C HIS A 84 3.97 9.58 -4.47
N THR A 85 3.13 8.57 -4.62
CA THR A 85 2.29 8.45 -5.81
C THR A 85 1.07 7.57 -5.52
N PRO A 86 -0.11 8.20 -5.51
CA PRO A 86 -1.38 7.49 -5.26
C PRO A 86 -1.77 6.57 -6.41
N LEU A 87 -2.35 5.43 -6.07
CA LEU A 87 -2.77 4.45 -7.08
C LEU A 87 -4.23 4.68 -7.48
N ASP A 88 -4.67 5.93 -7.40
CA ASP A 88 -6.04 6.28 -7.76
C ASP A 88 -6.38 5.80 -9.16
N GLN A 89 -7.58 6.12 -9.62
CA GLN A 89 -8.02 5.72 -10.95
C GLN A 89 -6.91 5.90 -11.97
N ASN A 90 -6.24 7.04 -11.91
CA ASN A 90 -5.15 7.34 -12.84
C ASN A 90 -4.23 6.15 -13.00
N ILE A 91 -3.66 5.69 -11.89
CA ILE A 91 -2.75 4.54 -11.90
C ILE A 91 -3.51 3.25 -11.66
N SER A 92 -3.19 2.22 -12.44
CA SER A 92 -3.85 0.92 -12.31
C SER A 92 -2.99 -0.03 -11.48
N HIS A 93 -3.43 -1.28 -11.38
CA HIS A 93 -2.71 -2.29 -10.61
C HIS A 93 -1.30 -2.49 -11.17
N GLN A 94 -1.21 -2.63 -12.48
CA GLN A 94 0.08 -2.83 -13.14
C GLN A 94 1.09 -1.78 -12.70
N GLN A 95 0.84 -0.54 -13.08
CA GLN A 95 1.74 0.57 -12.73
C GLN A 95 2.22 0.41 -11.29
N ALA A 96 1.29 0.22 -10.36
CA ALA A 96 1.62 0.06 -8.96
C ALA A 96 2.75 -0.95 -8.77
N ILE A 97 2.61 -2.10 -9.41
CA ILE A 97 3.63 -3.15 -9.32
C ILE A 97 4.98 -2.64 -9.79
N ALA A 98 5.00 -1.99 -10.95
CA ALA A 98 6.24 -1.47 -11.50
C ALA A 98 7.01 -0.65 -10.46
N LEU A 99 6.34 0.35 -9.90
CA LEU A 99 6.96 1.21 -8.90
C LEU A 99 7.77 0.39 -7.90
N LEU A 100 7.29 -0.82 -7.60
CA LEU A 100 7.98 -1.71 -6.67
C LEU A 100 9.14 -2.41 -7.34
N GLN A 101 8.85 -3.17 -8.40
CA GLN A 101 9.88 -3.90 -9.14
C GLN A 101 10.93 -2.94 -9.69
N GLN A 102 10.61 -1.64 -9.65
CA GLN A 102 11.52 -0.62 -10.16
C GLN A 102 12.23 0.09 -9.01
N THR A 103 11.45 0.79 -8.20
CA THR A 103 12.00 1.52 -7.06
C THR A 103 13.19 0.79 -6.45
N THR A 104 14.24 1.52 -6.12
CA THR A 104 15.43 0.94 -5.53
C THR A 104 15.82 1.67 -4.25
N GLY A 105 16.83 1.13 -3.55
CA GLY A 105 17.28 1.75 -2.32
C GLY A 105 16.17 1.86 -1.29
N SER A 106 15.52 3.02 -1.27
CA SER A 106 14.43 3.26 -0.32
C SER A 106 13.07 3.11 -1.00
N LEU A 107 12.18 2.36 -0.36
CA LEU A 107 10.85 2.13 -0.90
C LEU A 107 9.78 2.53 0.11
N ARG A 108 9.09 3.64 -0.15
CA ARG A 108 8.05 4.12 0.73
C ARG A 108 6.66 3.69 0.23
N LEU A 109 5.90 3.05 1.11
CA LEU A 109 4.56 2.59 0.75
C LEU A 109 3.54 3.03 1.79
N ILE A 110 2.51 3.72 1.34
CA ILE A 110 1.46 4.21 2.24
C ILE A 110 0.25 3.27 2.21
N VAL A 111 0.15 2.42 3.23
CA VAL A 111 -0.95 1.47 3.33
C VAL A 111 -1.95 1.91 4.41
N ALA A 112 -3.18 1.42 4.29
CA ALA A 112 -4.22 1.76 5.25
C ALA A 112 -4.67 0.53 6.03
N ARG A 113 -5.13 0.75 7.27
CA ARG A 113 -5.58 -0.34 8.11
C ARG A 113 -6.80 0.07 8.93
N GLU A 114 -7.67 -0.90 9.22
CA GLU A 114 -8.87 -0.63 10.00
C GLU A 114 -8.56 0.24 11.21
N PRO A 115 -9.41 1.26 11.44
CA PRO A 115 -9.24 2.18 12.56
C PRO A 115 -9.52 1.51 13.91
N VAL A 116 -9.41 2.28 14.98
CA VAL A 116 -9.66 1.77 16.32
C VAL A 116 -10.94 2.35 16.91
N HIS A 117 -11.65 1.53 17.68
CA HIS A 117 -12.89 1.97 18.30
C HIS A 117 -13.25 1.08 19.50
N THR A 118 -14.13 1.58 20.36
CA THR A 118 -14.54 0.84 21.54
C THR A 118 -15.63 -0.18 21.21
N LYS A 119 -15.58 -1.33 21.87
CA LYS A 119 -16.56 -2.38 21.65
C LYS A 119 -16.80 -3.19 22.92
N SER A 120 -18.06 -3.37 23.27
CA SER A 120 -18.43 -4.12 24.46
C SER A 120 -19.39 -5.25 24.13
N SER A 121 -18.89 -6.48 24.12
CA SER A 121 -19.70 -7.65 23.81
C SER A 121 -19.63 -8.67 24.93
N THR A 122 -20.80 -9.16 25.35
CA THR A 122 -20.87 -10.14 26.42
C THR A 122 -20.47 -11.53 25.92
N SER A 123 -19.50 -12.14 26.60
CA SER A 123 -19.03 -13.47 26.22
C SER A 123 -18.44 -14.20 27.42
N GLY A 124 -18.33 -15.52 27.30
CA GLY A 124 -17.78 -16.31 28.40
C GLY A 124 -16.38 -16.81 28.10
N PRO A 125 -15.58 -17.00 29.16
CA PRO A 125 -14.20 -17.47 29.04
C PRO A 125 -14.12 -18.92 28.59
N SER A 126 -13.61 -19.15 27.38
CA SER A 126 -13.49 -20.49 26.84
C SER A 126 -12.08 -20.72 26.28
N SER A 127 -11.44 -21.79 26.74
CA SER A 127 -10.10 -22.13 26.29
C SER A 127 -10.13 -22.92 24.99
N GLY A 128 -9.10 -22.75 24.17
CA GLY A 128 -9.04 -23.45 22.90
C GLY A 128 -9.30 -22.54 21.72
N GLY A 1 -8.36 15.01 -26.96
CA GLY A 1 -7.92 13.79 -27.60
C GLY A 1 -6.87 13.06 -26.78
N SER A 2 -7.31 12.41 -25.70
CA SER A 2 -6.40 11.67 -24.83
C SER A 2 -5.25 12.56 -24.36
N SER A 3 -5.58 13.79 -23.99
CA SER A 3 -4.58 14.75 -23.54
C SER A 3 -4.84 15.16 -22.10
N GLY A 4 -3.78 15.54 -21.39
CA GLY A 4 -3.92 15.96 -20.01
C GLY A 4 -3.00 17.11 -19.64
N SER A 5 -3.01 17.50 -18.38
CA SER A 5 -2.16 18.59 -17.91
C SER A 5 -1.54 18.25 -16.56
N SER A 6 -0.31 18.71 -16.35
CA SER A 6 0.41 18.46 -15.11
C SER A 6 -0.13 19.34 -13.98
N GLY A 7 0.11 18.92 -12.74
CA GLY A 7 -0.35 19.69 -11.60
C GLY A 7 -1.67 19.18 -11.07
N LEU A 8 -1.86 19.30 -9.76
CA LEU A 8 -3.10 18.85 -9.13
C LEU A 8 -4.25 19.82 -9.40
N GLY A 9 -5.47 19.39 -9.10
CA GLY A 9 -6.63 20.23 -9.32
C GLY A 9 -7.65 20.11 -8.21
N ASN A 10 -8.90 19.84 -8.59
CA ASN A 10 -9.98 19.72 -7.62
C ASN A 10 -9.49 19.01 -6.35
N GLU A 11 -8.70 17.95 -6.54
CA GLU A 11 -8.17 17.20 -5.41
C GLU A 11 -6.64 17.20 -5.43
N ASP A 12 -6.04 16.93 -4.27
CA ASP A 12 -4.59 16.91 -4.15
C ASP A 12 -4.12 15.58 -3.56
N PHE A 13 -2.81 15.34 -3.66
CA PHE A 13 -2.22 14.11 -3.15
C PHE A 13 -2.83 13.74 -1.79
N ASN A 14 -2.88 14.72 -0.89
CA ASN A 14 -3.43 14.50 0.44
C ASN A 14 -4.92 14.15 0.36
N SER A 15 -5.60 14.68 -0.65
CA SER A 15 -7.02 14.42 -0.84
C SER A 15 -7.25 13.02 -1.38
N VAL A 16 -6.61 12.71 -2.50
CA VAL A 16 -6.74 11.40 -3.13
C VAL A 16 -6.55 10.29 -2.12
N ILE A 17 -5.54 10.44 -1.27
CA ILE A 17 -5.25 9.44 -0.25
C ILE A 17 -6.37 9.36 0.79
N GLN A 18 -6.79 10.52 1.28
CA GLN A 18 -7.87 10.58 2.27
C GLN A 18 -9.16 10.01 1.70
N GLN A 19 -9.29 10.04 0.38
CA GLN A 19 -10.49 9.53 -0.29
C GLN A 19 -10.41 8.02 -0.45
N MET A 20 -9.21 7.51 -0.66
CA MET A 20 -9.01 6.07 -0.82
C MET A 20 -8.93 5.37 0.53
N ALA A 21 -8.53 6.11 1.56
CA ALA A 21 -8.42 5.56 2.89
C ALA A 21 -9.78 5.46 3.56
N GLN A 22 -10.66 6.42 3.25
CA GLN A 22 -12.00 6.44 3.83
C GLN A 22 -11.94 6.44 5.35
N GLY A 23 -11.12 7.32 5.91
CA GLY A 23 -10.99 7.40 7.35
C GLY A 23 -9.95 6.44 7.90
N ARG A 24 -9.87 5.26 7.30
CA ARG A 24 -8.90 4.25 7.73
C ARG A 24 -7.58 4.89 8.10
N GLN A 25 -7.01 4.46 9.23
CA GLN A 25 -5.74 4.99 9.69
C GLN A 25 -4.63 4.70 8.69
N ILE A 26 -4.01 5.77 8.17
CA ILE A 26 -2.94 5.63 7.20
C ILE A 26 -1.60 5.48 7.89
N GLU A 27 -0.75 4.60 7.34
CA GLU A 27 0.58 4.37 7.90
C GLU A 27 1.64 4.42 6.82
N TYR A 28 2.87 4.70 7.23
CA TYR A 28 4.00 4.78 6.30
C TYR A 28 4.97 3.63 6.52
N ILE A 29 4.99 2.68 5.58
CA ILE A 29 5.88 1.54 5.67
C ILE A 29 7.14 1.76 4.85
N ASP A 30 8.25 2.03 5.54
CA ASP A 30 9.53 2.26 4.88
C ASP A 30 10.32 0.96 4.77
N ILE A 31 10.31 0.36 3.57
CA ILE A 31 11.03 -0.88 3.34
C ILE A 31 12.40 -0.62 2.73
N GLU A 32 13.42 -1.30 3.24
CA GLU A 32 14.77 -1.14 2.74
C GLU A 32 15.06 -2.11 1.60
N ARG A 33 15.14 -1.59 0.39
CA ARG A 33 15.40 -2.41 -0.79
C ARG A 33 16.78 -3.06 -0.70
N PRO A 34 16.81 -4.41 -0.75
CA PRO A 34 18.05 -5.17 -0.67
C PRO A 34 18.91 -5.01 -1.92
N SER A 35 19.99 -5.78 -2.00
CA SER A 35 20.90 -5.72 -3.14
C SER A 35 20.49 -6.73 -4.21
N THR A 36 20.66 -8.01 -3.90
CA THR A 36 20.32 -9.07 -4.83
C THR A 36 19.06 -9.81 -4.39
N GLY A 37 18.27 -9.15 -3.53
CA GLY A 37 17.04 -9.76 -3.05
C GLY A 37 15.81 -9.08 -3.60
N GLY A 38 14.90 -8.71 -2.71
CA GLY A 38 13.67 -8.05 -3.12
C GLY A 38 12.82 -7.61 -1.95
N LEU A 39 11.66 -7.02 -2.25
CA LEU A 39 10.75 -6.55 -1.21
C LEU A 39 10.40 -7.67 -0.24
N GLY A 40 10.39 -8.91 -0.75
CA GLY A 40 10.06 -10.05 0.09
C GLY A 40 8.58 -10.19 0.32
N PHE A 41 7.79 -9.30 -0.27
CA PHE A 41 6.35 -9.33 -0.12
C PHE A 41 5.65 -9.16 -1.47
N SER A 42 4.61 -9.95 -1.70
CA SER A 42 3.87 -9.90 -2.96
C SER A 42 2.60 -9.06 -2.79
N VAL A 43 1.88 -8.85 -3.89
CA VAL A 43 0.65 -8.07 -3.87
C VAL A 43 -0.41 -8.71 -4.77
N VAL A 44 -1.58 -8.08 -4.83
CA VAL A 44 -2.68 -8.57 -5.65
C VAL A 44 -3.51 -7.42 -6.21
N ALA A 45 -4.07 -7.63 -7.40
CA ALA A 45 -4.89 -6.62 -8.05
C ALA A 45 -6.37 -6.96 -7.94
N LEU A 46 -7.15 -6.01 -7.44
CA LEU A 46 -8.59 -6.21 -7.29
C LEU A 46 -9.35 -4.92 -7.57
N ARG A 47 -10.07 -4.90 -8.69
CA ARG A 47 -10.84 -3.72 -9.08
C ARG A 47 -11.65 -3.18 -7.89
N SER A 48 -11.33 -1.96 -7.48
CA SER A 48 -12.00 -1.34 -6.35
C SER A 48 -13.49 -1.15 -6.66
N GLN A 49 -14.26 -0.81 -5.63
CA GLN A 49 -15.70 -0.60 -5.78
C GLN A 49 -16.02 0.88 -5.95
N ASN A 50 -14.99 1.68 -6.21
CA ASN A 50 -15.16 3.12 -6.40
C ASN A 50 -15.50 3.44 -7.85
N LEU A 51 -14.48 3.40 -8.71
CA LEU A 51 -14.67 3.70 -10.13
C LEU A 51 -13.36 3.52 -10.89
N GLY A 52 -13.44 2.82 -12.03
CA GLY A 52 -12.26 2.59 -12.84
C GLY A 52 -10.97 2.70 -12.04
N LYS A 53 -10.77 1.76 -11.12
CA LYS A 53 -9.58 1.75 -10.29
C LYS A 53 -9.38 0.38 -9.64
N VAL A 54 -8.12 0.04 -9.39
CA VAL A 54 -7.79 -1.25 -8.78
C VAL A 54 -7.16 -1.05 -7.40
N ASP A 55 -7.32 -2.04 -6.53
CA ASP A 55 -6.77 -1.98 -5.18
C ASP A 55 -5.62 -2.97 -5.02
N ILE A 56 -4.47 -2.47 -4.61
CA ILE A 56 -3.29 -3.31 -4.41
C ILE A 56 -3.13 -3.69 -2.95
N PHE A 57 -3.32 -4.98 -2.64
CA PHE A 57 -3.20 -5.47 -1.28
C PHE A 57 -1.93 -6.30 -1.12
N VAL A 58 -1.36 -6.27 0.08
CA VAL A 58 -0.14 -7.02 0.37
C VAL A 58 -0.46 -8.48 0.66
N LYS A 59 0.08 -9.37 -0.17
CA LYS A 59 -0.15 -10.81 0.01
C LYS A 59 1.18 -11.56 0.08
N ASP A 60 1.19 -12.65 0.84
CA ASP A 60 2.40 -13.46 1.00
C ASP A 60 3.51 -12.66 1.66
N VAL A 61 3.20 -12.08 2.82
CA VAL A 61 4.17 -11.30 3.57
C VAL A 61 5.20 -12.19 4.26
N GLN A 62 6.38 -12.28 3.65
CA GLN A 62 7.45 -13.09 4.21
C GLN A 62 7.79 -12.68 5.63
N PRO A 63 7.51 -13.56 6.60
CA PRO A 63 7.77 -13.31 8.01
C PRO A 63 9.26 -13.27 8.34
N GLY A 64 10.09 -13.46 7.31
CA GLY A 64 11.53 -13.44 7.50
C GLY A 64 12.22 -12.43 6.62
N SER A 65 11.78 -12.34 5.36
CA SER A 65 12.37 -11.41 4.42
C SER A 65 12.45 -10.00 5.00
N VAL A 66 12.95 -9.06 4.22
CA VAL A 66 13.07 -7.68 4.67
C VAL A 66 11.72 -7.11 5.08
N ALA A 67 10.69 -7.45 4.33
CA ALA A 67 9.34 -6.98 4.62
C ALA A 67 8.99 -7.20 6.08
N ASP A 68 9.37 -8.35 6.61
CA ASP A 68 9.09 -8.69 8.01
C ASP A 68 9.98 -7.88 8.94
N ARG A 69 11.26 -8.25 9.00
CA ARG A 69 12.21 -7.57 9.86
C ARG A 69 12.02 -6.05 9.79
N ASP A 70 11.48 -5.59 8.68
CA ASP A 70 11.25 -4.16 8.48
C ASP A 70 10.39 -3.59 9.61
N GLN A 71 10.29 -2.26 9.67
CA GLN A 71 9.51 -1.60 10.69
C GLN A 71 8.27 -2.42 11.05
N ARG A 72 7.32 -2.48 10.13
CA ARG A 72 6.08 -3.22 10.34
C ARG A 72 5.22 -3.22 9.09
N LEU A 73 4.73 -4.41 8.72
CA LEU A 73 3.89 -4.54 7.52
C LEU A 73 2.95 -5.73 7.67
N LYS A 74 1.65 -5.46 7.60
CA LYS A 74 0.64 -6.51 7.72
C LYS A 74 0.13 -6.92 6.34
N GLU A 75 -0.56 -8.05 6.29
CA GLU A 75 -1.11 -8.55 5.03
C GLU A 75 -2.40 -7.83 4.66
N ASN A 76 -2.91 -8.11 3.48
CA ASN A 76 -4.15 -7.48 3.01
C ASN A 76 -4.08 -5.97 3.19
N ASP A 77 -2.88 -5.41 3.14
CA ASP A 77 -2.68 -3.98 3.29
C ASP A 77 -2.84 -3.26 1.95
N GLN A 78 -3.93 -2.51 1.81
CA GLN A 78 -4.20 -1.77 0.58
C GLN A 78 -3.27 -0.58 0.46
N ILE A 79 -2.29 -0.69 -0.44
CA ILE A 79 -1.34 0.39 -0.66
C ILE A 79 -2.00 1.59 -1.36
N LEU A 80 -2.16 2.68 -0.62
CA LEU A 80 -2.76 3.88 -1.17
C LEU A 80 -1.82 4.59 -2.13
N ALA A 81 -0.56 4.75 -1.72
CA ALA A 81 0.45 5.40 -2.54
C ALA A 81 1.79 4.70 -2.41
N ILE A 82 2.61 4.83 -3.45
CA ILE A 82 3.93 4.21 -3.45
C ILE A 82 5.01 5.22 -3.85
N ASN A 83 5.80 5.63 -2.87
CA ASN A 83 6.87 6.59 -3.11
C ASN A 83 6.31 7.93 -3.59
N HIS A 84 5.38 8.49 -2.81
CA HIS A 84 4.77 9.77 -3.15
C HIS A 84 4.04 9.67 -4.48
N THR A 85 3.21 8.64 -4.62
CA THR A 85 2.45 8.45 -5.85
C THR A 85 1.25 7.54 -5.60
N PRO A 86 0.05 8.14 -5.56
CA PRO A 86 -1.20 7.41 -5.34
C PRO A 86 -1.58 6.53 -6.52
N LEU A 87 -2.12 5.36 -6.24
CA LEU A 87 -2.53 4.42 -7.27
C LEU A 87 -4.01 4.58 -7.61
N ASP A 88 -4.50 5.81 -7.48
CA ASP A 88 -5.90 6.11 -7.78
C ASP A 88 -6.27 5.66 -9.18
N GLN A 89 -7.54 5.82 -9.54
CA GLN A 89 -8.02 5.44 -10.86
C GLN A 89 -6.95 5.70 -11.92
N ASN A 90 -6.19 6.77 -11.73
CA ASN A 90 -5.14 7.13 -12.67
C ASN A 90 -4.22 5.95 -12.95
N ILE A 91 -3.61 5.42 -11.89
CA ILE A 91 -2.72 4.27 -12.02
C ILE A 91 -3.46 2.97 -11.76
N SER A 92 -3.27 2.00 -12.65
CA SER A 92 -3.91 0.70 -12.53
C SER A 92 -3.11 -0.22 -11.61
N HIS A 93 -3.55 -1.46 -11.51
CA HIS A 93 -2.88 -2.45 -10.66
C HIS A 93 -1.48 -2.74 -11.19
N GLN A 94 -1.36 -2.86 -12.51
CA GLN A 94 -0.08 -3.15 -13.14
C GLN A 94 0.97 -2.12 -12.71
N GLN A 95 0.79 -0.88 -13.17
CA GLN A 95 1.72 0.19 -12.83
C GLN A 95 2.14 0.12 -11.37
N ALA A 96 1.16 -0.09 -10.50
CA ALA A 96 1.42 -0.17 -9.06
C ALA A 96 2.55 -1.16 -8.77
N ILE A 97 2.52 -2.30 -9.44
CA ILE A 97 3.54 -3.33 -9.25
C ILE A 97 4.90 -2.85 -9.75
N ALA A 98 4.89 -2.11 -10.85
CA ALA A 98 6.12 -1.58 -11.42
C ALA A 98 6.84 -0.67 -10.44
N LEU A 99 6.15 0.37 -9.99
CA LEU A 99 6.72 1.32 -9.04
C LEU A 99 7.60 0.61 -8.03
N LEU A 100 7.25 -0.62 -7.70
CA LEU A 100 8.03 -1.42 -6.75
C LEU A 100 9.20 -2.10 -7.43
N GLN A 101 8.92 -2.98 -8.37
CA GLN A 101 9.95 -3.70 -9.10
C GLN A 101 10.96 -2.73 -9.70
N GLN A 102 10.59 -1.45 -9.77
CA GLN A 102 11.47 -0.43 -10.32
C GLN A 102 12.17 0.34 -9.21
N THR A 103 11.41 1.13 -8.45
CA THR A 103 11.96 1.91 -7.36
C THR A 103 13.05 1.14 -6.63
N THR A 104 14.22 1.78 -6.48
CA THR A 104 15.35 1.15 -5.81
C THR A 104 15.52 1.70 -4.40
N GLY A 105 16.55 1.25 -3.71
CA GLY A 105 16.81 1.71 -2.35
C GLY A 105 15.54 1.86 -1.55
N SER A 106 15.61 2.63 -0.46
CA SER A 106 14.46 2.84 0.41
C SER A 106 13.16 2.82 -0.41
N LEU A 107 12.13 2.19 0.16
CA LEU A 107 10.84 2.10 -0.50
C LEU A 107 9.70 2.42 0.46
N ARG A 108 9.13 3.61 0.33
CA ARG A 108 8.04 4.04 1.19
C ARG A 108 6.69 3.60 0.61
N LEU A 109 5.84 3.06 1.48
CA LEU A 109 4.52 2.61 1.06
C LEU A 109 3.44 3.09 2.03
N ILE A 110 2.48 3.85 1.51
CA ILE A 110 1.39 4.36 2.32
C ILE A 110 0.19 3.43 2.31
N VAL A 111 0.05 2.63 3.37
CA VAL A 111 -1.05 1.69 3.46
C VAL A 111 -2.09 2.17 4.48
N ALA A 112 -3.29 1.62 4.39
CA ALA A 112 -4.38 1.99 5.29
C ALA A 112 -4.64 0.88 6.30
N ARG A 113 -5.21 1.26 7.45
CA ARG A 113 -5.51 0.30 8.50
C ARG A 113 -6.93 0.52 9.04
N GLU A 114 -7.44 -0.47 9.77
CA GLU A 114 -8.77 -0.39 10.34
C GLU A 114 -8.71 0.01 11.82
N PRO A 115 -9.64 0.90 12.23
CA PRO A 115 -9.70 1.38 13.62
C PRO A 115 -10.16 0.29 14.58
N VAL A 116 -9.86 0.49 15.86
CA VAL A 116 -10.24 -0.47 16.90
C VAL A 116 -10.28 -1.89 16.34
N HIS A 117 -9.33 -2.19 15.46
CA HIS A 117 -9.25 -3.52 14.85
C HIS A 117 -9.16 -4.60 15.93
N THR A 118 -9.63 -5.80 15.60
CA THR A 118 -9.61 -6.92 16.52
C THR A 118 -9.11 -8.19 15.84
N LYS A 119 -8.81 -9.21 16.64
CA LYS A 119 -8.34 -10.48 16.11
C LYS A 119 -8.82 -11.65 16.98
N SER A 120 -8.83 -12.84 16.41
CA SER A 120 -9.25 -14.04 17.12
C SER A 120 -8.52 -15.27 16.63
N SER A 121 -8.24 -16.19 17.54
CA SER A 121 -7.53 -17.42 17.19
C SER A 121 -6.36 -17.13 16.27
N THR A 122 -5.54 -16.16 16.65
CA THR A 122 -4.38 -15.77 15.85
C THR A 122 -3.14 -16.53 16.30
N SER A 123 -3.30 -17.82 16.60
CA SER A 123 -2.19 -18.65 17.04
C SER A 123 -1.38 -19.15 15.84
N GLY A 124 -0.26 -18.48 15.57
CA GLY A 124 0.58 -18.87 14.46
C GLY A 124 1.89 -19.48 14.92
N PRO A 125 2.40 -20.45 14.14
CA PRO A 125 3.65 -21.15 14.46
C PRO A 125 4.87 -20.24 14.29
N SER A 126 5.84 -20.39 15.18
CA SER A 126 7.05 -19.58 15.14
C SER A 126 8.30 -20.47 15.22
N SER A 127 8.83 -20.84 14.05
CA SER A 127 10.01 -21.68 13.99
C SER A 127 11.20 -20.90 13.43
N GLY A 128 12.35 -21.05 14.08
CA GLY A 128 13.54 -20.35 13.63
C GLY A 128 13.90 -19.17 14.53
N GLY A 1 -3.38 12.76 -28.64
CA GLY A 1 -2.92 12.73 -27.27
C GLY A 1 -2.03 13.90 -26.93
N SER A 2 -0.82 13.60 -26.44
CA SER A 2 0.13 14.65 -26.08
C SER A 2 -0.44 15.54 -24.97
N SER A 3 -1.06 14.91 -23.98
CA SER A 3 -1.65 15.65 -22.87
C SER A 3 -0.71 15.67 -21.67
N GLY A 4 -0.20 16.86 -21.35
CA GLY A 4 0.71 17.00 -20.23
C GLY A 4 0.50 18.29 -19.47
N SER A 5 0.62 18.24 -18.15
CA SER A 5 0.44 19.41 -17.30
C SER A 5 1.11 19.22 -15.95
N SER A 6 1.05 20.25 -15.12
CA SER A 6 1.66 20.20 -13.79
C SER A 6 0.69 20.71 -12.74
N GLY A 7 1.07 20.56 -11.47
CA GLY A 7 0.22 21.02 -10.38
C GLY A 7 -0.86 20.01 -10.04
N LEU A 8 -0.99 19.71 -8.75
CA LEU A 8 -2.00 18.76 -8.29
C LEU A 8 -3.39 19.14 -8.80
N GLY A 9 -3.83 20.34 -8.45
CA GLY A 9 -5.13 20.82 -8.89
C GLY A 9 -6.14 20.85 -7.76
N ASN A 10 -7.41 20.60 -8.09
CA ASN A 10 -8.48 20.60 -7.09
C ASN A 10 -8.10 19.72 -5.90
N GLU A 11 -7.66 18.51 -6.18
CA GLU A 11 -7.28 17.57 -5.13
C GLU A 11 -5.76 17.50 -4.99
N ASP A 12 -5.30 17.26 -3.77
CA ASP A 12 -3.86 17.17 -3.50
C ASP A 12 -3.48 15.76 -3.08
N PHE A 13 -2.19 15.44 -3.20
CA PHE A 13 -1.69 14.13 -2.83
C PHE A 13 -2.23 13.70 -1.47
N ASN A 14 -2.32 14.65 -0.55
CA ASN A 14 -2.82 14.38 0.79
C ASN A 14 -4.33 14.12 0.77
N SER A 15 -5.02 14.80 -0.12
CA SER A 15 -6.47 14.66 -0.24
C SER A 15 -6.83 13.31 -0.89
N VAL A 16 -6.12 12.98 -1.96
CA VAL A 16 -6.36 11.73 -2.67
C VAL A 16 -6.21 10.53 -1.75
N ILE A 17 -5.14 10.54 -0.95
CA ILE A 17 -4.88 9.46 0.00
C ILE A 17 -6.00 9.34 1.02
N GLN A 18 -6.34 10.47 1.65
CA GLN A 18 -7.40 10.48 2.65
C GLN A 18 -8.72 10.00 2.06
N GLN A 19 -8.97 10.36 0.81
CA GLN A 19 -10.20 9.96 0.14
C GLN A 19 -10.21 8.45 -0.13
N MET A 20 -9.05 7.90 -0.46
CA MET A 20 -8.93 6.48 -0.73
C MET A 20 -9.00 5.67 0.56
N ALA A 21 -8.55 6.27 1.66
CA ALA A 21 -8.56 5.61 2.96
C ALA A 21 -9.98 5.54 3.52
N GLN A 22 -10.78 6.57 3.22
CA GLN A 22 -12.15 6.62 3.71
C GLN A 22 -12.20 6.63 5.23
N GLY A 23 -11.26 7.36 5.84
CA GLY A 23 -11.20 7.44 7.29
C GLY A 23 -10.24 6.44 7.89
N ARG A 24 -10.06 5.30 7.21
CA ARG A 24 -9.17 4.26 7.69
C ARG A 24 -7.81 4.85 8.08
N GLN A 25 -7.25 4.35 9.18
CA GLN A 25 -5.96 4.82 9.66
C GLN A 25 -4.86 4.52 8.65
N ILE A 26 -4.27 5.56 8.10
CA ILE A 26 -3.20 5.41 7.12
C ILE A 26 -1.84 5.29 7.80
N GLU A 27 -0.99 4.41 7.28
CA GLU A 27 0.34 4.21 7.84
C GLU A 27 1.39 4.21 6.74
N TYR A 28 2.41 5.06 6.91
CA TYR A 28 3.48 5.15 5.92
C TYR A 28 4.53 4.05 6.14
N ILE A 29 4.47 3.02 5.32
CA ILE A 29 5.40 1.91 5.43
C ILE A 29 6.64 2.15 4.57
N ASP A 30 7.72 2.56 5.21
CA ASP A 30 8.97 2.83 4.50
C ASP A 30 9.85 1.58 4.47
N ILE A 31 9.91 0.94 3.30
CA ILE A 31 10.71 -0.26 3.14
C ILE A 31 12.10 0.07 2.61
N GLU A 32 13.12 -0.56 3.21
CA GLU A 32 14.50 -0.33 2.79
C GLU A 32 15.02 -1.48 1.93
N ARG A 33 14.77 -1.40 0.64
CA ARG A 33 15.21 -2.44 -0.30
C ARG A 33 16.68 -2.77 -0.09
N PRO A 34 16.98 -4.05 0.12
CA PRO A 34 18.35 -4.53 0.33
C PRO A 34 19.20 -4.44 -0.92
N SER A 35 20.42 -4.95 -0.85
CA SER A 35 21.33 -4.92 -1.99
C SER A 35 21.03 -6.07 -2.95
N THR A 36 20.95 -7.28 -2.41
CA THR A 36 20.67 -8.46 -3.22
C THR A 36 19.47 -8.23 -4.13
N GLY A 37 18.55 -7.38 -3.69
CA GLY A 37 17.36 -7.08 -4.49
C GLY A 37 16.16 -7.90 -4.06
N GLY A 38 15.02 -7.23 -3.90
CA GLY A 38 13.81 -7.92 -3.50
C GLY A 38 13.08 -7.20 -2.38
N LEU A 39 11.83 -7.57 -2.16
CA LEU A 39 11.02 -6.94 -1.12
C LEU A 39 10.56 -7.98 -0.09
N GLY A 40 10.36 -9.21 -0.55
CA GLY A 40 9.93 -10.28 0.33
C GLY A 40 8.43 -10.26 0.58
N PHE A 41 7.71 -9.48 -0.23
CA PHE A 41 6.26 -9.38 -0.09
C PHE A 41 5.59 -9.28 -1.46
N SER A 42 4.40 -9.87 -1.57
CA SER A 42 3.66 -9.86 -2.82
C SER A 42 2.46 -8.93 -2.73
N VAL A 43 1.79 -8.73 -3.86
CA VAL A 43 0.61 -7.86 -3.92
C VAL A 43 -0.46 -8.44 -4.84
N VAL A 44 -1.71 -8.16 -4.52
CA VAL A 44 -2.83 -8.65 -5.31
C VAL A 44 -3.64 -7.51 -5.90
N ALA A 45 -4.14 -7.71 -7.11
CA ALA A 45 -4.94 -6.68 -7.79
C ALA A 45 -6.42 -7.03 -7.75
N LEU A 46 -7.21 -6.14 -7.16
CA LEU A 46 -8.65 -6.36 -7.06
C LEU A 46 -9.42 -5.09 -7.44
N ARG A 47 -10.08 -5.13 -8.59
CA ARG A 47 -10.85 -3.99 -9.08
C ARG A 47 -11.89 -3.57 -8.04
N SER A 48 -11.89 -2.28 -7.70
CA SER A 48 -12.83 -1.75 -6.73
C SER A 48 -14.20 -1.50 -7.36
N GLN A 49 -15.16 -1.09 -6.55
CA GLN A 49 -16.51 -0.84 -7.03
C GLN A 49 -16.69 0.64 -7.36
N ASN A 50 -16.12 1.51 -6.54
CA ASN A 50 -16.22 2.95 -6.75
C ASN A 50 -16.23 3.28 -8.23
N LEU A 51 -15.12 2.97 -8.91
CA LEU A 51 -15.00 3.24 -10.35
C LEU A 51 -13.71 2.65 -10.90
N GLY A 52 -13.46 2.90 -12.18
CA GLY A 52 -12.26 2.39 -12.82
C GLY A 52 -11.03 2.56 -11.93
N LYS A 53 -10.75 1.55 -11.11
CA LYS A 53 -9.60 1.59 -10.22
C LYS A 53 -9.35 0.23 -9.60
N VAL A 54 -8.10 -0.02 -9.20
CA VAL A 54 -7.72 -1.29 -8.60
C VAL A 54 -7.16 -1.08 -7.19
N ASP A 55 -7.37 -2.06 -6.32
CA ASP A 55 -6.88 -1.98 -4.95
C ASP A 55 -5.77 -3.01 -4.72
N ILE A 56 -4.55 -2.50 -4.50
CA ILE A 56 -3.41 -3.37 -4.27
C ILE A 56 -3.28 -3.71 -2.78
N PHE A 57 -3.33 -5.00 -2.47
CA PHE A 57 -3.23 -5.46 -1.10
C PHE A 57 -1.96 -6.29 -0.90
N VAL A 58 -1.33 -6.15 0.27
CA VAL A 58 -0.11 -6.88 0.57
C VAL A 58 -0.42 -8.33 0.95
N LYS A 59 -0.01 -9.25 0.10
CA LYS A 59 -0.24 -10.68 0.34
C LYS A 59 1.08 -11.44 0.38
N ASP A 60 1.10 -12.54 1.13
CA ASP A 60 2.29 -13.36 1.25
C ASP A 60 3.43 -12.57 1.87
N VAL A 61 3.18 -11.99 3.04
CA VAL A 61 4.18 -11.20 3.75
C VAL A 61 5.16 -12.10 4.50
N GLN A 62 6.35 -12.26 3.94
CA GLN A 62 7.38 -13.09 4.56
C GLN A 62 7.72 -12.58 5.95
N PRO A 63 7.69 -13.49 6.95
CA PRO A 63 8.00 -13.15 8.34
C PRO A 63 9.48 -12.84 8.54
N GLY A 64 10.28 -13.15 7.53
CA GLY A 64 11.71 -12.90 7.62
C GLY A 64 12.27 -12.26 6.36
N SER A 65 11.88 -11.01 6.11
CA SER A 65 12.35 -10.30 4.93
C SER A 65 12.23 -8.79 5.14
N VAL A 66 13.11 -8.03 4.48
CA VAL A 66 13.12 -6.58 4.59
C VAL A 66 11.69 -6.05 4.74
N ALA A 67 10.74 -6.72 4.10
CA ALA A 67 9.34 -6.31 4.16
C ALA A 67 8.92 -6.02 5.60
N ASP A 68 9.21 -6.94 6.50
CA ASP A 68 8.87 -6.79 7.90
C ASP A 68 10.11 -6.52 8.75
N ARG A 69 11.04 -7.46 8.73
CA ARG A 69 12.28 -7.33 9.50
C ARG A 69 12.78 -5.88 9.49
N ASP A 70 12.73 -5.26 8.31
CA ASP A 70 13.17 -3.88 8.16
C ASP A 70 12.12 -2.91 8.69
N GLN A 71 11.00 -2.80 7.98
CA GLN A 71 9.93 -1.90 8.39
C GLN A 71 8.67 -2.69 8.74
N ARG A 72 7.88 -2.15 9.65
CA ARG A 72 6.64 -2.80 10.08
C ARG A 72 5.64 -2.87 8.93
N LEU A 73 5.22 -4.09 8.59
CA LEU A 73 4.27 -4.30 7.51
C LEU A 73 3.37 -5.50 7.80
N LYS A 74 2.07 -5.28 7.72
CA LYS A 74 1.10 -6.34 7.98
C LYS A 74 0.46 -6.82 6.67
N GLU A 75 -0.18 -7.98 6.71
CA GLU A 75 -0.83 -8.54 5.55
C GLU A 75 -2.16 -7.84 5.27
N ASN A 76 -2.68 -8.01 4.06
CA ASN A 76 -3.95 -7.38 3.68
C ASN A 76 -3.88 -5.86 3.83
N ASP A 77 -2.74 -5.30 3.45
CA ASP A 77 -2.55 -3.85 3.56
C ASP A 77 -2.77 -3.18 2.20
N GLN A 78 -3.94 -2.56 2.04
CA GLN A 78 -4.27 -1.89 0.79
C GLN A 78 -3.34 -0.71 0.54
N ILE A 79 -2.35 -0.92 -0.31
CA ILE A 79 -1.38 0.12 -0.65
C ILE A 79 -2.04 1.28 -1.39
N LEU A 80 -2.16 2.42 -0.73
CA LEU A 80 -2.77 3.59 -1.33
C LEU A 80 -1.81 4.29 -2.29
N ALA A 81 -0.58 4.51 -1.83
CA ALA A 81 0.43 5.16 -2.66
C ALA A 81 1.77 4.43 -2.56
N ILE A 82 2.56 4.50 -3.61
CA ILE A 82 3.87 3.86 -3.64
C ILE A 82 4.95 4.82 -4.10
N ASN A 83 5.90 5.11 -3.23
CA ASN A 83 6.99 6.02 -3.55
C ASN A 83 6.48 7.44 -3.79
N HIS A 84 5.73 7.96 -2.82
CA HIS A 84 5.18 9.30 -2.93
C HIS A 84 4.33 9.44 -4.18
N THR A 85 3.48 8.46 -4.43
CA THR A 85 2.61 8.47 -5.60
C THR A 85 1.37 7.61 -5.38
N PRO A 86 0.19 8.25 -5.37
CA PRO A 86 -1.08 7.57 -5.18
C PRO A 86 -1.46 6.69 -6.37
N LEU A 87 -2.07 5.55 -6.08
CA LEU A 87 -2.49 4.61 -7.13
C LEU A 87 -3.94 4.87 -7.53
N ASP A 88 -4.36 6.13 -7.45
CA ASP A 88 -5.73 6.50 -7.81
C ASP A 88 -6.06 6.03 -9.22
N GLN A 89 -7.30 6.25 -9.63
CA GLN A 89 -7.75 5.84 -10.96
C GLN A 89 -6.63 6.03 -11.98
N ASN A 90 -5.90 7.13 -11.86
CA ASN A 90 -4.81 7.42 -12.78
C ASN A 90 -3.91 6.20 -12.97
N ILE A 91 -3.44 5.65 -11.86
CA ILE A 91 -2.56 4.48 -11.90
C ILE A 91 -3.36 3.20 -11.66
N SER A 92 -3.14 2.20 -12.51
CA SER A 92 -3.83 0.93 -12.40
C SER A 92 -3.06 -0.04 -11.52
N HIS A 93 -3.54 -1.27 -11.42
CA HIS A 93 -2.89 -2.30 -10.61
C HIS A 93 -1.52 -2.63 -11.17
N GLN A 94 -1.43 -2.72 -12.49
CA GLN A 94 -0.16 -3.05 -13.16
C GLN A 94 0.92 -2.05 -12.77
N GLN A 95 0.70 -0.78 -13.10
CA GLN A 95 1.66 0.27 -12.79
C GLN A 95 2.19 0.13 -11.37
N ALA A 96 1.27 -0.03 -10.42
CA ALA A 96 1.64 -0.19 -9.01
C ALA A 96 2.77 -1.20 -8.86
N ILE A 97 2.55 -2.40 -9.38
CA ILE A 97 3.53 -3.47 -9.29
C ILE A 97 4.88 -3.02 -9.83
N ALA A 98 4.85 -2.26 -10.92
CA ALA A 98 6.07 -1.76 -11.55
C ALA A 98 6.90 -0.96 -10.54
N LEU A 99 6.36 0.19 -10.12
CA LEU A 99 7.04 1.05 -9.17
C LEU A 99 7.84 0.22 -8.15
N LEU A 100 7.23 -0.87 -7.68
CA LEU A 100 7.87 -1.75 -6.71
C LEU A 100 9.11 -2.41 -7.31
N GLN A 101 8.96 -2.93 -8.52
CA GLN A 101 10.07 -3.59 -9.21
C GLN A 101 11.08 -2.57 -9.72
N GLN A 102 10.63 -1.32 -9.87
CA GLN A 102 11.50 -0.25 -10.35
C GLN A 102 11.65 0.84 -9.29
N THR A 103 12.26 0.48 -8.17
CA THR A 103 12.45 1.43 -7.08
C THR A 103 13.68 1.05 -6.25
N THR A 104 14.77 1.81 -6.44
CA THR A 104 16.00 1.55 -5.71
C THR A 104 16.19 2.55 -4.57
N GLY A 105 17.22 2.33 -3.76
CA GLY A 105 17.49 3.22 -2.65
C GLY A 105 16.52 3.04 -1.50
N SER A 106 15.23 2.99 -1.81
CA SER A 106 14.20 2.81 -0.80
C SER A 106 12.82 2.68 -1.43
N LEU A 107 11.99 1.83 -0.86
CA LEU A 107 10.64 1.61 -1.37
C LEU A 107 9.59 2.03 -0.35
N ARG A 108 8.99 3.20 -0.56
CA ARG A 108 7.97 3.72 0.34
C ARG A 108 6.58 3.25 -0.08
N LEU A 109 5.80 2.78 0.88
CA LEU A 109 4.45 2.29 0.62
C LEU A 109 3.49 2.71 1.72
N ILE A 110 2.46 3.46 1.35
CA ILE A 110 1.47 3.92 2.31
C ILE A 110 0.20 3.07 2.26
N VAL A 111 0.01 2.24 3.28
CA VAL A 111 -1.17 1.37 3.35
C VAL A 111 -2.14 1.86 4.41
N ALA A 112 -3.39 1.42 4.30
CA ALA A 112 -4.42 1.81 5.26
C ALA A 112 -4.76 0.66 6.20
N ARG A 113 -5.41 0.98 7.31
CA ARG A 113 -5.79 -0.03 8.29
C ARG A 113 -7.18 0.26 8.86
N GLU A 114 -7.86 -0.79 9.31
CA GLU A 114 -9.19 -0.66 9.88
C GLU A 114 -9.13 -0.53 11.39
N PRO A 115 -9.90 0.43 11.94
CA PRO A 115 -9.94 0.66 13.39
C PRO A 115 -10.64 -0.46 14.14
N VAL A 116 -10.73 -0.32 15.46
CA VAL A 116 -11.37 -1.32 16.29
C VAL A 116 -12.44 -0.71 17.18
N HIS A 117 -13.62 -1.31 17.18
CA HIS A 117 -14.74 -0.80 17.99
C HIS A 117 -15.04 -1.76 19.14
N THR A 118 -14.95 -3.05 18.87
CA THR A 118 -15.22 -4.06 19.89
C THR A 118 -14.14 -5.14 19.89
N LYS A 119 -13.57 -5.40 21.07
CA LYS A 119 -12.53 -6.40 21.21
C LYS A 119 -13.12 -7.80 21.26
N SER A 120 -12.27 -8.81 21.07
CA SER A 120 -12.71 -10.21 21.09
C SER A 120 -11.65 -11.10 21.71
N SER A 121 -12.08 -12.26 22.20
CA SER A 121 -11.16 -13.21 22.82
C SER A 121 -11.67 -14.64 22.65
N THR A 122 -10.78 -15.53 22.23
CA THR A 122 -11.12 -16.93 22.03
C THR A 122 -10.05 -17.85 22.58
N SER A 123 -10.42 -19.11 22.83
CA SER A 123 -9.49 -20.10 23.36
C SER A 123 -8.23 -20.18 22.49
N GLY A 124 -7.14 -19.60 22.98
CA GLY A 124 -5.89 -19.63 22.24
C GLY A 124 -4.72 -20.04 23.09
N PRO A 125 -4.54 -21.36 23.28
CA PRO A 125 -3.46 -21.91 24.08
C PRO A 125 -2.10 -21.73 23.42
N SER A 126 -1.03 -21.82 24.21
CA SER A 126 0.32 -21.66 23.70
C SER A 126 0.81 -22.95 23.05
N SER A 127 1.49 -22.81 21.91
CA SER A 127 2.01 -23.97 21.19
C SER A 127 3.54 -23.96 21.17
N GLY A 128 4.13 -25.06 20.75
CA GLY A 128 5.57 -25.17 20.68
C GLY A 128 6.24 -24.74 21.98
N GLY A 1 -0.75 16.99 -26.48
CA GLY A 1 -0.14 18.05 -25.67
C GLY A 1 1.12 17.58 -24.98
N SER A 2 1.70 18.45 -24.17
CA SER A 2 2.92 18.13 -23.44
C SER A 2 2.74 16.87 -22.61
N SER A 3 3.85 16.19 -22.33
CA SER A 3 3.82 14.96 -21.54
C SER A 3 3.98 15.27 -20.05
N GLY A 4 2.86 15.31 -19.34
CA GLY A 4 2.89 15.59 -17.91
C GLY A 4 1.92 16.68 -17.52
N SER A 5 2.04 17.16 -16.28
CA SER A 5 1.15 18.20 -15.78
C SER A 5 1.87 19.06 -14.74
N SER A 6 1.37 20.27 -14.53
CA SER A 6 1.96 21.20 -13.57
C SER A 6 1.34 21.01 -12.19
N GLY A 7 2.19 20.85 -11.18
CA GLY A 7 1.71 20.67 -9.83
C GLY A 7 0.68 19.55 -9.73
N LEU A 8 0.14 19.36 -8.53
CA LEU A 8 -0.85 18.32 -8.29
C LEU A 8 -2.09 18.56 -9.16
N GLY A 9 -2.75 19.69 -8.93
CA GLY A 9 -3.95 20.00 -9.70
C GLY A 9 -5.18 20.12 -8.82
N ASN A 10 -6.31 19.66 -9.34
CA ASN A 10 -7.57 19.71 -8.60
C ASN A 10 -7.44 19.01 -7.25
N GLU A 11 -7.25 17.69 -7.31
CA GLU A 11 -7.11 16.90 -6.09
C GLU A 11 -5.65 16.85 -5.63
N ASP A 12 -5.44 17.04 -4.34
CA ASP A 12 -4.09 17.02 -3.78
C ASP A 12 -3.77 15.65 -3.19
N PHE A 13 -2.49 15.29 -3.20
CA PHE A 13 -2.06 14.01 -2.68
C PHE A 13 -2.82 13.65 -1.41
N ASN A 14 -2.67 14.48 -0.37
CA ASN A 14 -3.35 14.25 0.89
C ASN A 14 -4.84 14.04 0.68
N SER A 15 -5.39 14.68 -0.33
CA SER A 15 -6.81 14.57 -0.65
C SER A 15 -7.13 13.20 -1.25
N VAL A 16 -6.42 12.85 -2.32
CA VAL A 16 -6.61 11.58 -2.98
C VAL A 16 -6.41 10.41 -2.02
N ILE A 17 -5.39 10.51 -1.18
CA ILE A 17 -5.09 9.46 -0.21
C ILE A 17 -6.18 9.39 0.86
N GLN A 18 -6.56 10.54 1.39
CA GLN A 18 -7.60 10.61 2.42
C GLN A 18 -8.93 10.12 1.88
N GLN A 19 -9.12 10.24 0.58
CA GLN A 19 -10.35 9.81 -0.07
C GLN A 19 -10.36 8.31 -0.30
N MET A 20 -9.20 7.77 -0.66
CA MET A 20 -9.07 6.34 -0.90
C MET A 20 -9.12 5.56 0.41
N ALA A 21 -8.57 6.14 1.47
CA ALA A 21 -8.55 5.50 2.78
C ALA A 21 -9.96 5.37 3.35
N GLN A 22 -10.76 6.41 3.14
CA GLN A 22 -12.14 6.42 3.63
C GLN A 22 -12.16 6.36 5.16
N GLY A 23 -11.28 7.13 5.80
CA GLY A 23 -11.22 7.16 7.24
C GLY A 23 -10.22 6.16 7.79
N ARG A 24 -10.10 5.01 7.13
CA ARG A 24 -9.18 3.98 7.56
C ARG A 24 -7.85 4.57 8.00
N GLN A 25 -7.33 4.10 9.13
CA GLN A 25 -6.06 4.58 9.65
C GLN A 25 -4.92 4.32 8.67
N ILE A 26 -4.35 5.39 8.13
CA ILE A 26 -3.25 5.27 7.18
C ILE A 26 -1.91 5.15 7.90
N GLU A 27 -1.03 4.31 7.36
CA GLU A 27 0.28 4.10 7.95
C GLU A 27 1.37 4.11 6.88
N TYR A 28 2.24 5.10 6.93
CA TYR A 28 3.32 5.23 5.97
C TYR A 28 4.39 4.17 6.20
N ILE A 29 4.37 3.12 5.40
CA ILE A 29 5.35 2.04 5.51
C ILE A 29 6.58 2.30 4.65
N ASP A 30 7.64 2.76 5.28
CA ASP A 30 8.88 3.06 4.56
C ASP A 30 9.78 1.82 4.50
N ILE A 31 9.76 1.14 3.36
CA ILE A 31 10.57 -0.06 3.18
C ILE A 31 11.92 0.28 2.55
N GLU A 32 12.99 -0.27 3.12
CA GLU A 32 14.33 -0.03 2.61
C GLU A 32 14.73 -1.10 1.60
N ARG A 33 14.65 -0.75 0.32
CA ARG A 33 15.01 -1.68 -0.75
C ARG A 33 16.47 -2.09 -0.65
N PRO A 34 16.71 -3.41 -0.54
CA PRO A 34 18.05 -3.97 -0.44
C PRO A 34 18.85 -3.82 -1.74
N SER A 35 20.10 -4.27 -1.71
CA SER A 35 20.96 -4.19 -2.89
C SER A 35 20.54 -5.21 -3.94
N THR A 36 20.52 -6.48 -3.54
CA THR A 36 20.14 -7.56 -4.44
C THR A 36 18.99 -8.38 -3.87
N GLY A 37 18.21 -7.77 -2.99
CA GLY A 37 17.09 -8.46 -2.38
C GLY A 37 15.76 -7.97 -2.88
N GLY A 38 14.68 -8.62 -2.46
CA GLY A 38 13.35 -8.23 -2.89
C GLY A 38 12.49 -7.75 -1.74
N LEU A 39 11.53 -6.88 -2.05
CA LEU A 39 10.64 -6.34 -1.03
C LEU A 39 10.34 -7.39 0.04
N GLY A 40 10.22 -8.64 -0.39
CA GLY A 40 9.94 -9.72 0.55
C GLY A 40 8.45 -9.92 0.77
N PHE A 41 7.64 -9.32 -0.09
CA PHE A 41 6.18 -9.43 0.02
C PHE A 41 5.54 -9.48 -1.35
N SER A 42 4.29 -9.94 -1.40
CA SER A 42 3.55 -10.03 -2.66
C SER A 42 2.46 -8.97 -2.72
N VAL A 43 1.78 -8.90 -3.86
CA VAL A 43 0.71 -7.94 -4.07
C VAL A 43 -0.37 -8.50 -4.99
N VAL A 44 -1.61 -8.44 -4.53
CA VAL A 44 -2.74 -8.93 -5.31
C VAL A 44 -3.61 -7.78 -5.83
N ALA A 45 -3.94 -7.82 -7.11
CA ALA A 45 -4.77 -6.78 -7.72
C ALA A 45 -6.25 -7.10 -7.56
N LEU A 46 -7.03 -6.10 -7.18
CA LEU A 46 -8.47 -6.26 -7.00
C LEU A 46 -9.20 -4.96 -7.23
N ARG A 47 -9.91 -4.88 -8.36
CA ARG A 47 -10.68 -3.68 -8.70
C ARG A 47 -11.24 -3.02 -7.46
N SER A 48 -11.00 -1.72 -7.32
CA SER A 48 -11.48 -0.97 -6.17
C SER A 48 -12.97 -0.68 -6.31
N GLN A 49 -13.67 -0.66 -5.17
CA GLN A 49 -15.10 -0.39 -5.17
C GLN A 49 -15.38 1.11 -5.21
N ASN A 50 -14.37 1.88 -5.63
CA ASN A 50 -14.50 3.33 -5.72
C ASN A 50 -14.89 3.76 -7.13
N LEU A 51 -13.94 3.69 -8.04
CA LEU A 51 -14.18 4.08 -9.44
C LEU A 51 -12.98 3.74 -10.31
N GLY A 52 -13.26 3.31 -11.53
CA GLY A 52 -12.18 2.96 -12.46
C GLY A 52 -10.82 2.96 -11.78
N LYS A 53 -10.52 1.90 -11.05
CA LYS A 53 -9.24 1.78 -10.37
C LYS A 53 -9.11 0.43 -9.68
N VAL A 54 -7.89 0.06 -9.33
CA VAL A 54 -7.63 -1.21 -8.66
C VAL A 54 -7.01 -0.99 -7.29
N ASP A 55 -7.21 -1.96 -6.40
CA ASP A 55 -6.66 -1.88 -5.04
C ASP A 55 -5.63 -2.96 -4.80
N ILE A 56 -4.39 -2.55 -4.57
CA ILE A 56 -3.30 -3.49 -4.33
C ILE A 56 -3.22 -3.87 -2.85
N PHE A 57 -3.11 -5.17 -2.58
CA PHE A 57 -3.03 -5.67 -1.22
C PHE A 57 -1.78 -6.51 -1.02
N VAL A 58 -1.05 -6.24 0.05
CA VAL A 58 0.17 -6.99 0.35
C VAL A 58 -0.14 -8.41 0.78
N LYS A 59 0.30 -9.38 -0.02
CA LYS A 59 0.06 -10.79 0.27
C LYS A 59 1.38 -11.51 0.52
N ASP A 60 1.29 -12.74 1.02
CA ASP A 60 2.47 -13.55 1.29
C ASP A 60 3.57 -12.70 1.92
N VAL A 61 3.24 -12.03 3.03
CA VAL A 61 4.19 -11.18 3.73
C VAL A 61 5.21 -12.02 4.49
N GLN A 62 6.32 -12.33 3.84
CA GLN A 62 7.38 -13.13 4.45
C GLN A 62 7.63 -12.68 5.89
N PRO A 63 7.60 -13.66 6.81
CA PRO A 63 7.82 -13.38 8.23
C PRO A 63 9.27 -13.00 8.53
N GLY A 64 10.16 -13.21 7.56
CA GLY A 64 11.55 -12.89 7.74
C GLY A 64 12.12 -12.09 6.57
N SER A 65 11.68 -10.84 6.44
CA SER A 65 12.14 -9.98 5.37
C SER A 65 12.06 -8.51 5.77
N VAL A 66 12.82 -7.67 5.08
CA VAL A 66 12.86 -6.24 5.37
C VAL A 66 11.45 -5.72 5.65
N ALA A 67 10.54 -5.95 4.71
CA ALA A 67 9.16 -5.51 4.85
C ALA A 67 8.68 -5.64 6.29
N ASP A 68 9.14 -6.69 6.96
CA ASP A 68 8.76 -6.94 8.35
C ASP A 68 9.95 -6.68 9.28
N ARG A 69 10.89 -7.61 9.29
CA ARG A 69 12.07 -7.49 10.14
C ARG A 69 12.51 -6.04 10.26
N ASP A 70 12.66 -5.37 9.12
CA ASP A 70 13.08 -3.98 9.10
C ASP A 70 11.90 -3.06 9.46
N GLN A 71 11.00 -2.87 8.50
CA GLN A 71 9.84 -2.02 8.72
C GLN A 71 8.63 -2.84 9.16
N ARG A 72 7.66 -2.17 9.77
CA ARG A 72 6.45 -2.84 10.24
C ARG A 72 5.40 -2.90 9.14
N LEU A 73 5.15 -4.10 8.62
CA LEU A 73 4.17 -4.29 7.56
C LEU A 73 3.29 -5.49 7.85
N LYS A 74 1.98 -5.31 7.73
CA LYS A 74 1.02 -6.37 7.98
C LYS A 74 0.41 -6.87 6.68
N GLU A 75 -0.30 -8.00 6.75
CA GLU A 75 -0.94 -8.57 5.57
C GLU A 75 -2.27 -7.89 5.29
N ASN A 76 -2.75 -8.02 4.05
CA ASN A 76 -4.02 -7.42 3.66
C ASN A 76 -3.95 -5.90 3.75
N ASP A 77 -2.74 -5.36 3.60
CA ASP A 77 -2.55 -3.92 3.68
C ASP A 77 -2.73 -3.28 2.30
N GLN A 78 -3.89 -2.65 2.10
CA GLN A 78 -4.20 -1.99 0.84
C GLN A 78 -3.27 -0.80 0.60
N ILE A 79 -2.38 -0.94 -0.37
CA ILE A 79 -1.43 0.12 -0.71
C ILE A 79 -2.12 1.26 -1.46
N LEU A 80 -2.18 2.42 -0.84
CA LEU A 80 -2.81 3.59 -1.45
C LEU A 80 -1.84 4.30 -2.38
N ALA A 81 -0.63 4.55 -1.89
CA ALA A 81 0.40 5.22 -2.68
C ALA A 81 1.73 4.48 -2.60
N ILE A 82 2.48 4.50 -3.69
CA ILE A 82 3.77 3.84 -3.75
C ILE A 82 4.86 4.79 -4.20
N ASN A 83 5.85 5.02 -3.33
CA ASN A 83 6.95 5.92 -3.64
C ASN A 83 6.46 7.34 -3.88
N HIS A 84 5.65 7.85 -2.94
CA HIS A 84 5.11 9.20 -3.05
C HIS A 84 4.26 9.34 -4.31
N THR A 85 3.38 8.37 -4.54
CA THR A 85 2.51 8.39 -5.70
C THR A 85 1.25 7.57 -5.46
N PRO A 86 0.10 8.24 -5.47
CA PRO A 86 -1.20 7.60 -5.26
C PRO A 86 -1.61 6.70 -6.42
N LEU A 87 -2.22 5.56 -6.10
CA LEU A 87 -2.66 4.62 -7.11
C LEU A 87 -4.11 4.87 -7.51
N ASP A 88 -4.51 6.14 -7.48
CA ASP A 88 -5.88 6.51 -7.84
C ASP A 88 -6.21 6.06 -9.26
N GLN A 89 -7.39 6.45 -9.73
CA GLN A 89 -7.83 6.08 -11.08
C GLN A 89 -6.71 6.28 -12.08
N ASN A 90 -5.79 7.19 -11.78
CA ASN A 90 -4.67 7.47 -12.66
C ASN A 90 -3.81 6.23 -12.88
N ILE A 91 -3.32 5.66 -11.79
CA ILE A 91 -2.49 4.47 -11.87
C ILE A 91 -3.31 3.21 -11.56
N SER A 92 -3.11 2.18 -12.38
CA SER A 92 -3.83 0.92 -12.20
C SER A 92 -3.01 -0.06 -11.37
N HIS A 93 -3.52 -1.29 -11.23
CA HIS A 93 -2.83 -2.32 -10.46
C HIS A 93 -1.48 -2.65 -11.08
N GLN A 94 -1.47 -2.81 -12.40
CA GLN A 94 -0.23 -3.13 -13.11
C GLN A 94 0.87 -2.12 -12.78
N GLN A 95 0.62 -0.86 -13.11
CA GLN A 95 1.59 0.20 -12.85
C GLN A 95 2.08 0.15 -11.40
N ALA A 96 1.16 -0.08 -10.48
CA ALA A 96 1.49 -0.16 -9.06
C ALA A 96 2.61 -1.17 -8.82
N ILE A 97 2.50 -2.33 -9.47
CA ILE A 97 3.50 -3.38 -9.32
C ILE A 97 4.86 -2.92 -9.83
N ALA A 98 4.86 -2.31 -11.01
CA ALA A 98 6.10 -1.81 -11.62
C ALA A 98 6.87 -0.92 -10.64
N LEU A 99 6.23 0.17 -10.21
CA LEU A 99 6.86 1.10 -9.27
C LEU A 99 7.70 0.35 -8.25
N LEU A 100 7.23 -0.83 -7.86
CA LEU A 100 7.94 -1.65 -6.87
C LEU A 100 9.11 -2.39 -7.52
N GLN A 101 8.79 -3.29 -8.44
CA GLN A 101 9.81 -4.06 -9.14
C GLN A 101 10.85 -3.15 -9.79
N GLN A 102 10.51 -1.87 -9.88
CA GLN A 102 11.41 -0.88 -10.48
C GLN A 102 12.14 -0.10 -9.40
N THR A 103 11.38 0.67 -8.62
CA THR A 103 11.96 1.49 -7.56
C THR A 103 13.05 0.73 -6.82
N THR A 104 14.19 1.40 -6.61
CA THR A 104 15.31 0.80 -5.91
C THR A 104 15.83 1.71 -4.80
N GLY A 105 16.79 1.21 -4.04
CA GLY A 105 17.36 1.99 -2.96
C GLY A 105 16.42 2.12 -1.78
N SER A 106 15.37 2.92 -1.94
CA SER A 106 14.40 3.14 -0.88
C SER A 106 12.98 2.98 -1.41
N LEU A 107 12.08 2.51 -0.54
CA LEU A 107 10.70 2.30 -0.91
C LEU A 107 9.75 2.85 0.15
N ARG A 108 8.76 3.62 -0.29
CA ARG A 108 7.79 4.21 0.63
C ARG A 108 6.37 3.83 0.24
N LEU A 109 5.81 2.83 0.90
CA LEU A 109 4.45 2.38 0.62
C LEU A 109 3.48 2.85 1.70
N ILE A 110 2.40 3.50 1.28
CA ILE A 110 1.39 3.99 2.22
C ILE A 110 0.14 3.14 2.17
N VAL A 111 -0.02 2.28 3.17
CA VAL A 111 -1.18 1.40 3.25
C VAL A 111 -2.16 1.88 4.31
N ALA A 112 -3.43 1.51 4.15
CA ALA A 112 -4.46 1.90 5.10
C ALA A 112 -4.86 0.73 6.00
N ARG A 113 -5.58 1.04 7.07
CA ARG A 113 -6.02 0.02 8.01
C ARG A 113 -7.42 0.32 8.54
N GLU A 114 -8.24 -0.72 8.67
CA GLU A 114 -9.60 -0.56 9.15
C GLU A 114 -9.65 -0.66 10.68
N PRO A 115 -10.51 0.16 11.30
CA PRO A 115 -10.67 0.18 12.75
C PRO A 115 -11.36 -1.07 13.28
N VAL A 116 -11.55 -1.14 14.59
CA VAL A 116 -12.20 -2.29 15.22
C VAL A 116 -13.68 -2.04 15.41
N HIS A 117 -14.43 -3.12 15.65
CA HIS A 117 -15.87 -3.02 15.84
C HIS A 117 -16.30 -3.78 17.09
N THR A 118 -16.18 -5.10 17.05
CA THR A 118 -16.55 -5.94 18.18
C THR A 118 -15.41 -6.86 18.59
N LYS A 119 -14.99 -6.75 19.84
CA LYS A 119 -13.90 -7.57 20.37
C LYS A 119 -14.28 -9.04 20.36
N SER A 120 -13.66 -9.81 19.47
CA SER A 120 -13.94 -11.24 19.35
C SER A 120 -12.71 -12.06 19.75
N SER A 121 -12.75 -12.61 20.96
CA SER A 121 -11.64 -13.42 21.46
C SER A 121 -11.86 -14.89 21.15
N THR A 122 -10.87 -15.51 20.52
CA THR A 122 -10.95 -16.92 20.16
C THR A 122 -9.98 -17.75 20.99
N SER A 123 -10.48 -18.86 21.53
CA SER A 123 -9.65 -19.75 22.34
C SER A 123 -9.19 -20.96 21.54
N GLY A 124 -8.05 -21.52 21.93
CA GLY A 124 -7.52 -22.68 21.23
C GLY A 124 -6.25 -23.22 21.87
N PRO A 125 -6.27 -24.51 22.24
CA PRO A 125 -5.14 -25.17 22.88
C PRO A 125 -3.97 -25.36 21.92
N SER A 126 -2.80 -24.85 22.30
CA SER A 126 -1.60 -24.96 21.47
C SER A 126 -1.05 -26.37 21.52
N SER A 127 -0.63 -26.81 22.71
CA SER A 127 -0.08 -28.14 22.89
C SER A 127 -1.18 -29.18 23.02
N GLY A 128 -0.90 -30.40 22.56
CA GLY A 128 -1.88 -31.47 22.64
C GLY A 128 -1.25 -32.84 22.58
N GLY A 1 3.88 3.42 -24.13
CA GLY A 1 4.73 4.32 -23.36
C GLY A 1 3.96 5.08 -22.29
N SER A 2 4.62 6.04 -21.67
CA SER A 2 3.99 6.84 -20.62
C SER A 2 3.87 8.30 -21.05
N SER A 3 2.63 8.78 -21.11
CA SER A 3 2.37 10.17 -21.52
C SER A 3 3.27 11.13 -20.75
N GLY A 4 3.38 10.91 -19.45
CA GLY A 4 4.21 11.77 -18.62
C GLY A 4 3.44 12.96 -18.07
N SER A 5 2.68 12.73 -17.00
CA SER A 5 1.90 13.79 -16.39
C SER A 5 2.04 13.76 -14.87
N SER A 6 1.75 14.88 -14.23
CA SER A 6 1.86 14.99 -12.78
C SER A 6 1.28 16.31 -12.28
N GLY A 7 0.37 16.23 -11.31
CA GLY A 7 -0.24 17.42 -10.77
C GLY A 7 -1.46 17.11 -9.93
N LEU A 8 -2.11 18.16 -9.43
CA LEU A 8 -3.30 17.99 -8.60
C LEU A 8 -4.30 19.13 -8.85
N GLY A 9 -5.55 18.90 -8.44
CA GLY A 9 -6.57 19.91 -8.62
C GLY A 9 -7.70 19.78 -7.62
N ASN A 10 -8.84 19.25 -8.08
CA ASN A 10 -10.00 19.07 -7.22
C ASN A 10 -9.62 18.33 -5.95
N GLU A 11 -8.79 17.30 -6.10
CA GLU A 11 -8.35 16.50 -4.96
C GLU A 11 -6.83 16.35 -4.95
N ASP A 12 -6.20 16.86 -3.90
CA ASP A 12 -4.75 16.80 -3.77
C ASP A 12 -4.32 15.42 -3.28
N PHE A 13 -3.02 15.27 -3.02
CA PHE A 13 -2.48 14.00 -2.54
C PHE A 13 -3.09 13.61 -1.20
N ASN A 14 -3.26 14.61 -0.32
CA ASN A 14 -3.83 14.37 0.99
C ASN A 14 -5.33 14.10 0.89
N SER A 15 -5.95 14.56 -0.18
CA SER A 15 -7.37 14.36 -0.39
C SER A 15 -7.64 13.01 -1.04
N VAL A 16 -6.85 12.68 -2.06
CA VAL A 16 -7.00 11.40 -2.75
C VAL A 16 -6.80 10.22 -1.81
N ILE A 17 -5.72 10.28 -1.04
CA ILE A 17 -5.41 9.22 -0.09
C ILE A 17 -6.51 9.07 0.95
N GLN A 18 -6.95 10.19 1.50
CA GLN A 18 -8.01 10.18 2.52
C GLN A 18 -9.28 9.57 1.96
N GLN A 19 -9.47 9.70 0.65
CA GLN A 19 -10.66 9.16 0.00
C GLN A 19 -10.55 7.65 -0.17
N MET A 20 -9.39 7.20 -0.61
CA MET A 20 -9.15 5.77 -0.83
C MET A 20 -9.19 5.02 0.51
N ALA A 21 -8.64 5.64 1.55
CA ALA A 21 -8.60 5.03 2.87
C ALA A 21 -10.00 4.95 3.47
N GLN A 22 -10.79 6.00 3.24
CA GLN A 22 -12.15 6.06 3.77
C GLN A 22 -12.16 6.04 5.29
N GLY A 23 -11.25 6.82 5.88
CA GLY A 23 -11.16 6.88 7.33
C GLY A 23 -10.10 5.96 7.88
N ARG A 24 -9.98 4.76 7.31
CA ARG A 24 -9.00 3.78 7.74
C ARG A 24 -7.69 4.47 8.13
N GLN A 25 -7.10 4.02 9.23
CA GLN A 25 -5.85 4.59 9.71
C GLN A 25 -4.73 4.37 8.70
N ILE A 26 -4.19 5.45 8.17
CA ILE A 26 -3.10 5.36 7.20
C ILE A 26 -1.74 5.34 7.88
N GLU A 27 -0.83 4.55 7.35
CA GLU A 27 0.52 4.45 7.90
C GLU A 27 1.58 4.52 6.80
N TYR A 28 2.83 4.68 7.20
CA TYR A 28 3.94 4.77 6.26
C TYR A 28 4.90 3.61 6.44
N ILE A 29 5.05 2.80 5.39
CA ILE A 29 5.95 1.64 5.44
C ILE A 29 7.16 1.87 4.54
N ASP A 30 8.28 2.22 5.16
CA ASP A 30 9.52 2.46 4.42
C ASP A 30 10.33 1.18 4.30
N ILE A 31 10.27 0.54 3.13
CA ILE A 31 11.01 -0.70 2.90
C ILE A 31 12.35 -0.42 2.23
N GLU A 32 13.42 -0.97 2.79
CA GLU A 32 14.76 -0.79 2.24
C GLU A 32 15.05 -1.82 1.16
N ARG A 33 14.85 -1.43 -0.10
CA ARG A 33 15.09 -2.33 -1.22
C ARG A 33 16.51 -2.88 -1.18
N PRO A 34 16.64 -4.21 -1.04
CA PRO A 34 17.93 -4.89 -0.98
C PRO A 34 18.65 -4.87 -2.33
N SER A 35 19.86 -5.42 -2.35
CA SER A 35 20.66 -5.46 -3.57
C SER A 35 20.32 -6.69 -4.40
N THR A 36 20.14 -6.48 -5.70
CA THR A 36 19.81 -7.58 -6.61
C THR A 36 18.81 -8.54 -5.96
N GLY A 37 18.04 -8.04 -5.01
CA GLY A 37 17.06 -8.86 -4.34
C GLY A 37 15.64 -8.44 -4.61
N GLY A 38 14.72 -8.75 -3.70
CA GLY A 38 13.34 -8.38 -3.88
C GLY A 38 12.78 -7.61 -2.70
N LEU A 39 11.47 -7.67 -2.53
CA LEU A 39 10.81 -6.97 -1.42
C LEU A 39 10.42 -7.94 -0.31
N GLY A 40 10.14 -9.17 -0.69
CA GLY A 40 9.75 -10.17 0.30
C GLY A 40 8.28 -10.12 0.63
N PHE A 41 7.50 -9.42 -0.18
CA PHE A 41 6.07 -9.29 0.04
C PHE A 41 5.31 -9.26 -1.28
N SER A 42 4.32 -10.13 -1.42
CA SER A 42 3.53 -10.20 -2.63
C SER A 42 2.38 -9.19 -2.60
N VAL A 43 1.68 -9.05 -3.72
CA VAL A 43 0.56 -8.12 -3.81
C VAL A 43 -0.51 -8.66 -4.75
N VAL A 44 -1.77 -8.32 -4.46
CA VAL A 44 -2.89 -8.76 -5.28
C VAL A 44 -3.59 -7.57 -5.94
N ALA A 45 -4.12 -7.80 -7.14
CA ALA A 45 -4.82 -6.74 -7.87
C ALA A 45 -6.33 -6.96 -7.83
N LEU A 46 -7.05 -5.95 -7.35
CA LEU A 46 -8.50 -6.02 -7.25
C LEU A 46 -9.14 -4.67 -7.59
N ARG A 47 -9.80 -4.61 -8.74
CA ARG A 47 -10.46 -3.38 -9.17
C ARG A 47 -11.45 -2.89 -8.12
N SER A 48 -11.16 -1.72 -7.55
CA SER A 48 -12.02 -1.14 -6.53
C SER A 48 -13.37 -0.73 -7.12
N GLN A 49 -14.41 -0.84 -6.32
CA GLN A 49 -15.76 -0.48 -6.76
C GLN A 49 -15.96 1.03 -6.70
N ASN A 50 -14.97 1.77 -7.18
CA ASN A 50 -15.04 3.23 -7.19
C ASN A 50 -15.16 3.76 -8.61
N LEU A 51 -14.07 3.73 -9.35
CA LEU A 51 -14.06 4.21 -10.73
C LEU A 51 -12.72 3.93 -11.40
N GLY A 52 -12.72 3.00 -12.34
CA GLY A 52 -11.49 2.65 -13.04
C GLY A 52 -10.26 2.76 -12.15
N LYS A 53 -10.17 1.86 -11.18
CA LYS A 53 -9.03 1.85 -10.26
C LYS A 53 -8.89 0.49 -9.58
N VAL A 54 -7.68 0.17 -9.14
CA VAL A 54 -7.41 -1.10 -8.48
C VAL A 54 -6.68 -0.88 -7.15
N ASP A 55 -6.99 -1.71 -6.16
CA ASP A 55 -6.38 -1.60 -4.86
C ASP A 55 -5.35 -2.71 -4.66
N ILE A 56 -4.09 -2.34 -4.49
CA ILE A 56 -3.01 -3.30 -4.29
C ILE A 56 -2.87 -3.67 -2.81
N PHE A 57 -3.23 -4.91 -2.49
CA PHE A 57 -3.14 -5.38 -1.11
C PHE A 57 -1.87 -6.18 -0.89
N VAL A 58 -1.25 -5.99 0.26
CA VAL A 58 -0.02 -6.70 0.60
C VAL A 58 -0.31 -8.10 1.13
N LYS A 59 -0.09 -9.10 0.29
CA LYS A 59 -0.32 -10.49 0.67
C LYS A 59 0.98 -11.28 0.69
N ASP A 60 1.05 -12.29 1.56
CA ASP A 60 2.23 -13.13 1.67
C ASP A 60 3.40 -12.35 2.27
N VAL A 61 3.12 -11.63 3.36
CA VAL A 61 4.14 -10.84 4.04
C VAL A 61 5.13 -11.74 4.76
N GLN A 62 6.24 -12.05 4.09
CA GLN A 62 7.27 -12.91 4.67
C GLN A 62 7.72 -12.36 6.02
N PRO A 63 7.57 -13.18 7.08
CA PRO A 63 7.95 -12.81 8.43
C PRO A 63 9.46 -12.71 8.60
N GLY A 64 10.20 -13.29 7.66
CA GLY A 64 11.65 -13.27 7.72
C GLY A 64 12.27 -12.52 6.56
N SER A 65 11.65 -11.42 6.17
CA SER A 65 12.14 -10.60 5.06
C SER A 65 12.25 -9.14 5.45
N VAL A 66 12.94 -8.36 4.63
CA VAL A 66 13.12 -6.94 4.89
C VAL A 66 11.79 -6.28 5.30
N ALA A 67 10.78 -6.45 4.46
CA ALA A 67 9.47 -5.88 4.73
C ALA A 67 9.07 -6.06 6.20
N ASP A 68 9.66 -7.07 6.83
CA ASP A 68 9.37 -7.35 8.23
C ASP A 68 10.63 -7.20 9.09
N ARG A 69 11.52 -8.19 9.00
CA ARG A 69 12.76 -8.16 9.77
C ARG A 69 13.31 -6.73 9.87
N ASP A 70 13.31 -6.03 8.75
CA ASP A 70 13.81 -4.65 8.71
C ASP A 70 12.72 -3.67 9.13
N GLN A 71 11.74 -3.46 8.26
CA GLN A 71 10.64 -2.54 8.54
C GLN A 71 9.39 -3.31 8.95
N ARG A 72 8.43 -2.60 9.53
CA ARG A 72 7.18 -3.21 9.97
C ARG A 72 6.14 -3.19 8.84
N LEU A 73 5.52 -4.34 8.61
CA LEU A 73 4.51 -4.46 7.56
C LEU A 73 3.53 -5.59 7.88
N LYS A 74 2.24 -5.33 7.64
CA LYS A 74 1.21 -6.33 7.89
C LYS A 74 0.56 -6.78 6.59
N GLU A 75 -0.18 -7.89 6.66
CA GLU A 75 -0.85 -8.43 5.48
C GLU A 75 -2.18 -7.72 5.24
N ASN A 76 -2.68 -7.82 4.02
CA ASN A 76 -3.94 -7.19 3.65
C ASN A 76 -3.83 -5.67 3.75
N ASP A 77 -2.62 -5.16 3.61
CA ASP A 77 -2.38 -3.72 3.67
C ASP A 77 -2.60 -3.06 2.31
N GLN A 78 -3.77 -2.46 2.15
CA GLN A 78 -4.12 -1.79 0.90
C GLN A 78 -3.18 -0.61 0.64
N ILE A 79 -2.20 -0.83 -0.23
CA ILE A 79 -1.24 0.22 -0.56
C ILE A 79 -1.91 1.36 -1.31
N LEU A 80 -2.16 2.46 -0.61
CA LEU A 80 -2.80 3.62 -1.21
C LEU A 80 -1.85 4.34 -2.15
N ALA A 81 -0.60 4.49 -1.73
CA ALA A 81 0.41 5.15 -2.55
C ALA A 81 1.73 4.40 -2.52
N ILE A 82 2.52 4.53 -3.58
CA ILE A 82 3.80 3.85 -3.68
C ILE A 82 4.90 4.81 -4.12
N ASN A 83 5.79 5.15 -3.19
CA ASN A 83 6.88 6.07 -3.50
C ASN A 83 6.36 7.47 -3.80
N HIS A 84 5.48 7.96 -2.94
CA HIS A 84 4.90 9.29 -3.11
C HIS A 84 4.05 9.35 -4.38
N THR A 85 3.11 8.41 -4.49
CA THR A 85 2.23 8.35 -5.66
C THR A 85 1.04 7.44 -5.39
N PRO A 86 -0.16 8.05 -5.29
CA PRO A 86 -1.39 7.30 -5.04
C PRO A 86 -1.82 6.46 -6.24
N LEU A 87 -2.34 5.27 -5.96
CA LEU A 87 -2.78 4.36 -7.02
C LEU A 87 -4.23 4.65 -7.41
N ASP A 88 -4.60 5.92 -7.37
CA ASP A 88 -5.96 6.34 -7.73
C ASP A 88 -6.30 5.90 -9.15
N GLN A 89 -7.52 6.20 -9.58
CA GLN A 89 -7.97 5.84 -10.92
C GLN A 89 -6.87 6.08 -11.95
N ASN A 90 -6.20 7.22 -11.83
CA ASN A 90 -5.12 7.58 -12.74
C ASN A 90 -4.21 6.37 -13.00
N ILE A 91 -3.76 5.73 -11.93
CA ILE A 91 -2.89 4.57 -12.04
C ILE A 91 -3.66 3.28 -11.83
N SER A 92 -3.32 2.25 -12.59
CA SER A 92 -3.98 0.96 -12.49
C SER A 92 -3.18 0.00 -11.60
N HIS A 93 -3.69 -1.20 -11.41
CA HIS A 93 -3.03 -2.20 -10.58
C HIS A 93 -1.65 -2.52 -11.13
N GLN A 94 -1.54 -2.61 -12.46
CA GLN A 94 -0.26 -2.91 -13.10
C GLN A 94 0.79 -1.89 -12.71
N GLN A 95 0.60 -0.64 -13.15
CA GLN A 95 1.54 0.42 -12.85
C GLN A 95 2.04 0.32 -11.41
N ALA A 96 1.12 0.14 -10.48
CA ALA A 96 1.46 0.02 -9.07
C ALA A 96 2.60 -0.98 -8.87
N ILE A 97 2.43 -2.18 -9.40
CA ILE A 97 3.43 -3.23 -9.28
C ILE A 97 4.77 -2.76 -9.83
N ALA A 98 4.73 -2.05 -10.95
CA ALA A 98 5.95 -1.55 -11.58
C ALA A 98 6.77 -0.71 -10.61
N LEU A 99 6.20 0.41 -10.18
CA LEU A 99 6.88 1.30 -9.24
C LEU A 99 7.72 0.51 -8.25
N LEU A 100 7.25 -0.68 -7.89
CA LEU A 100 7.96 -1.54 -6.95
C LEU A 100 9.16 -2.19 -7.62
N GLN A 101 8.92 -2.85 -8.75
CA GLN A 101 9.97 -3.52 -9.49
C GLN A 101 10.96 -2.51 -10.08
N GLN A 102 10.53 -1.26 -10.15
CA GLN A 102 11.37 -0.20 -10.69
C GLN A 102 11.75 0.82 -9.60
N THR A 103 12.21 0.30 -8.47
CA THR A 103 12.60 1.16 -7.35
C THR A 103 13.61 0.46 -6.45
N THR A 104 14.83 0.99 -6.44
CA THR A 104 15.90 0.42 -5.62
C THR A 104 16.33 1.38 -4.52
N GLY A 105 16.89 0.83 -3.44
CA GLY A 105 17.32 1.66 -2.34
C GLY A 105 16.26 1.82 -1.27
N SER A 106 15.24 2.62 -1.56
CA SER A 106 14.16 2.86 -0.61
C SER A 106 12.81 2.77 -1.30
N LEU A 107 11.85 2.13 -0.64
CA LEU A 107 10.51 1.97 -1.19
C LEU A 107 9.45 2.27 -0.14
N ARG A 108 8.85 3.45 -0.24
CA ARG A 108 7.81 3.87 0.71
C ARG A 108 6.43 3.41 0.24
N LEU A 109 5.70 2.76 1.13
CA LEU A 109 4.36 2.26 0.81
C LEU A 109 3.34 2.75 1.84
N ILE A 110 2.42 3.59 1.40
CA ILE A 110 1.39 4.12 2.28
C ILE A 110 0.16 3.21 2.30
N VAL A 111 0.05 2.39 3.33
CA VAL A 111 -1.08 1.48 3.47
C VAL A 111 -2.05 1.97 4.53
N ALA A 112 -3.28 1.43 4.49
CA ALA A 112 -4.31 1.82 5.44
C ALA A 112 -4.65 0.65 6.38
N ARG A 113 -5.26 0.97 7.51
CA ARG A 113 -5.64 -0.04 8.49
C ARG A 113 -6.97 0.31 9.15
N GLU A 114 -7.53 -0.65 9.88
CA GLU A 114 -8.80 -0.44 10.57
C GLU A 114 -8.81 0.90 11.31
N PRO A 115 -9.89 1.67 11.10
CA PRO A 115 -10.04 2.99 11.74
C PRO A 115 -10.27 2.88 13.24
N VAL A 116 -10.04 3.99 13.95
CA VAL A 116 -10.22 4.01 15.40
C VAL A 116 -9.92 2.65 16.02
N HIS A 117 -8.81 2.05 15.59
CA HIS A 117 -8.41 0.74 16.10
C HIS A 117 -8.84 0.58 17.56
N THR A 118 -9.88 -0.22 17.79
CA THR A 118 -10.38 -0.45 19.13
C THR A 118 -10.24 -1.93 19.52
N LYS A 119 -9.11 -2.52 19.15
CA LYS A 119 -8.85 -3.92 19.46
C LYS A 119 -7.61 -4.06 20.35
N SER A 120 -7.52 -5.17 21.06
CA SER A 120 -6.39 -5.43 21.95
C SER A 120 -5.22 -6.03 21.18
N SER A 121 -4.45 -5.17 20.52
CA SER A 121 -3.30 -5.63 19.73
C SER A 121 -2.18 -6.11 20.65
N THR A 122 -1.58 -7.25 20.30
CA THR A 122 -0.51 -7.82 21.09
C THR A 122 0.85 -7.24 20.67
N SER A 123 1.18 -6.07 21.20
CA SER A 123 2.44 -5.41 20.88
C SER A 123 3.50 -5.74 21.92
N GLY A 124 4.75 -5.45 21.59
CA GLY A 124 5.86 -5.72 22.51
C GLY A 124 6.99 -4.73 22.35
N PRO A 125 6.86 -3.57 23.01
CA PRO A 125 7.88 -2.52 22.96
C PRO A 125 9.15 -2.91 23.70
N SER A 126 10.30 -2.65 23.08
CA SER A 126 11.59 -2.98 23.68
C SER A 126 12.42 -1.72 23.89
N SER A 127 12.80 -1.48 25.14
CA SER A 127 13.59 -0.30 25.49
C SER A 127 14.98 -0.71 25.96
N GLY A 128 15.99 0.06 25.57
CA GLY A 128 17.36 -0.24 25.97
C GLY A 128 17.68 0.30 27.34
N GLY A 1 7.47 16.16 -15.92
CA GLY A 1 6.86 17.31 -15.30
C GLY A 1 7.25 17.47 -13.84
N SER A 2 7.46 18.71 -13.42
CA SER A 2 7.84 18.99 -12.04
C SER A 2 6.71 19.70 -11.29
N SER A 3 5.91 18.92 -10.57
CA SER A 3 4.79 19.46 -9.82
C SER A 3 5.29 20.17 -8.56
N GLY A 4 5.68 21.44 -8.71
CA GLY A 4 6.17 22.21 -7.59
C GLY A 4 5.14 23.20 -7.08
N SER A 5 4.29 22.76 -6.17
CA SER A 5 3.25 23.61 -5.61
C SER A 5 2.72 23.04 -4.30
N SER A 6 2.63 23.88 -3.28
CA SER A 6 2.13 23.46 -1.97
C SER A 6 1.05 22.39 -2.12
N GLY A 7 0.07 22.67 -2.97
CA GLY A 7 -1.01 21.72 -3.19
C GLY A 7 -1.52 21.74 -4.62
N LEU A 8 -1.94 20.58 -5.10
CA LEU A 8 -2.45 20.46 -6.46
C LEU A 8 -3.73 21.25 -6.64
N GLY A 9 -4.26 21.26 -7.86
CA GLY A 9 -5.49 21.98 -8.14
C GLY A 9 -6.66 21.46 -7.34
N ASN A 10 -7.59 20.79 -8.01
CA ASN A 10 -8.76 20.23 -7.35
C ASN A 10 -8.37 19.17 -6.33
N GLU A 11 -7.89 18.04 -6.82
CA GLU A 11 -7.48 16.94 -5.95
C GLU A 11 -5.98 17.04 -5.63
N ASP A 12 -5.63 16.79 -4.37
CA ASP A 12 -4.24 16.84 -3.94
C ASP A 12 -3.82 15.53 -3.29
N PHE A 13 -2.54 15.23 -3.33
CA PHE A 13 -2.00 14.00 -2.74
C PHE A 13 -2.72 13.68 -1.43
N ASN A 14 -2.74 14.65 -0.53
CA ASN A 14 -3.39 14.47 0.77
C ASN A 14 -4.87 14.14 0.59
N SER A 15 -5.48 14.71 -0.43
CA SER A 15 -6.89 14.47 -0.71
C SER A 15 -7.11 13.07 -1.28
N VAL A 16 -6.45 12.78 -2.39
CA VAL A 16 -6.57 11.47 -3.02
C VAL A 16 -6.39 10.34 -2.00
N ILE A 17 -5.37 10.46 -1.16
CA ILE A 17 -5.11 9.46 -0.14
C ILE A 17 -6.23 9.39 0.88
N GLN A 18 -6.63 10.55 1.39
CA GLN A 18 -7.70 10.63 2.38
C GLN A 18 -9.01 10.11 1.80
N GLN A 19 -9.15 10.21 0.48
CA GLN A 19 -10.35 9.75 -0.19
C GLN A 19 -10.33 8.24 -0.39
N MET A 20 -9.15 7.70 -0.69
CA MET A 20 -8.98 6.26 -0.89
C MET A 20 -9.01 5.51 0.45
N ALA A 21 -8.47 6.15 1.49
CA ALA A 21 -8.45 5.55 2.80
C ALA A 21 -9.83 5.51 3.43
N GLN A 22 -10.64 6.52 3.13
CA GLN A 22 -11.99 6.60 3.68
C GLN A 22 -11.98 6.59 5.20
N GLY A 23 -11.13 7.44 5.78
CA GLY A 23 -11.04 7.51 7.23
C GLY A 23 -10.08 6.49 7.79
N ARG A 24 -9.96 5.34 7.13
CA ARG A 24 -9.07 4.28 7.57
C ARG A 24 -7.73 4.85 8.02
N GLN A 25 -7.23 4.34 9.15
CA GLN A 25 -5.96 4.80 9.69
C GLN A 25 -4.82 4.51 8.72
N ILE A 26 -4.17 5.56 8.24
CA ILE A 26 -3.06 5.42 7.31
C ILE A 26 -1.73 5.27 8.05
N GLU A 27 -0.85 4.44 7.51
CA GLU A 27 0.46 4.21 8.13
C GLU A 27 1.56 4.21 7.06
N TYR A 28 2.63 4.94 7.35
CA TYR A 28 3.76 5.04 6.43
C TYR A 28 4.74 3.89 6.65
N ILE A 29 4.69 2.89 5.76
CA ILE A 29 5.57 1.75 5.87
C ILE A 29 6.87 1.98 5.11
N ASP A 30 7.94 2.27 5.84
CA ASP A 30 9.25 2.52 5.24
C ASP A 30 10.01 1.22 5.04
N ILE A 31 10.04 0.75 3.80
CA ILE A 31 10.75 -0.49 3.48
C ILE A 31 12.14 -0.21 2.90
N GLU A 32 13.14 -0.88 3.44
CA GLU A 32 14.52 -0.70 2.98
C GLU A 32 14.86 -1.71 1.88
N ARG A 33 14.88 -1.23 0.64
CA ARG A 33 15.19 -2.08 -0.50
C ARG A 33 16.57 -2.73 -0.34
N PRO A 34 16.57 -4.06 -0.12
CA PRO A 34 17.82 -4.82 0.06
C PRO A 34 18.63 -4.93 -1.23
N SER A 35 19.57 -5.85 -1.26
CA SER A 35 20.42 -6.05 -2.43
C SER A 35 20.45 -7.52 -2.83
N THR A 36 20.39 -8.40 -1.84
CA THR A 36 20.41 -9.84 -2.08
C THR A 36 19.01 -10.37 -2.34
N GLY A 37 18.10 -9.49 -2.76
CA GLY A 37 16.74 -9.88 -3.02
C GLY A 37 15.86 -8.72 -3.43
N GLY A 38 14.63 -8.71 -2.94
CA GLY A 38 13.70 -7.64 -3.26
C GLY A 38 12.87 -7.21 -2.07
N LEU A 39 11.67 -6.70 -2.33
CA LEU A 39 10.78 -6.25 -1.27
C LEU A 39 10.48 -7.38 -0.29
N GLY A 40 10.40 -8.60 -0.82
CA GLY A 40 10.11 -9.75 0.02
C GLY A 40 8.63 -9.95 0.24
N PHE A 41 7.81 -9.31 -0.58
CA PHE A 41 6.36 -9.41 -0.47
C PHE A 41 5.69 -9.27 -1.84
N SER A 42 4.51 -9.85 -1.97
CA SER A 42 3.78 -9.80 -3.23
C SER A 42 2.54 -8.90 -3.10
N VAL A 43 1.84 -8.71 -4.22
CA VAL A 43 0.65 -7.87 -4.23
C VAL A 43 -0.43 -8.46 -5.12
N VAL A 44 -1.68 -8.26 -4.75
CA VAL A 44 -2.81 -8.77 -5.52
C VAL A 44 -3.67 -7.63 -6.06
N ALA A 45 -4.04 -7.73 -7.33
CA ALA A 45 -4.87 -6.71 -7.97
C ALA A 45 -6.35 -7.05 -7.84
N LEU A 46 -7.12 -6.09 -7.33
CA LEU A 46 -8.56 -6.28 -7.14
C LEU A 46 -9.31 -4.97 -7.37
N ARG A 47 -10.10 -4.93 -8.44
CA ARG A 47 -10.88 -3.73 -8.77
C ARG A 47 -11.61 -3.21 -7.53
N SER A 48 -11.38 -1.94 -7.22
CA SER A 48 -12.01 -1.32 -6.06
C SER A 48 -13.50 -1.10 -6.31
N GLN A 49 -14.21 -0.65 -5.28
CA GLN A 49 -15.64 -0.40 -5.39
C GLN A 49 -15.92 1.09 -5.63
N ASN A 50 -14.86 1.88 -5.68
CA ASN A 50 -14.99 3.32 -5.89
C ASN A 50 -15.36 3.61 -7.35
N LEU A 51 -14.39 3.50 -8.23
CA LEU A 51 -14.60 3.76 -9.65
C LEU A 51 -13.35 3.45 -10.46
N GLY A 52 -13.55 3.03 -11.71
CA GLY A 52 -12.43 2.71 -12.58
C GLY A 52 -11.10 2.80 -11.86
N LYS A 53 -10.80 1.76 -11.08
CA LYS A 53 -9.55 1.71 -10.33
C LYS A 53 -9.37 0.35 -9.65
N VAL A 54 -8.13 0.04 -9.29
CA VAL A 54 -7.83 -1.23 -8.64
C VAL A 54 -7.12 -1.00 -7.30
N ASP A 55 -7.44 -1.83 -6.32
CA ASP A 55 -6.84 -1.73 -5.00
C ASP A 55 -5.74 -2.78 -4.82
N ILE A 56 -4.52 -2.32 -4.59
CA ILE A 56 -3.39 -3.22 -4.40
C ILE A 56 -3.23 -3.60 -2.94
N PHE A 57 -3.29 -4.91 -2.67
CA PHE A 57 -3.16 -5.40 -1.30
C PHE A 57 -1.87 -6.22 -1.14
N VAL A 58 -1.26 -6.13 0.04
CA VAL A 58 -0.03 -6.86 0.32
C VAL A 58 -0.31 -8.31 0.65
N LYS A 59 0.33 -9.22 -0.08
CA LYS A 59 0.15 -10.65 0.15
C LYS A 59 1.49 -11.37 0.14
N ASP A 60 1.50 -12.60 0.64
CA ASP A 60 2.71 -13.41 0.69
C ASP A 60 3.86 -12.60 1.29
N VAL A 61 3.64 -12.07 2.48
CA VAL A 61 4.67 -11.28 3.16
C VAL A 61 5.75 -12.18 3.74
N GLN A 62 6.75 -12.50 2.93
CA GLN A 62 7.85 -13.34 3.37
C GLN A 62 8.24 -13.03 4.82
N PRO A 63 8.06 -14.03 5.70
CA PRO A 63 8.38 -13.89 7.12
C PRO A 63 9.88 -13.81 7.37
N GLY A 64 10.66 -13.94 6.31
CA GLY A 64 12.11 -13.88 6.44
C GLY A 64 12.73 -12.90 5.45
N SER A 65 12.15 -11.72 5.35
CA SER A 65 12.64 -10.70 4.42
C SER A 65 12.49 -9.30 5.03
N VAL A 66 12.91 -8.30 4.27
CA VAL A 66 12.82 -6.91 4.73
C VAL A 66 11.39 -6.55 5.12
N ALA A 67 10.42 -7.19 4.47
CA ALA A 67 9.02 -6.94 4.75
C ALA A 67 8.60 -7.54 6.09
N ASP A 68 9.40 -8.48 6.58
CA ASP A 68 9.13 -9.14 7.85
C ASP A 68 9.78 -8.38 9.00
N ARG A 69 11.09 -8.18 8.90
CA ARG A 69 11.84 -7.47 9.94
C ARG A 69 11.20 -6.11 10.23
N ASP A 70 10.83 -5.40 9.16
CA ASP A 70 10.22 -4.08 9.31
C ASP A 70 9.20 -4.08 10.45
N GLN A 71 8.66 -5.25 10.75
CA GLN A 71 7.67 -5.38 11.83
C GLN A 71 6.69 -4.22 11.80
N ARG A 72 6.47 -3.67 10.60
CA ARG A 72 5.55 -2.55 10.44
C ARG A 72 4.45 -2.88 9.45
N LEU A 73 4.81 -3.62 8.39
CA LEU A 73 3.85 -4.01 7.37
C LEU A 73 3.17 -5.33 7.74
N LYS A 74 1.84 -5.35 7.60
CA LYS A 74 1.06 -6.54 7.91
C LYS A 74 0.29 -7.03 6.69
N GLU A 75 -0.03 -8.32 6.67
CA GLU A 75 -0.76 -8.91 5.56
C GLU A 75 -2.08 -8.18 5.33
N ASN A 76 -2.55 -8.18 4.09
CA ASN A 76 -3.81 -7.53 3.75
C ASN A 76 -3.69 -6.01 3.93
N ASP A 77 -2.68 -5.43 3.31
CA ASP A 77 -2.46 -3.99 3.41
C ASP A 77 -2.71 -3.31 2.07
N GLN A 78 -3.85 -2.63 1.95
CA GLN A 78 -4.21 -1.94 0.72
C GLN A 78 -3.30 -0.74 0.48
N ILE A 79 -2.30 -0.92 -0.37
CA ILE A 79 -1.36 0.15 -0.69
C ILE A 79 -2.06 1.29 -1.40
N LEU A 80 -2.06 2.47 -0.78
CA LEU A 80 -2.69 3.65 -1.36
C LEU A 80 -1.73 4.36 -2.32
N ALA A 81 -0.48 4.49 -1.91
CA ALA A 81 0.53 5.14 -2.74
C ALA A 81 1.87 4.42 -2.64
N ILE A 82 2.65 4.48 -3.71
CA ILE A 82 3.96 3.84 -3.74
C ILE A 82 5.03 4.79 -4.27
N ASN A 83 6.02 5.08 -3.44
CA ASN A 83 7.11 5.98 -3.82
C ASN A 83 6.58 7.39 -4.10
N HIS A 84 5.78 7.90 -3.18
CA HIS A 84 5.21 9.25 -3.33
C HIS A 84 4.34 9.33 -4.57
N THR A 85 3.39 8.41 -4.70
CA THR A 85 2.49 8.37 -5.84
C THR A 85 1.26 7.52 -5.55
N PRO A 86 0.09 8.17 -5.52
CA PRO A 86 -1.18 7.49 -5.27
C PRO A 86 -1.61 6.58 -6.41
N LEU A 87 -2.22 5.45 -6.08
CA LEU A 87 -2.67 4.50 -7.08
C LEU A 87 -4.15 4.70 -7.40
N ASP A 88 -4.54 5.96 -7.57
CA ASP A 88 -5.93 6.28 -7.88
C ASP A 88 -6.29 5.84 -9.29
N GLN A 89 -7.54 6.10 -9.68
CA GLN A 89 -8.00 5.73 -11.02
C GLN A 89 -6.92 5.94 -12.06
N ASN A 90 -6.14 7.01 -11.90
CA ASN A 90 -5.07 7.34 -12.82
C ASN A 90 -4.21 6.10 -13.09
N ILE A 91 -3.60 5.56 -12.03
CA ILE A 91 -2.75 4.38 -12.16
C ILE A 91 -3.55 3.11 -11.92
N SER A 92 -3.31 2.10 -12.75
CA SER A 92 -4.00 0.82 -12.62
C SER A 92 -3.20 -0.15 -11.76
N HIS A 93 -3.68 -1.38 -11.66
CA HIS A 93 -3.01 -2.41 -10.87
C HIS A 93 -1.62 -2.70 -11.43
N GLN A 94 -1.54 -2.86 -12.75
CA GLN A 94 -0.27 -3.15 -13.41
C GLN A 94 0.80 -2.15 -12.99
N GLN A 95 0.61 -0.88 -13.37
CA GLN A 95 1.56 0.16 -13.02
C GLN A 95 2.01 0.04 -11.57
N ALA A 96 1.04 -0.16 -10.67
CA ALA A 96 1.34 -0.29 -9.26
C ALA A 96 2.45 -1.31 -9.01
N ILE A 97 2.39 -2.43 -9.73
CA ILE A 97 3.39 -3.47 -9.60
C ILE A 97 4.76 -2.99 -10.06
N ALA A 98 4.78 -2.29 -11.19
CA ALA A 98 6.03 -1.77 -11.74
C ALA A 98 6.76 -0.91 -10.71
N LEU A 99 6.08 0.10 -10.19
CA LEU A 99 6.67 1.00 -9.21
C LEU A 99 7.43 0.21 -8.15
N LEU A 100 6.81 -0.84 -7.63
CA LEU A 100 7.43 -1.68 -6.61
C LEU A 100 8.59 -2.48 -7.20
N GLN A 101 8.31 -3.23 -8.26
CA GLN A 101 9.34 -4.04 -8.91
C GLN A 101 10.48 -3.16 -9.42
N GLN A 102 10.25 -1.86 -9.45
CA GLN A 102 11.25 -0.92 -9.92
C GLN A 102 11.54 0.15 -8.86
N THR A 103 12.10 -0.29 -7.73
CA THR A 103 12.42 0.62 -6.64
C THR A 103 13.85 0.40 -6.15
N THR A 104 14.48 1.47 -5.68
CA THR A 104 15.85 1.40 -5.19
C THR A 104 16.05 2.34 -4.00
N GLY A 105 17.15 2.15 -3.28
CA GLY A 105 17.45 2.98 -2.13
C GLY A 105 16.43 2.81 -1.01
N SER A 106 15.32 3.53 -1.12
CA SER A 106 14.26 3.45 -0.11
C SER A 106 12.89 3.25 -0.76
N LEU A 107 12.11 2.35 -0.19
CA LEU A 107 10.78 2.05 -0.71
C LEU A 107 9.70 2.52 0.26
N ARG A 108 9.09 3.66 -0.03
CA ARG A 108 8.05 4.21 0.81
C ARG A 108 6.66 3.76 0.34
N LEU A 109 5.89 3.18 1.25
CA LEU A 109 4.55 2.70 0.92
C LEU A 109 3.54 3.17 1.96
N ILE A 110 2.41 3.68 1.48
CA ILE A 110 1.36 4.17 2.37
C ILE A 110 0.15 3.25 2.33
N VAL A 111 0.03 2.39 3.34
CA VAL A 111 -1.10 1.46 3.42
C VAL A 111 -2.11 1.90 4.47
N ALA A 112 -3.34 1.45 4.33
CA ALA A 112 -4.41 1.80 5.27
C ALA A 112 -4.73 0.62 6.18
N ARG A 113 -5.41 0.92 7.29
CA ARG A 113 -5.79 -0.12 8.25
C ARG A 113 -7.17 0.16 8.82
N GLU A 114 -7.98 -0.89 8.94
CA GLU A 114 -9.34 -0.76 9.47
C GLU A 114 -9.31 -0.16 10.87
N PRO A 115 -10.14 0.86 11.09
CA PRO A 115 -10.24 1.55 12.38
C PRO A 115 -10.86 0.68 13.46
N VAL A 116 -10.96 1.22 14.67
CA VAL A 116 -11.55 0.48 15.79
C VAL A 116 -13.06 0.66 15.82
N HIS A 117 -13.65 0.87 14.65
CA HIS A 117 -15.10 1.04 14.55
C HIS A 117 -15.83 -0.29 14.73
N THR A 118 -17.14 -0.21 14.92
CA THR A 118 -17.95 -1.41 15.11
C THR A 118 -17.84 -2.34 13.90
N LYS A 119 -17.86 -3.65 14.16
CA LYS A 119 -17.77 -4.63 13.10
C LYS A 119 -19.02 -5.50 13.05
N SER A 120 -19.41 -5.91 11.85
CA SER A 120 -20.59 -6.75 11.67
C SER A 120 -20.23 -8.09 11.05
N SER A 121 -19.41 -8.05 10.00
CA SER A 121 -18.99 -9.25 9.31
C SER A 121 -20.19 -10.10 8.90
N THR A 122 -21.32 -9.43 8.66
CA THR A 122 -22.54 -10.13 8.27
C THR A 122 -22.78 -9.99 6.77
N SER A 123 -23.22 -11.09 6.15
CA SER A 123 -23.49 -11.10 4.72
C SER A 123 -24.80 -11.81 4.42
N GLY A 124 -25.47 -11.37 3.35
CA GLY A 124 -26.73 -11.97 2.97
C GLY A 124 -26.79 -12.34 1.50
N PRO A 125 -26.04 -13.38 1.13
CA PRO A 125 -25.98 -13.86 -0.26
C PRO A 125 -27.29 -14.51 -0.70
N SER A 126 -27.28 -15.09 -1.90
CA SER A 126 -28.46 -15.75 -2.44
C SER A 126 -28.65 -17.13 -1.81
N SER A 127 -29.67 -17.25 -0.98
CA SER A 127 -29.97 -18.52 -0.31
C SER A 127 -30.91 -19.37 -1.15
N GLY A 128 -30.40 -20.51 -1.64
CA GLY A 128 -31.21 -21.40 -2.45
C GLY A 128 -30.39 -22.10 -3.51
N GLY A 1 1.93 13.82 -24.68
CA GLY A 1 1.51 14.00 -23.29
C GLY A 1 0.74 12.82 -22.76
N SER A 2 0.11 12.99 -21.60
CA SER A 2 -0.66 11.92 -20.98
C SER A 2 -1.95 12.48 -20.36
N SER A 3 -2.79 11.58 -19.87
CA SER A 3 -4.06 11.98 -19.25
C SER A 3 -3.84 12.39 -17.80
N GLY A 4 -3.45 13.64 -17.60
CA GLY A 4 -3.22 14.14 -16.25
C GLY A 4 -3.24 15.65 -16.18
N SER A 5 -2.48 16.21 -15.25
CA SER A 5 -2.42 17.65 -15.08
C SER A 5 -1.14 18.06 -14.34
N SER A 6 -0.46 19.07 -14.88
CA SER A 6 0.78 19.55 -14.28
C SER A 6 0.72 19.46 -12.76
N GLY A 7 -0.31 20.06 -12.18
CA GLY A 7 -0.46 20.04 -10.73
C GLY A 7 -1.61 19.16 -10.29
N LEU A 8 -1.91 19.18 -8.99
CA LEU A 8 -2.99 18.37 -8.44
C LEU A 8 -4.35 18.95 -8.81
N GLY A 9 -4.71 20.06 -8.17
CA GLY A 9 -5.98 20.70 -8.46
C GLY A 9 -6.96 20.55 -7.32
N ASN A 10 -8.24 20.39 -7.66
CA ASN A 10 -9.29 20.23 -6.66
C ASN A 10 -8.79 19.41 -5.47
N GLU A 11 -8.39 18.17 -5.75
CA GLU A 11 -7.88 17.27 -4.72
C GLU A 11 -6.37 17.20 -4.75
N ASP A 12 -5.75 17.25 -3.57
CA ASP A 12 -4.30 17.19 -3.46
C ASP A 12 -3.84 15.80 -3.04
N PHE A 13 -2.54 15.56 -3.12
CA PHE A 13 -1.98 14.27 -2.75
C PHE A 13 -2.44 13.84 -1.37
N ASN A 14 -2.66 14.82 -0.50
CA ASN A 14 -3.11 14.55 0.86
C ASN A 14 -4.59 14.22 0.90
N SER A 15 -5.34 14.79 -0.06
CA SER A 15 -6.78 14.56 -0.14
C SER A 15 -7.07 13.21 -0.77
N VAL A 16 -6.40 12.92 -1.88
CA VAL A 16 -6.59 11.66 -2.60
C VAL A 16 -6.41 10.47 -1.66
N ILE A 17 -5.31 10.47 -0.92
CA ILE A 17 -5.02 9.39 0.01
C ILE A 17 -6.09 9.28 1.08
N GLN A 18 -6.46 10.42 1.65
CA GLN A 18 -7.48 10.47 2.69
C GLN A 18 -8.82 9.99 2.16
N GLN A 19 -9.10 10.28 0.89
CA GLN A 19 -10.35 9.88 0.26
C GLN A 19 -10.37 8.37 0.01
N MET A 20 -9.21 7.83 -0.33
CA MET A 20 -9.09 6.39 -0.59
C MET A 20 -9.13 5.59 0.71
N ALA A 21 -8.55 6.16 1.77
CA ALA A 21 -8.53 5.51 3.07
C ALA A 21 -9.92 5.40 3.67
N GLN A 22 -10.76 6.39 3.37
CA GLN A 22 -12.13 6.41 3.87
C GLN A 22 -12.14 6.37 5.40
N GLY A 23 -11.32 7.21 6.02
CA GLY A 23 -11.26 7.26 7.46
C GLY A 23 -10.21 6.32 8.02
N ARG A 24 -10.02 5.19 7.36
CA ARG A 24 -9.04 4.20 7.81
C ARG A 24 -7.71 4.87 8.14
N GLN A 25 -7.13 4.49 9.28
CA GLN A 25 -5.86 5.05 9.71
C GLN A 25 -4.75 4.72 8.73
N ILE A 26 -4.20 5.74 8.08
CA ILE A 26 -3.14 5.55 7.11
C ILE A 26 -1.78 5.44 7.81
N GLU A 27 -0.90 4.60 7.26
CA GLU A 27 0.43 4.40 7.82
C GLU A 27 1.48 4.36 6.72
N TYR A 28 2.55 5.12 6.91
CA TYR A 28 3.64 5.18 5.94
C TYR A 28 4.66 4.09 6.22
N ILE A 29 4.67 3.06 5.37
CA ILE A 29 5.61 1.95 5.52
C ILE A 29 6.92 2.24 4.80
N ASP A 30 8.03 2.04 5.50
CA ASP A 30 9.35 2.29 4.93
C ASP A 30 10.12 0.98 4.78
N ILE A 31 10.26 0.51 3.54
CA ILE A 31 10.99 -0.72 3.28
C ILE A 31 12.34 -0.45 2.63
N GLU A 32 13.37 -1.14 3.11
CA GLU A 32 14.72 -0.96 2.58
C GLU A 32 15.06 -2.07 1.59
N ARG A 33 14.79 -1.81 0.31
CA ARG A 33 15.07 -2.78 -0.74
C ARG A 33 16.39 -3.49 -0.49
N PRO A 34 16.33 -4.74 -0.01
CA PRO A 34 17.52 -5.56 0.27
C PRO A 34 18.26 -5.96 -0.99
N SER A 35 19.23 -6.85 -0.84
CA SER A 35 20.03 -7.32 -1.97
C SER A 35 19.85 -8.83 -2.16
N THR A 36 19.91 -9.57 -1.06
CA THR A 36 19.76 -11.02 -1.10
C THR A 36 18.46 -11.42 -1.80
N GLY A 37 17.37 -10.73 -1.45
CA GLY A 37 16.09 -11.03 -2.06
C GLY A 37 15.42 -9.79 -2.64
N GLY A 38 14.28 -9.42 -2.07
CA GLY A 38 13.56 -8.26 -2.55
C GLY A 38 12.60 -7.70 -1.52
N LEU A 39 11.63 -6.92 -1.97
CA LEU A 39 10.65 -6.32 -1.07
C LEU A 39 10.25 -7.30 0.03
N GLY A 40 10.38 -8.59 -0.25
CA GLY A 40 10.03 -9.60 0.73
C GLY A 40 8.53 -9.71 0.94
N PHE A 41 7.76 -9.07 0.08
CA PHE A 41 6.31 -9.10 0.18
C PHE A 41 5.66 -8.98 -1.20
N SER A 42 4.52 -9.62 -1.36
CA SER A 42 3.80 -9.59 -2.64
C SER A 42 2.51 -8.78 -2.52
N VAL A 43 1.86 -8.54 -3.65
CA VAL A 43 0.61 -7.78 -3.68
C VAL A 43 -0.36 -8.35 -4.70
N VAL A 44 -1.64 -8.20 -4.43
CA VAL A 44 -2.68 -8.70 -5.32
C VAL A 44 -3.42 -7.55 -5.99
N ALA A 45 -4.13 -7.86 -7.09
CA ALA A 45 -4.89 -6.85 -7.82
C ALA A 45 -6.37 -7.20 -7.84
N LEU A 46 -7.20 -6.25 -7.44
CA LEU A 46 -8.65 -6.46 -7.42
C LEU A 46 -9.38 -5.15 -7.73
N ARG A 47 -10.13 -5.15 -8.82
CA ARG A 47 -10.89 -3.97 -9.24
C ARG A 47 -11.87 -3.55 -8.14
N SER A 48 -11.72 -2.32 -7.67
CA SER A 48 -12.60 -1.79 -6.64
C SER A 48 -13.95 -1.41 -7.20
N GLN A 49 -15.01 -1.77 -6.48
CA GLN A 49 -16.37 -1.47 -6.91
C GLN A 49 -16.45 -0.06 -7.51
N ASN A 50 -15.69 0.87 -6.94
CA ASN A 50 -15.67 2.24 -7.41
C ASN A 50 -15.27 2.30 -8.88
N LEU A 51 -15.13 3.52 -9.40
CA LEU A 51 -14.75 3.73 -10.79
C LEU A 51 -13.68 2.73 -11.22
N GLY A 52 -13.51 2.56 -12.53
CA GLY A 52 -12.51 1.64 -13.03
C GLY A 52 -11.16 1.82 -12.36
N LYS A 53 -10.97 1.12 -11.24
CA LYS A 53 -9.72 1.20 -10.51
C LYS A 53 -9.37 -0.15 -9.86
N VAL A 54 -8.10 -0.32 -9.52
CA VAL A 54 -7.65 -1.56 -8.88
C VAL A 54 -7.09 -1.31 -7.50
N ASP A 55 -7.37 -2.21 -6.57
CA ASP A 55 -6.90 -2.08 -5.20
C ASP A 55 -5.77 -3.07 -4.93
N ILE A 56 -4.56 -2.55 -4.69
CA ILE A 56 -3.41 -3.39 -4.41
C ILE A 56 -3.32 -3.73 -2.92
N PHE A 57 -3.40 -5.02 -2.62
CA PHE A 57 -3.32 -5.48 -1.24
C PHE A 57 -2.08 -6.31 -1.01
N VAL A 58 -1.40 -6.08 0.11
CA VAL A 58 -0.19 -6.81 0.45
C VAL A 58 -0.51 -8.26 0.83
N LYS A 59 -0.02 -9.21 0.04
CA LYS A 59 -0.26 -10.62 0.29
C LYS A 59 1.06 -11.38 0.35
N ASP A 60 1.01 -12.60 0.90
CA ASP A 60 2.20 -13.44 1.01
C ASP A 60 3.33 -12.67 1.69
N VAL A 61 3.06 -12.14 2.88
CA VAL A 61 4.06 -11.40 3.63
C VAL A 61 5.16 -12.31 4.14
N GLN A 62 6.08 -12.68 3.26
CA GLN A 62 7.19 -13.56 3.62
C GLN A 62 7.64 -13.30 5.05
N PRO A 63 7.42 -14.28 5.94
CA PRO A 63 7.80 -14.17 7.35
C PRO A 63 9.30 -14.21 7.54
N GLY A 64 10.03 -14.59 6.49
CA GLY A 64 11.48 -14.67 6.57
C GLY A 64 12.16 -13.71 5.62
N SER A 65 11.49 -12.61 5.31
CA SER A 65 12.04 -11.60 4.41
C SER A 65 12.04 -10.23 5.04
N VAL A 66 12.69 -9.27 4.39
CA VAL A 66 12.78 -7.91 4.89
C VAL A 66 11.43 -7.45 5.46
N ALA A 67 10.38 -7.64 4.69
CA ALA A 67 9.03 -7.25 5.11
C ALA A 67 8.79 -7.64 6.56
N ASP A 68 8.84 -8.94 6.85
CA ASP A 68 8.62 -9.43 8.20
C ASP A 68 9.45 -8.65 9.20
N ARG A 69 10.73 -8.47 8.89
CA ARG A 69 11.64 -7.75 9.78
C ARG A 69 11.76 -6.29 9.34
N ASP A 70 10.74 -5.79 8.65
CA ASP A 70 10.73 -4.40 8.19
C ASP A 70 10.24 -3.46 9.28
N GLN A 71 10.31 -2.16 9.02
CA GLN A 71 9.87 -1.16 9.98
C GLN A 71 8.48 -1.49 10.51
N ARG A 72 7.52 -1.62 9.60
CA ARG A 72 6.14 -1.93 9.97
C ARG A 72 5.30 -2.26 8.74
N LEU A 73 4.84 -3.50 8.65
CA LEU A 73 4.02 -3.93 7.52
C LEU A 73 3.21 -5.18 7.89
N LYS A 74 1.90 -5.12 7.65
CA LYS A 74 1.02 -6.23 7.95
C LYS A 74 0.34 -6.75 6.68
N GLU A 75 -0.34 -7.88 6.79
CA GLU A 75 -1.02 -8.47 5.65
C GLU A 75 -2.30 -7.70 5.32
N ASN A 76 -2.82 -7.91 4.11
CA ASN A 76 -4.03 -7.23 3.68
C ASN A 76 -3.90 -5.72 3.84
N ASP A 77 -2.83 -5.17 3.28
CA ASP A 77 -2.58 -3.74 3.36
C ASP A 77 -2.78 -3.08 2.01
N GLN A 78 -3.84 -2.28 1.90
CA GLN A 78 -4.14 -1.59 0.64
C GLN A 78 -3.14 -0.47 0.37
N ILE A 79 -2.40 -0.60 -0.72
CA ILE A 79 -1.41 0.41 -1.08
C ILE A 79 -2.07 1.66 -1.64
N LEU A 80 -2.17 2.69 -0.79
CA LEU A 80 -2.80 3.95 -1.20
C LEU A 80 -1.85 4.75 -2.09
N ALA A 81 -0.55 4.66 -1.81
CA ALA A 81 0.45 5.38 -2.58
C ALA A 81 1.81 4.68 -2.50
N ILE A 82 2.59 4.79 -3.57
CA ILE A 82 3.91 4.17 -3.60
C ILE A 82 4.97 5.18 -4.06
N ASN A 83 5.99 5.37 -3.22
CA ASN A 83 7.07 6.30 -3.54
C ASN A 83 6.52 7.69 -3.85
N HIS A 84 5.65 8.19 -2.98
CA HIS A 84 5.05 9.50 -3.17
C HIS A 84 4.22 9.54 -4.44
N THR A 85 3.28 8.62 -4.56
CA THR A 85 2.41 8.54 -5.73
C THR A 85 1.21 7.65 -5.49
N PRO A 86 0.02 8.25 -5.38
CA PRO A 86 -1.23 7.52 -5.14
C PRO A 86 -1.65 6.68 -6.34
N LEU A 87 -2.24 5.53 -6.08
CA LEU A 87 -2.69 4.63 -7.13
C LEU A 87 -4.16 4.87 -7.45
N ASP A 88 -4.57 6.13 -7.45
CA ASP A 88 -5.95 6.49 -7.74
C ASP A 88 -6.37 5.97 -9.11
N GLN A 89 -7.66 6.11 -9.43
CA GLN A 89 -8.19 5.66 -10.72
C GLN A 89 -7.18 5.92 -11.83
N ASN A 90 -6.47 7.03 -11.75
CA ASN A 90 -5.48 7.39 -12.75
C ASN A 90 -4.54 6.23 -13.03
N ILE A 91 -3.85 5.77 -11.97
CA ILE A 91 -2.92 4.66 -12.10
C ILE A 91 -3.62 3.33 -11.93
N SER A 92 -3.26 2.36 -12.76
CA SER A 92 -3.87 1.03 -12.70
C SER A 92 -3.12 0.14 -11.72
N HIS A 93 -3.52 -1.13 -11.66
CA HIS A 93 -2.88 -2.09 -10.76
C HIS A 93 -1.45 -2.37 -11.19
N GLN A 94 -1.24 -2.48 -12.50
CA GLN A 94 0.09 -2.75 -13.05
C GLN A 94 1.09 -1.67 -12.60
N GLN A 95 0.86 -0.44 -13.05
CA GLN A 95 1.73 0.67 -12.70
C GLN A 95 2.17 0.58 -11.25
N ALA A 96 1.21 0.32 -10.36
CA ALA A 96 1.51 0.21 -8.94
C ALA A 96 2.63 -0.79 -8.68
N ILE A 97 2.51 -1.97 -9.27
CA ILE A 97 3.51 -3.02 -9.11
C ILE A 97 4.87 -2.57 -9.65
N ALA A 98 4.84 -1.86 -10.77
CA ALA A 98 6.07 -1.36 -11.38
C ALA A 98 6.87 -0.52 -10.40
N LEU A 99 6.28 0.58 -9.95
CA LEU A 99 6.95 1.47 -9.00
C LEU A 99 7.79 0.68 -8.01
N LEU A 100 7.37 -0.55 -7.72
CA LEU A 100 8.08 -1.40 -6.78
C LEU A 100 9.27 -2.07 -7.46
N GLN A 101 9.01 -2.75 -8.58
CA GLN A 101 10.06 -3.44 -9.32
C GLN A 101 11.01 -2.43 -9.97
N GLN A 102 10.60 -1.16 -9.98
CA GLN A 102 11.41 -0.11 -10.57
C GLN A 102 11.91 0.86 -9.51
N THR A 103 12.12 0.34 -8.30
CA THR A 103 12.60 1.16 -7.19
C THR A 103 13.57 0.38 -6.31
N THR A 104 14.86 0.68 -6.44
CA THR A 104 15.88 0.00 -5.65
C THR A 104 16.31 0.85 -4.45
N GLY A 105 17.17 0.28 -3.61
CA GLY A 105 17.63 1.00 -2.44
C GLY A 105 16.56 1.14 -1.38
N SER A 106 15.69 2.13 -1.54
CA SER A 106 14.62 2.38 -0.58
C SER A 106 13.25 2.39 -1.28
N LEU A 107 12.30 1.66 -0.71
CA LEU A 107 10.96 1.58 -1.29
C LEU A 107 9.92 2.09 -0.30
N ARG A 108 9.40 3.29 -0.54
CA ARG A 108 8.40 3.89 0.33
C ARG A 108 6.99 3.48 -0.11
N LEU A 109 6.15 3.13 0.85
CA LEU A 109 4.78 2.73 0.57
C LEU A 109 3.82 3.33 1.58
N ILE A 110 2.52 3.27 1.27
CA ILE A 110 1.50 3.81 2.16
C ILE A 110 0.28 2.90 2.19
N VAL A 111 0.01 2.32 3.36
CA VAL A 111 -1.15 1.44 3.53
C VAL A 111 -2.06 1.92 4.65
N ALA A 112 -3.33 1.54 4.57
CA ALA A 112 -4.30 1.94 5.57
C ALA A 112 -4.66 0.77 6.49
N ARG A 113 -5.28 1.07 7.62
CA ARG A 113 -5.66 0.05 8.58
C ARG A 113 -7.00 0.38 9.22
N GLU A 114 -7.83 -0.64 9.42
CA GLU A 114 -9.14 -0.46 10.02
C GLU A 114 -9.02 -0.14 11.52
N PRO A 115 -9.84 0.80 12.00
CA PRO A 115 -9.85 1.20 13.40
C PRO A 115 -10.40 0.12 14.32
N VAL A 116 -10.08 0.23 15.60
CA VAL A 116 -10.54 -0.75 16.59
C VAL A 116 -10.63 -2.15 15.98
N HIS A 117 -9.74 -2.43 15.04
CA HIS A 117 -9.72 -3.73 14.37
C HIS A 117 -9.48 -4.85 15.39
N THR A 118 -9.36 -6.08 14.89
CA THR A 118 -9.15 -7.23 15.76
C THR A 118 -7.73 -7.79 15.59
N LYS A 119 -7.41 -8.81 16.36
CA LYS A 119 -6.09 -9.44 16.30
C LYS A 119 -6.12 -10.84 16.91
N SER A 120 -5.95 -11.84 16.05
CA SER A 120 -5.97 -13.23 16.49
C SER A 120 -4.64 -13.59 17.17
N SER A 121 -4.54 -14.85 17.60
CA SER A 121 -3.33 -15.32 18.26
C SER A 121 -3.04 -16.77 17.89
N THR A 122 -1.77 -17.16 17.99
CA THR A 122 -1.36 -18.52 17.66
C THR A 122 0.02 -18.82 18.23
N SER A 123 0.17 -20.01 18.80
CA SER A 123 1.44 -20.43 19.39
C SER A 123 2.07 -21.57 18.58
N GLY A 124 3.31 -21.89 18.90
CA GLY A 124 4.01 -22.95 18.20
C GLY A 124 5.49 -22.99 18.50
N PRO A 125 5.89 -23.82 19.48
CA PRO A 125 7.30 -23.94 19.88
C PRO A 125 8.14 -24.63 18.81
N SER A 126 9.44 -24.70 19.05
CA SER A 126 10.36 -25.33 18.11
C SER A 126 11.53 -25.99 18.85
N SER A 127 11.79 -27.25 18.51
CA SER A 127 12.87 -28.00 19.15
C SER A 127 14.21 -27.33 18.88
N GLY A 128 15.09 -27.35 19.88
CA GLY A 128 16.40 -26.74 19.74
C GLY A 128 16.34 -25.23 19.72
N GLY A 1 -5.66 12.60 -21.99
CA GLY A 1 -4.79 13.76 -21.95
C GLY A 1 -4.46 14.19 -20.53
N SER A 2 -3.51 13.50 -19.91
CA SER A 2 -3.12 13.80 -18.54
C SER A 2 -2.66 15.26 -18.42
N SER A 3 -3.60 16.15 -18.15
CA SER A 3 -3.29 17.56 -18.01
C SER A 3 -4.26 18.25 -17.05
N GLY A 4 -3.88 19.42 -16.56
CA GLY A 4 -4.73 20.14 -15.63
C GLY A 4 -4.36 21.62 -15.55
N SER A 5 -5.16 22.46 -16.21
CA SER A 5 -4.91 23.89 -16.21
C SER A 5 -4.36 24.36 -14.87
N SER A 6 -4.94 23.84 -13.79
CA SER A 6 -4.51 24.20 -12.44
C SER A 6 -4.05 22.97 -11.67
N GLY A 7 -3.00 23.15 -10.87
CA GLY A 7 -2.48 22.04 -10.09
C GLY A 7 -3.56 21.31 -9.30
N LEU A 8 -3.16 20.32 -8.53
CA LEU A 8 -4.09 19.54 -7.73
C LEU A 8 -5.24 20.42 -7.24
N GLY A 9 -4.94 21.34 -6.33
CA GLY A 9 -5.95 22.23 -5.79
C GLY A 9 -7.05 21.48 -5.07
N ASN A 10 -8.20 21.37 -5.70
CA ASN A 10 -9.34 20.67 -5.10
C ASN A 10 -8.87 19.49 -4.25
N GLU A 11 -8.29 18.49 -4.91
CA GLU A 11 -7.80 17.32 -4.21
C GLU A 11 -6.30 17.14 -4.41
N ASP A 12 -5.54 17.20 -3.31
CA ASP A 12 -4.09 17.05 -3.37
C ASP A 12 -3.67 15.65 -2.93
N PHE A 13 -2.40 15.33 -3.13
CA PHE A 13 -1.87 14.03 -2.76
C PHE A 13 -2.45 13.56 -1.43
N ASN A 14 -2.62 14.51 -0.52
CA ASN A 14 -3.18 14.19 0.80
C ASN A 14 -4.67 13.89 0.71
N SER A 15 -5.37 14.63 -0.14
CA SER A 15 -6.80 14.45 -0.32
C SER A 15 -7.09 13.11 -1.00
N VAL A 16 -6.40 12.85 -2.10
CA VAL A 16 -6.58 11.61 -2.85
C VAL A 16 -6.41 10.40 -1.94
N ILE A 17 -5.33 10.39 -1.17
CA ILE A 17 -5.04 9.29 -0.26
C ILE A 17 -6.13 9.16 0.80
N GLN A 18 -6.48 10.28 1.42
CA GLN A 18 -7.51 10.30 2.45
C GLN A 18 -8.85 9.83 1.90
N GLN A 19 -9.06 10.06 0.62
CA GLN A 19 -10.31 9.67 -0.04
C GLN A 19 -10.32 8.16 -0.32
N MET A 20 -9.17 7.64 -0.76
CA MET A 20 -9.05 6.23 -1.07
C MET A 20 -9.11 5.39 0.21
N ALA A 21 -8.68 5.99 1.32
CA ALA A 21 -8.69 5.29 2.60
C ALA A 21 -10.09 5.23 3.19
N GLN A 22 -10.85 6.30 3.00
CA GLN A 22 -12.22 6.36 3.52
C GLN A 22 -12.23 6.35 5.04
N GLY A 23 -11.32 7.12 5.64
CA GLY A 23 -11.25 7.18 7.08
C GLY A 23 -10.23 6.21 7.65
N ARG A 24 -10.15 5.02 7.05
CA ARG A 24 -9.22 4.01 7.50
C ARG A 24 -7.91 4.62 7.98
N GLN A 25 -7.40 4.13 9.10
CA GLN A 25 -6.16 4.64 9.67
C GLN A 25 -4.98 4.37 8.73
N ILE A 26 -4.38 5.43 8.21
CA ILE A 26 -3.26 5.31 7.30
C ILE A 26 -1.93 5.23 8.07
N GLU A 27 -1.04 4.37 7.60
CA GLU A 27 0.26 4.21 8.24
C GLU A 27 1.39 4.25 7.22
N TYR A 28 2.28 5.24 7.36
CA TYR A 28 3.39 5.40 6.44
C TYR A 28 4.41 4.27 6.62
N ILE A 29 4.38 3.31 5.70
CA ILE A 29 5.29 2.18 5.76
C ILE A 29 6.58 2.47 5.00
N ASP A 30 7.65 2.72 5.76
CA ASP A 30 8.95 3.02 5.16
C ASP A 30 9.77 1.74 4.95
N ILE A 31 9.77 1.24 3.72
CA ILE A 31 10.51 0.03 3.40
C ILE A 31 11.87 0.35 2.79
N GLU A 32 12.91 -0.26 3.33
CA GLU A 32 14.27 -0.05 2.85
C GLU A 32 14.72 -1.18 1.94
N ARG A 33 14.64 -0.95 0.64
CA ARG A 33 15.03 -1.96 -0.34
C ARG A 33 16.32 -2.67 0.10
N PRO A 34 16.18 -3.95 0.47
CA PRO A 34 17.32 -4.76 0.91
C PRO A 34 18.28 -5.09 -0.23
N SER A 35 19.51 -5.46 0.13
CA SER A 35 20.52 -5.80 -0.87
C SER A 35 20.46 -7.28 -1.23
N THR A 36 19.26 -7.75 -1.57
CA THR A 36 19.05 -9.14 -1.94
C THR A 36 18.60 -9.27 -3.39
N GLY A 37 17.59 -8.48 -3.76
CA GLY A 37 17.09 -8.52 -5.12
C GLY A 37 15.72 -7.86 -5.25
N GLY A 38 14.86 -8.09 -4.27
CA GLY A 38 13.53 -7.51 -4.29
C GLY A 38 13.09 -7.02 -2.93
N LEU A 39 11.78 -6.83 -2.77
CA LEU A 39 11.22 -6.36 -1.51
C LEU A 39 11.03 -7.51 -0.54
N GLY A 40 10.53 -8.64 -1.04
CA GLY A 40 10.32 -9.80 -0.21
C GLY A 40 8.85 -10.03 0.10
N PHE A 41 7.99 -9.26 -0.55
CA PHE A 41 6.55 -9.38 -0.34
C PHE A 41 5.80 -9.27 -1.66
N SER A 42 4.74 -10.07 -1.80
CA SER A 42 3.94 -10.07 -3.01
C SER A 42 2.74 -9.16 -2.88
N VAL A 43 2.02 -8.96 -3.98
CA VAL A 43 0.84 -8.08 -3.98
C VAL A 43 -0.25 -8.66 -4.88
N VAL A 44 -1.50 -8.33 -4.56
CA VAL A 44 -2.64 -8.80 -5.34
C VAL A 44 -3.46 -7.64 -5.87
N ALA A 45 -4.05 -7.82 -7.05
CA ALA A 45 -4.88 -6.79 -7.66
C ALA A 45 -6.36 -7.08 -7.45
N LEU A 46 -7.12 -6.06 -7.04
CA LEU A 46 -8.54 -6.21 -6.81
C LEU A 46 -9.28 -4.91 -7.12
N ARG A 47 -10.04 -4.92 -8.22
CA ARG A 47 -10.79 -3.75 -8.63
C ARG A 47 -11.59 -3.17 -7.46
N SER A 48 -11.35 -1.91 -7.15
CA SER A 48 -12.04 -1.24 -6.05
C SER A 48 -13.48 -0.91 -6.44
N GLN A 49 -14.22 -0.31 -5.52
CA GLN A 49 -15.61 0.06 -5.76
C GLN A 49 -15.73 1.55 -6.04
N ASN A 50 -14.91 2.35 -5.36
CA ASN A 50 -14.93 3.80 -5.55
C ASN A 50 -15.17 4.16 -7.01
N LEU A 51 -14.19 3.85 -7.86
CA LEU A 51 -14.29 4.14 -9.29
C LEU A 51 -13.21 3.42 -10.07
N GLY A 52 -13.30 3.49 -11.39
CA GLY A 52 -12.31 2.84 -12.23
C GLY A 52 -10.92 2.84 -11.62
N LYS A 53 -10.63 1.81 -10.84
CA LYS A 53 -9.32 1.69 -10.19
C LYS A 53 -9.16 0.32 -9.54
N VAL A 54 -7.92 0.00 -9.16
CA VAL A 54 -7.64 -1.28 -8.53
C VAL A 54 -7.01 -1.08 -7.15
N ASP A 55 -7.10 -2.10 -6.31
CA ASP A 55 -6.55 -2.03 -4.97
C ASP A 55 -5.45 -3.09 -4.78
N ILE A 56 -4.22 -2.63 -4.59
CA ILE A 56 -3.10 -3.52 -4.41
C ILE A 56 -2.91 -3.88 -2.94
N PHE A 57 -3.15 -5.14 -2.60
CA PHE A 57 -3.00 -5.61 -1.23
C PHE A 57 -1.72 -6.42 -1.06
N VAL A 58 -1.06 -6.24 0.08
CA VAL A 58 0.18 -6.96 0.37
C VAL A 58 -0.11 -8.39 0.81
N LYS A 59 0.20 -9.34 -0.07
CA LYS A 59 -0.02 -10.75 0.22
C LYS A 59 1.31 -11.50 0.28
N ASP A 60 1.35 -12.58 1.05
CA ASP A 60 2.55 -13.39 1.19
C ASP A 60 3.70 -12.57 1.77
N VAL A 61 3.45 -11.95 2.92
CA VAL A 61 4.47 -11.13 3.57
C VAL A 61 5.55 -11.99 4.23
N GLN A 62 6.63 -12.20 3.50
CA GLN A 62 7.74 -13.01 4.00
C GLN A 62 7.99 -12.74 5.48
N PRO A 63 7.78 -13.78 6.31
CA PRO A 63 7.97 -13.67 7.77
C PRO A 63 9.45 -13.53 8.15
N GLY A 64 10.31 -13.53 7.14
CA GLY A 64 11.73 -13.39 7.39
C GLY A 64 12.43 -12.53 6.36
N SER A 65 11.91 -11.31 6.17
CA SER A 65 12.48 -10.38 5.21
C SER A 65 12.24 -8.93 5.64
N VAL A 66 12.85 -8.00 4.91
CA VAL A 66 12.69 -6.58 5.22
C VAL A 66 11.23 -6.23 5.52
N ALA A 67 10.32 -7.02 4.97
CA ALA A 67 8.90 -6.80 5.17
C ALA A 67 8.49 -7.16 6.60
N ASP A 68 8.99 -8.29 7.08
CA ASP A 68 8.68 -8.75 8.44
C ASP A 68 9.32 -7.84 9.48
N ARG A 69 10.65 -7.77 9.45
CA ARG A 69 11.38 -6.93 10.41
C ARG A 69 10.81 -5.53 10.46
N ASP A 70 10.35 -5.04 9.31
CA ASP A 70 9.77 -3.70 9.22
C ASP A 70 8.78 -3.46 10.36
N GLN A 71 8.28 -4.55 10.93
CA GLN A 71 7.32 -4.46 12.03
C GLN A 71 6.39 -3.27 11.84
N ARG A 72 6.14 -2.91 10.59
CA ARG A 72 5.27 -1.78 10.27
C ARG A 72 4.24 -2.17 9.21
N LEU A 73 4.64 -3.03 8.30
CA LEU A 73 3.75 -3.49 7.23
C LEU A 73 3.06 -4.79 7.61
N LYS A 74 1.73 -4.78 7.59
CA LYS A 74 0.96 -5.97 7.93
C LYS A 74 0.33 -6.59 6.68
N GLU A 75 0.12 -7.90 6.73
CA GLU A 75 -0.47 -8.62 5.60
C GLU A 75 -1.84 -8.05 5.26
N ASN A 76 -2.27 -8.26 4.01
CA ASN A 76 -3.56 -7.76 3.56
C ASN A 76 -3.63 -6.24 3.65
N ASP A 77 -2.49 -5.59 3.43
CA ASP A 77 -2.42 -4.14 3.49
C ASP A 77 -2.55 -3.53 2.10
N GLN A 78 -3.53 -2.66 1.92
CA GLN A 78 -3.76 -2.01 0.63
C GLN A 78 -2.85 -0.80 0.47
N ILE A 79 -2.03 -0.81 -0.58
CA ILE A 79 -1.11 0.28 -0.85
C ILE A 79 -1.81 1.43 -1.57
N LEU A 80 -2.03 2.53 -0.85
CA LEU A 80 -2.69 3.70 -1.43
C LEU A 80 -1.74 4.46 -2.34
N ALA A 81 -0.46 4.46 -1.99
CA ALA A 81 0.56 5.16 -2.78
C ALA A 81 1.91 4.46 -2.68
N ILE A 82 2.68 4.52 -3.76
CA ILE A 82 4.00 3.90 -3.79
C ILE A 82 5.07 4.90 -4.21
N ASN A 83 5.97 5.20 -3.28
CA ASN A 83 7.06 6.14 -3.54
C ASN A 83 6.51 7.53 -3.83
N HIS A 84 5.59 7.99 -2.99
CA HIS A 84 4.98 9.30 -3.15
C HIS A 84 4.18 9.37 -4.45
N THR A 85 3.25 8.44 -4.62
CA THR A 85 2.42 8.40 -5.81
C THR A 85 1.18 7.53 -5.58
N PRO A 86 0.01 8.18 -5.51
CA PRO A 86 -1.26 7.49 -5.30
C PRO A 86 -1.69 6.67 -6.51
N LEU A 87 -2.28 5.51 -6.26
CA LEU A 87 -2.73 4.64 -7.33
C LEU A 87 -4.18 4.95 -7.72
N ASP A 88 -4.51 6.24 -7.73
CA ASP A 88 -5.86 6.67 -8.10
C ASP A 88 -6.24 6.17 -9.48
N GLN A 89 -7.47 6.46 -9.89
CA GLN A 89 -7.96 6.04 -11.20
C GLN A 89 -6.89 6.22 -12.27
N ASN A 90 -5.97 7.15 -12.01
CA ASN A 90 -4.88 7.42 -12.96
C ASN A 90 -4.01 6.20 -13.15
N ILE A 91 -3.45 5.68 -12.07
CA ILE A 91 -2.60 4.50 -12.13
C ILE A 91 -3.40 3.23 -11.90
N SER A 92 -3.14 2.21 -12.71
CA SER A 92 -3.84 0.94 -12.60
C SER A 92 -3.08 -0.02 -11.69
N HIS A 93 -3.64 -1.21 -11.49
CA HIS A 93 -3.02 -2.22 -10.63
C HIS A 93 -1.62 -2.58 -11.16
N GLN A 94 -1.51 -2.70 -12.48
CA GLN A 94 -0.24 -3.04 -13.11
C GLN A 94 0.84 -2.06 -12.71
N GLN A 95 0.70 -0.81 -13.15
CA GLN A 95 1.66 0.23 -12.84
C GLN A 95 2.12 0.14 -11.39
N ALA A 96 1.18 -0.08 -10.49
CA ALA A 96 1.49 -0.19 -9.07
C ALA A 96 2.54 -1.26 -8.81
N ILE A 97 2.37 -2.41 -9.45
CA ILE A 97 3.31 -3.52 -9.31
C ILE A 97 4.69 -3.14 -9.82
N ALA A 98 4.73 -2.38 -10.91
CA ALA A 98 5.99 -1.95 -11.50
C ALA A 98 6.80 -1.11 -10.51
N LEU A 99 6.24 0.04 -10.13
CA LEU A 99 6.91 0.93 -9.18
C LEU A 99 7.63 0.14 -8.09
N LEU A 100 7.03 -0.97 -7.70
CA LEU A 100 7.62 -1.82 -6.66
C LEU A 100 8.85 -2.55 -7.19
N GLN A 101 8.64 -3.42 -8.17
CA GLN A 101 9.74 -4.18 -8.76
C GLN A 101 10.70 -3.25 -9.50
N GLN A 102 10.33 -1.98 -9.60
CA GLN A 102 11.17 -0.99 -10.28
C GLN A 102 12.20 -0.40 -9.33
N THR A 103 11.74 0.48 -8.45
CA THR A 103 12.63 1.13 -7.48
C THR A 103 13.76 0.20 -7.08
N THR A 104 14.92 0.79 -6.78
CA THR A 104 16.08 0.01 -6.38
C THR A 104 16.64 0.51 -5.05
N GLY A 105 15.86 1.32 -4.35
CA GLY A 105 16.29 1.85 -3.07
C GLY A 105 15.12 2.16 -2.15
N SER A 106 15.29 3.19 -1.32
CA SER A 106 14.25 3.59 -0.38
C SER A 106 12.87 3.43 -1.00
N LEU A 107 12.05 2.57 -0.41
CA LEU A 107 10.70 2.33 -0.90
C LEU A 107 9.66 2.58 0.18
N ARG A 108 8.76 3.53 -0.07
CA ARG A 108 7.72 3.87 0.90
C ARG A 108 6.34 3.50 0.35
N LEU A 109 5.59 2.74 1.14
CA LEU A 109 4.25 2.33 0.74
C LEU A 109 3.21 2.75 1.77
N ILE A 110 2.36 3.70 1.41
CA ILE A 110 1.32 4.20 2.30
C ILE A 110 0.10 3.28 2.28
N VAL A 111 -0.03 2.46 3.32
CA VAL A 111 -1.15 1.54 3.43
C VAL A 111 -2.16 2.02 4.46
N ALA A 112 -3.39 1.50 4.38
CA ALA A 112 -4.44 1.87 5.32
C ALA A 112 -4.78 0.70 6.24
N ARG A 113 -5.51 1.00 7.31
CA ARG A 113 -5.91 -0.03 8.27
C ARG A 113 -7.42 0.03 8.53
N GLU A 114 -7.96 -1.07 9.03
CA GLU A 114 -9.39 -1.15 9.32
C GLU A 114 -9.69 -0.63 10.72
N PRO A 115 -10.47 0.46 10.79
CA PRO A 115 -10.85 1.08 12.07
C PRO A 115 -11.82 0.22 12.86
N VAL A 116 -12.22 0.70 14.03
CA VAL A 116 -13.14 -0.02 14.89
C VAL A 116 -14.48 0.70 15.00
N HIS A 117 -15.37 0.42 14.05
CA HIS A 117 -16.69 1.03 14.03
C HIS A 117 -17.79 -0.02 13.88
N THR A 118 -19.04 0.41 14.03
CA THR A 118 -20.17 -0.49 13.92
C THR A 118 -20.40 -0.91 12.47
N LYS A 119 -20.76 -2.17 12.25
CA LYS A 119 -21.02 -2.68 10.91
C LYS A 119 -21.53 -4.12 10.98
N SER A 120 -22.25 -4.52 9.94
CA SER A 120 -22.80 -5.88 9.87
C SER A 120 -21.74 -6.88 9.42
N SER A 121 -21.13 -7.54 10.39
CA SER A 121 -20.10 -8.53 10.11
C SER A 121 -19.65 -9.24 11.38
N THR A 122 -19.56 -10.57 11.31
CA THR A 122 -19.15 -11.37 12.45
C THR A 122 -17.64 -11.61 12.45
N SER A 123 -17.04 -11.50 13.62
CA SER A 123 -15.59 -11.71 13.76
C SER A 123 -15.27 -13.19 13.90
N GLY A 124 -13.97 -13.49 13.90
CA GLY A 124 -13.54 -14.88 14.02
C GLY A 124 -12.18 -15.01 14.67
N PRO A 125 -12.05 -15.96 15.61
CA PRO A 125 -10.80 -16.20 16.32
C PRO A 125 -9.73 -16.81 15.43
N SER A 126 -8.60 -17.18 16.02
CA SER A 126 -7.50 -17.77 15.27
C SER A 126 -6.78 -18.83 16.10
N SER A 127 -6.01 -19.68 15.43
CA SER A 127 -5.28 -20.74 16.11
C SER A 127 -3.81 -20.35 16.33
N GLY A 128 -3.14 -19.98 15.24
CA GLY A 128 -1.75 -19.59 15.33
C GLY A 128 -1.53 -18.14 14.92
N GLY A 1 -8.25 20.66 -24.85
CA GLY A 1 -7.30 19.56 -24.73
C GLY A 1 -7.29 18.95 -23.34
N SER A 2 -6.30 19.36 -22.54
CA SER A 2 -6.18 18.84 -21.17
C SER A 2 -5.59 19.90 -20.25
N SER A 3 -5.92 19.80 -18.96
CA SER A 3 -5.42 20.76 -17.97
C SER A 3 -4.73 20.03 -16.81
N GLY A 4 -3.46 19.67 -17.01
CA GLY A 4 -2.72 18.98 -15.99
C GLY A 4 -1.34 18.56 -16.45
N SER A 5 -0.41 19.51 -16.50
CA SER A 5 0.94 19.22 -16.94
C SER A 5 1.89 19.09 -15.75
N SER A 6 1.88 17.92 -15.13
CA SER A 6 2.73 17.67 -13.97
C SER A 6 2.35 18.57 -12.81
N GLY A 7 1.05 18.74 -12.58
CA GLY A 7 0.58 19.58 -11.50
C GLY A 7 -0.71 19.07 -10.88
N LEU A 8 -1.07 19.62 -9.73
CA LEU A 8 -2.28 19.21 -9.03
C LEU A 8 -3.42 20.17 -9.31
N GLY A 9 -4.62 19.82 -8.86
CA GLY A 9 -5.77 20.68 -9.06
C GLY A 9 -6.72 20.69 -7.87
N ASN A 10 -7.99 20.41 -8.13
CA ASN A 10 -8.99 20.39 -7.06
C ASN A 10 -8.49 19.59 -5.86
N GLU A 11 -8.21 18.31 -6.10
CA GLU A 11 -7.72 17.43 -5.03
C GLU A 11 -6.20 17.34 -5.05
N ASP A 12 -5.61 17.28 -3.87
CA ASP A 12 -4.16 17.18 -3.75
C ASP A 12 -3.74 15.81 -3.22
N PHE A 13 -2.46 15.51 -3.34
CA PHE A 13 -1.93 14.23 -2.87
C PHE A 13 -2.47 13.89 -1.49
N ASN A 14 -2.64 14.92 -0.66
CA ASN A 14 -3.15 14.73 0.69
C ASN A 14 -4.64 14.45 0.67
N SER A 15 -5.33 15.00 -0.31
CA SER A 15 -6.78 14.81 -0.44
C SER A 15 -7.09 13.44 -1.03
N VAL A 16 -6.43 13.12 -2.13
CA VAL A 16 -6.64 11.83 -2.80
C VAL A 16 -6.44 10.67 -1.83
N ILE A 17 -5.38 10.74 -1.03
CA ILE A 17 -5.08 9.69 -0.06
C ILE A 17 -6.17 9.62 1.00
N GLN A 18 -6.55 10.76 1.55
CA GLN A 18 -7.57 10.82 2.59
C GLN A 18 -8.91 10.30 2.05
N GLN A 19 -9.14 10.51 0.75
CA GLN A 19 -10.37 10.06 0.12
C GLN A 19 -10.36 8.55 -0.09
N MET A 20 -9.20 8.01 -0.43
CA MET A 20 -9.06 6.58 -0.65
C MET A 20 -9.07 5.82 0.66
N ALA A 21 -8.51 6.42 1.70
CA ALA A 21 -8.46 5.80 3.02
C ALA A 21 -9.82 5.83 3.70
N GLN A 22 -10.56 6.91 3.46
CA GLN A 22 -11.89 7.06 4.06
C GLN A 22 -11.81 7.14 5.58
N GLY A 23 -10.78 7.83 6.08
CA GLY A 23 -10.59 7.97 7.50
C GLY A 23 -9.67 6.91 8.08
N ARG A 24 -9.63 5.75 7.45
CA ARG A 24 -8.79 4.65 7.90
C ARG A 24 -7.42 5.16 8.33
N GLN A 25 -6.90 4.60 9.41
CA GLN A 25 -5.60 5.00 9.94
C GLN A 25 -4.49 4.72 8.92
N ILE A 26 -3.90 5.79 8.39
CA ILE A 26 -2.83 5.65 7.41
C ILE A 26 -1.47 5.53 8.09
N GLU A 27 -0.60 4.70 7.53
CA GLU A 27 0.72 4.49 8.08
C GLU A 27 1.77 4.43 6.97
N TYR A 28 3.01 4.77 7.32
CA TYR A 28 4.11 4.76 6.35
C TYR A 28 5.07 3.60 6.63
N ILE A 29 4.93 2.54 5.85
CA ILE A 29 5.79 1.37 6.00
C ILE A 29 7.05 1.50 5.16
N ASP A 30 8.20 1.70 5.83
CA ASP A 30 9.47 1.83 5.14
C ASP A 30 10.09 0.46 4.86
N ILE A 31 10.22 0.14 3.58
CA ILE A 31 10.80 -1.15 3.18
C ILE A 31 12.15 -0.95 2.50
N GLU A 32 13.12 -1.78 2.87
CA GLU A 32 14.46 -1.70 2.30
C GLU A 32 14.60 -2.66 1.12
N ARG A 33 14.47 -2.12 -0.09
CA ARG A 33 14.59 -2.92 -1.30
C ARG A 33 15.77 -3.89 -1.21
N PRO A 34 15.47 -5.19 -1.26
CA PRO A 34 16.49 -6.23 -1.18
C PRO A 34 17.37 -6.28 -2.42
N SER A 35 18.11 -7.38 -2.59
CA SER A 35 18.99 -7.55 -3.73
C SER A 35 18.28 -8.29 -4.86
N THR A 36 17.55 -9.34 -4.51
CA THR A 36 16.83 -10.14 -5.48
C THR A 36 15.40 -10.43 -5.02
N GLY A 37 15.27 -10.86 -3.77
CA GLY A 37 13.97 -11.17 -3.22
C GLY A 37 12.92 -10.14 -3.63
N GLY A 38 11.66 -10.58 -3.71
CA GLY A 38 10.59 -9.68 -4.08
C GLY A 38 10.07 -8.86 -2.91
N LEU A 39 10.86 -7.90 -2.47
CA LEU A 39 10.48 -7.05 -1.35
C LEU A 39 9.93 -7.88 -0.19
N GLY A 40 10.34 -9.14 -0.14
CA GLY A 40 9.87 -10.03 0.91
C GLY A 40 8.37 -10.01 1.07
N PHE A 41 7.68 -9.43 0.09
CA PHE A 41 6.23 -9.35 0.12
C PHE A 41 5.66 -9.20 -1.28
N SER A 42 4.52 -9.85 -1.52
CA SER A 42 3.86 -9.79 -2.83
C SER A 42 2.61 -8.94 -2.78
N VAL A 43 1.98 -8.75 -3.93
CA VAL A 43 0.76 -7.96 -4.03
C VAL A 43 -0.27 -8.63 -4.92
N VAL A 44 -1.55 -8.35 -4.66
CA VAL A 44 -2.63 -8.93 -5.45
C VAL A 44 -3.53 -7.84 -6.03
N ALA A 45 -3.77 -7.92 -7.33
CA ALA A 45 -4.62 -6.94 -8.01
C ALA A 45 -6.08 -7.38 -8.00
N LEU A 46 -6.96 -6.47 -7.59
CA LEU A 46 -8.40 -6.77 -7.54
C LEU A 46 -9.21 -5.52 -7.87
N ARG A 47 -9.81 -5.52 -9.06
CA ARG A 47 -10.63 -4.40 -9.50
C ARG A 47 -11.55 -3.93 -8.38
N SER A 48 -11.35 -2.69 -7.94
CA SER A 48 -12.15 -2.12 -6.87
C SER A 48 -13.55 -1.78 -7.37
N GLN A 49 -14.57 -2.34 -6.72
CA GLN A 49 -15.95 -2.09 -7.11
C GLN A 49 -16.13 -0.67 -7.63
N ASN A 50 -15.37 0.26 -7.04
CA ASN A 50 -15.45 1.66 -7.45
C ASN A 50 -15.16 1.80 -8.94
N LEU A 51 -15.15 3.05 -9.41
CA LEU A 51 -14.89 3.33 -10.81
C LEU A 51 -13.60 2.66 -11.28
N GLY A 52 -13.31 2.76 -12.56
CA GLY A 52 -12.10 2.15 -13.11
C GLY A 52 -10.91 2.33 -12.19
N LYS A 53 -10.70 1.38 -11.29
CA LYS A 53 -9.58 1.44 -10.35
C LYS A 53 -9.37 0.08 -9.69
N VAL A 54 -8.12 -0.23 -9.40
CA VAL A 54 -7.77 -1.50 -8.75
C VAL A 54 -7.18 -1.27 -7.37
N ASP A 55 -7.34 -2.26 -6.50
CA ASP A 55 -6.82 -2.16 -5.13
C ASP A 55 -5.65 -3.12 -4.94
N ILE A 56 -4.49 -2.57 -4.60
CA ILE A 56 -3.29 -3.37 -4.38
C ILE A 56 -3.14 -3.74 -2.92
N PHE A 57 -3.21 -5.04 -2.62
CA PHE A 57 -3.08 -5.54 -1.26
C PHE A 57 -1.80 -6.34 -1.09
N VAL A 58 -1.11 -6.12 0.02
CA VAL A 58 0.13 -6.82 0.31
C VAL A 58 -0.14 -8.23 0.83
N LYS A 59 0.26 -9.23 0.03
CA LYS A 59 0.06 -10.63 0.41
C LYS A 59 1.39 -11.35 0.54
N ASP A 60 1.34 -12.62 0.94
CA ASP A 60 2.54 -13.42 1.10
C ASP A 60 3.61 -12.65 1.87
N VAL A 61 3.19 -12.00 2.95
CA VAL A 61 4.12 -11.22 3.77
C VAL A 61 5.12 -12.13 4.49
N GLN A 62 6.22 -12.44 3.79
CA GLN A 62 7.26 -13.30 4.35
C GLN A 62 7.40 -13.06 5.85
N PRO A 63 7.11 -14.10 6.65
CA PRO A 63 7.20 -14.04 8.11
C PRO A 63 8.64 -13.94 8.59
N GLY A 64 9.58 -13.92 7.65
CA GLY A 64 10.98 -13.84 8.00
C GLY A 64 11.82 -13.17 6.91
N SER A 65 11.36 -12.03 6.45
CA SER A 65 12.06 -11.29 5.39
C SER A 65 11.96 -9.79 5.61
N VAL A 66 12.58 -9.02 4.73
CA VAL A 66 12.56 -7.57 4.81
C VAL A 66 11.17 -7.06 5.18
N ALA A 67 10.14 -7.76 4.70
CA ALA A 67 8.76 -7.39 4.98
C ALA A 67 8.55 -7.16 6.47
N ASP A 68 9.13 -8.02 7.30
CA ASP A 68 9.01 -7.92 8.74
C ASP A 68 10.31 -7.47 9.38
N ARG A 69 11.32 -8.34 9.32
CA ARG A 69 12.63 -8.03 9.88
C ARG A 69 12.96 -6.55 9.71
N ASP A 70 12.47 -5.97 8.62
CA ASP A 70 12.72 -4.55 8.34
C ASP A 70 11.60 -3.68 8.90
N GLN A 71 10.42 -3.76 8.31
CA GLN A 71 9.27 -2.99 8.75
C GLN A 71 8.22 -3.88 9.38
N ARG A 72 7.08 -3.28 9.73
CA ARG A 72 5.99 -4.03 10.35
C ARG A 72 4.80 -4.14 9.40
N LEU A 73 5.09 -4.14 8.10
CA LEU A 73 4.04 -4.23 7.09
C LEU A 73 3.08 -5.38 7.40
N LYS A 74 1.80 -5.05 7.54
CA LYS A 74 0.78 -6.05 7.85
C LYS A 74 0.23 -6.66 6.56
N GLU A 75 -0.34 -7.85 6.68
CA GLU A 75 -0.92 -8.53 5.53
C GLU A 75 -2.24 -7.90 5.11
N ASN A 76 -2.59 -8.02 3.84
CA ASN A 76 -3.83 -7.46 3.33
C ASN A 76 -3.87 -5.95 3.54
N ASP A 77 -2.74 -5.29 3.29
CA ASP A 77 -2.65 -3.84 3.46
C ASP A 77 -2.81 -3.13 2.12
N GLN A 78 -3.91 -2.38 1.98
CA GLN A 78 -4.18 -1.65 0.75
C GLN A 78 -3.23 -0.47 0.60
N ILE A 79 -2.39 -0.52 -0.43
CA ILE A 79 -1.43 0.55 -0.69
C ILE A 79 -2.10 1.74 -1.37
N LEU A 80 -2.16 2.86 -0.67
CA LEU A 80 -2.77 4.07 -1.20
C LEU A 80 -1.81 4.79 -2.14
N ALA A 81 -0.55 4.89 -1.74
CA ALA A 81 0.46 5.56 -2.55
C ALA A 81 1.80 4.83 -2.45
N ILE A 82 2.61 4.96 -3.50
CA ILE A 82 3.92 4.30 -3.54
C ILE A 82 5.01 5.30 -3.95
N ASN A 83 5.84 5.68 -2.99
CA ASN A 83 6.93 6.62 -3.25
C ASN A 83 6.38 7.97 -3.69
N HIS A 84 5.38 8.46 -2.97
CA HIS A 84 4.77 9.75 -3.28
C HIS A 84 3.98 9.67 -4.58
N THR A 85 3.13 8.65 -4.69
CA THR A 85 2.31 8.46 -5.87
C THR A 85 1.09 7.59 -5.56
N PRO A 86 -0.08 8.23 -5.47
CA PRO A 86 -1.34 7.53 -5.18
C PRO A 86 -1.80 6.65 -6.34
N LEU A 87 -2.33 5.47 -6.02
CA LEU A 87 -2.81 4.54 -7.04
C LEU A 87 -4.27 4.80 -7.37
N ASP A 88 -4.65 6.08 -7.42
CA ASP A 88 -6.02 6.46 -7.73
C ASP A 88 -6.40 6.05 -9.15
N GLN A 89 -7.67 6.21 -9.49
CA GLN A 89 -8.15 5.86 -10.82
C GLN A 89 -7.11 6.17 -11.88
N ASN A 90 -6.29 7.18 -11.63
CA ASN A 90 -5.25 7.58 -12.55
C ASN A 90 -4.34 6.39 -12.91
N ILE A 91 -3.79 5.76 -11.88
CA ILE A 91 -2.92 4.61 -12.08
C ILE A 91 -3.68 3.30 -11.89
N SER A 92 -3.35 2.31 -12.70
CA SER A 92 -4.00 1.00 -12.62
C SER A 92 -3.19 0.05 -11.74
N HIS A 93 -3.68 -1.17 -11.60
CA HIS A 93 -3.01 -2.18 -10.77
C HIS A 93 -1.63 -2.50 -11.34
N GLN A 94 -1.55 -2.61 -12.66
CA GLN A 94 -0.28 -2.91 -13.32
C GLN A 94 0.79 -1.89 -12.94
N GLN A 95 0.57 -0.64 -13.34
CA GLN A 95 1.51 0.43 -13.04
C GLN A 95 1.99 0.35 -11.60
N ALA A 96 1.05 0.19 -10.68
CA ALA A 96 1.37 0.09 -9.26
C ALA A 96 2.50 -0.90 -9.02
N ILE A 97 2.39 -2.06 -9.66
CA ILE A 97 3.41 -3.10 -9.51
C ILE A 97 4.78 -2.60 -9.96
N ALA A 98 4.82 -1.95 -11.12
CA ALA A 98 6.06 -1.42 -11.65
C ALA A 98 6.81 -0.58 -10.61
N LEU A 99 6.13 0.46 -10.11
CA LEU A 99 6.73 1.33 -9.12
C LEU A 99 7.57 0.53 -8.12
N LEU A 100 7.08 -0.64 -7.75
CA LEU A 100 7.78 -1.51 -6.81
C LEU A 100 8.97 -2.19 -7.47
N GLN A 101 8.70 -2.89 -8.57
CA GLN A 101 9.75 -3.60 -9.30
C GLN A 101 10.80 -2.62 -9.81
N GLN A 102 10.46 -1.33 -9.81
CA GLN A 102 11.37 -0.31 -10.28
C GLN A 102 12.04 0.40 -9.10
N THR A 103 11.24 1.12 -8.32
CA THR A 103 11.76 1.85 -7.16
C THR A 103 12.87 1.07 -6.47
N THR A 104 14.10 1.53 -6.64
CA THR A 104 15.25 0.88 -6.02
C THR A 104 15.50 1.40 -4.61
N GLY A 105 16.23 0.63 -3.83
CA GLY A 105 16.53 1.03 -2.46
C GLY A 105 15.28 1.26 -1.64
N SER A 106 15.42 2.03 -0.56
CA SER A 106 14.29 2.31 0.32
C SER A 106 12.98 2.36 -0.47
N LEU A 107 11.90 1.91 0.17
CA LEU A 107 10.59 1.91 -0.47
C LEU A 107 9.50 2.34 0.51
N ARG A 108 9.00 3.56 0.34
CA ARG A 108 7.96 4.09 1.20
C ARG A 108 6.58 3.78 0.63
N LEU A 109 5.82 2.94 1.34
CA LEU A 109 4.48 2.58 0.91
C LEU A 109 3.43 3.04 1.92
N ILE A 110 2.54 3.92 1.47
CA ILE A 110 1.49 4.44 2.33
C ILE A 110 0.26 3.54 2.31
N VAL A 111 0.11 2.73 3.35
CA VAL A 111 -1.03 1.82 3.45
C VAL A 111 -2.02 2.30 4.51
N ALA A 112 -3.28 1.89 4.35
CA ALA A 112 -4.32 2.28 5.30
C ALA A 112 -4.54 1.20 6.35
N ARG A 113 -5.18 1.56 7.44
CA ARG A 113 -5.44 0.63 8.53
C ARG A 113 -6.90 0.72 8.99
N GLU A 114 -7.42 -0.38 9.54
CA GLU A 114 -8.79 -0.42 10.01
C GLU A 114 -8.83 -0.54 11.53
N PRO A 115 -9.69 0.27 12.16
CA PRO A 115 -9.85 0.27 13.62
C PRO A 115 -10.53 -1.00 14.13
N VAL A 116 -10.60 -1.14 15.45
CA VAL A 116 -11.21 -2.31 16.06
C VAL A 116 -12.06 -1.91 17.27
N HIS A 117 -13.21 -2.56 17.42
CA HIS A 117 -14.11 -2.29 18.54
C HIS A 117 -13.94 -3.31 19.65
N THR A 118 -13.97 -4.59 19.28
CA THR A 118 -13.83 -5.66 20.25
C THR A 118 -12.44 -5.65 20.88
N LYS A 119 -12.27 -6.45 21.93
CA LYS A 119 -10.99 -6.53 22.62
C LYS A 119 -10.21 -7.77 22.19
N SER A 120 -9.03 -7.96 22.78
CA SER A 120 -8.18 -9.10 22.45
C SER A 120 -7.40 -9.56 23.68
N SER A 121 -6.71 -10.69 23.54
CA SER A 121 -5.92 -11.24 24.63
C SER A 121 -4.94 -12.28 24.12
N THR A 122 -4.02 -12.71 24.99
CA THR A 122 -3.02 -13.69 24.62
C THR A 122 -2.69 -14.61 25.79
N SER A 123 -2.20 -15.81 25.49
CA SER A 123 -1.85 -16.77 26.53
C SER A 123 -1.20 -18.01 25.91
N GLY A 124 -0.03 -18.37 26.43
CA GLY A 124 0.67 -19.53 25.92
C GLY A 124 2.18 -19.32 25.87
N PRO A 125 2.85 -19.63 26.98
CA PRO A 125 4.31 -19.48 27.09
C PRO A 125 5.06 -20.49 26.24
N SER A 126 6.38 -20.51 26.38
CA SER A 126 7.22 -21.44 25.62
C SER A 126 8.32 -22.03 26.49
N SER A 127 9.12 -22.91 25.91
CA SER A 127 10.21 -23.55 26.64
C SER A 127 11.12 -24.32 25.68
N GLY A 128 12.36 -23.88 25.58
CA GLY A 128 13.31 -24.54 24.71
C GLY A 128 12.66 -25.09 23.45
N GLY A 1 -9.12 10.17 -22.62
CA GLY A 1 -9.36 11.60 -22.73
C GLY A 1 -8.07 12.39 -22.83
N SER A 2 -8.07 13.59 -22.23
CA SER A 2 -6.89 14.45 -22.25
C SER A 2 -6.35 14.67 -20.84
N SER A 3 -5.09 14.32 -20.63
CA SER A 3 -4.46 14.49 -19.33
C SER A 3 -3.09 15.13 -19.46
N GLY A 4 -2.94 16.33 -18.91
CA GLY A 4 -1.67 17.02 -18.99
C GLY A 4 -0.98 17.13 -17.63
N SER A 5 0.33 17.29 -17.66
CA SER A 5 1.12 17.39 -16.43
C SER A 5 0.52 18.44 -15.49
N SER A 6 -0.35 17.99 -14.58
CA SER A 6 -0.99 18.88 -13.63
C SER A 6 -0.64 18.51 -12.20
N GLY A 7 0.18 19.33 -11.55
CA GLY A 7 0.58 19.06 -10.18
C GLY A 7 -0.59 18.62 -9.31
N LEU A 8 -1.27 19.59 -8.72
CA LEU A 8 -2.41 19.29 -7.85
C LEU A 8 -3.45 20.41 -7.93
N GLY A 9 -4.63 20.07 -8.42
CA GLY A 9 -5.70 21.05 -8.54
C GLY A 9 -6.85 20.77 -7.59
N ASN A 10 -7.96 20.29 -8.15
CA ASN A 10 -9.14 19.97 -7.36
C ASN A 10 -8.79 19.00 -6.23
N GLU A 11 -8.25 17.85 -6.59
CA GLU A 11 -7.87 16.84 -5.61
C GLU A 11 -6.37 16.82 -5.40
N ASP A 12 -5.94 17.06 -4.17
CA ASP A 12 -4.52 17.07 -3.84
C ASP A 12 -4.08 15.72 -3.30
N PHE A 13 -2.78 15.45 -3.37
CA PHE A 13 -2.23 14.20 -2.88
C PHE A 13 -2.86 13.81 -1.54
N ASN A 14 -2.89 14.76 -0.61
CA ASN A 14 -3.45 14.52 0.71
C ASN A 14 -4.94 14.18 0.61
N SER A 15 -5.60 14.72 -0.41
CA SER A 15 -7.02 14.48 -0.62
C SER A 15 -7.25 13.09 -1.20
N VAL A 16 -6.62 12.81 -2.34
CA VAL A 16 -6.76 11.53 -3.00
C VAL A 16 -6.57 10.38 -2.02
N ILE A 17 -5.53 10.48 -1.19
CA ILE A 17 -5.24 9.45 -0.20
C ILE A 17 -6.39 9.33 0.82
N GLN A 18 -6.79 10.46 1.38
CA GLN A 18 -7.87 10.48 2.36
C GLN A 18 -9.16 9.94 1.76
N GLN A 19 -9.34 10.14 0.46
CA GLN A 19 -10.53 9.66 -0.23
C GLN A 19 -10.48 8.16 -0.45
N MET A 20 -9.28 7.65 -0.74
CA MET A 20 -9.09 6.23 -0.97
C MET A 20 -9.14 5.45 0.35
N ALA A 21 -8.60 6.05 1.40
CA ALA A 21 -8.59 5.41 2.71
C ALA A 21 -9.96 5.49 3.37
N GLN A 22 -10.63 6.63 3.20
CA GLN A 22 -11.95 6.82 3.78
C GLN A 22 -11.88 6.85 5.30
N GLY A 23 -10.87 7.55 5.83
CA GLY A 23 -10.71 7.63 7.27
C GLY A 23 -9.78 6.57 7.82
N ARG A 24 -9.73 5.42 7.14
CA ARG A 24 -8.87 4.33 7.56
C ARG A 24 -7.51 4.84 8.02
N GLN A 25 -7.03 4.30 9.13
CA GLN A 25 -5.73 4.70 9.68
C GLN A 25 -4.61 4.41 8.69
N ILE A 26 -4.04 5.46 8.10
CA ILE A 26 -2.96 5.32 7.14
C ILE A 26 -1.61 5.22 7.85
N GLU A 27 -0.71 4.40 7.30
CA GLU A 27 0.62 4.22 7.86
C GLU A 27 1.67 4.13 6.77
N TYR A 28 2.80 4.81 6.98
CA TYR A 28 3.89 4.81 6.01
C TYR A 28 4.78 3.59 6.21
N ILE A 29 4.71 2.65 5.27
CA ILE A 29 5.52 1.44 5.33
C ILE A 29 6.78 1.58 4.50
N ASP A 30 7.90 1.84 5.19
CA ASP A 30 9.19 1.99 4.52
C ASP A 30 9.95 0.66 4.48
N ILE A 31 10.36 0.26 3.29
CA ILE A 31 11.09 -0.99 3.10
C ILE A 31 12.47 -0.74 2.49
N GLU A 32 13.49 -1.30 3.11
CA GLU A 32 14.86 -1.14 2.62
C GLU A 32 15.12 -2.03 1.41
N ARG A 33 14.91 -1.47 0.22
CA ARG A 33 15.11 -2.21 -1.02
C ARG A 33 16.48 -2.89 -1.02
N PRO A 34 16.47 -4.22 -1.12
CA PRO A 34 17.71 -5.02 -1.15
C PRO A 34 18.50 -4.83 -2.44
N SER A 35 19.82 -4.96 -2.35
CA SER A 35 20.68 -4.81 -3.51
C SER A 35 20.29 -5.77 -4.61
N THR A 36 20.15 -7.05 -4.26
CA THR A 36 19.77 -8.08 -5.22
C THR A 36 18.27 -8.14 -5.40
N GLY A 37 17.59 -7.03 -5.12
CA GLY A 37 16.15 -6.98 -5.27
C GLY A 37 15.45 -8.04 -4.42
N GLY A 38 14.14 -7.88 -4.25
CA GLY A 38 13.38 -8.83 -3.47
C GLY A 38 12.76 -8.20 -2.23
N LEU A 39 11.62 -7.55 -2.41
CA LEU A 39 10.93 -6.89 -1.31
C LEU A 39 10.55 -7.90 -0.22
N GLY A 40 10.19 -9.11 -0.65
CA GLY A 40 9.82 -10.15 0.29
C GLY A 40 8.33 -10.15 0.58
N PHE A 41 7.58 -9.39 -0.20
CA PHE A 41 6.13 -9.30 -0.02
C PHE A 41 5.41 -9.26 -1.37
N SER A 42 4.32 -10.01 -1.47
CA SER A 42 3.55 -10.06 -2.71
C SER A 42 2.35 -9.11 -2.64
N VAL A 43 1.65 -8.97 -3.76
CA VAL A 43 0.48 -8.10 -3.83
C VAL A 43 -0.59 -8.70 -4.73
N VAL A 44 -1.85 -8.40 -4.41
CA VAL A 44 -2.97 -8.91 -5.19
C VAL A 44 -3.76 -7.76 -5.82
N ALA A 45 -4.10 -7.92 -7.09
CA ALA A 45 -4.86 -6.90 -7.82
C ALA A 45 -6.36 -7.20 -7.78
N LEU A 46 -7.14 -6.24 -7.30
CA LEU A 46 -8.58 -6.40 -7.21
C LEU A 46 -9.29 -5.06 -7.41
N ARG A 47 -10.01 -4.94 -8.52
CA ARG A 47 -10.73 -3.70 -8.82
C ARG A 47 -11.40 -3.15 -7.58
N SER A 48 -11.08 -1.91 -7.24
CA SER A 48 -11.65 -1.25 -6.07
C SER A 48 -13.14 -1.01 -6.26
N GLN A 49 -13.78 -0.45 -5.23
CA GLN A 49 -15.21 -0.16 -5.28
C GLN A 49 -15.45 1.31 -5.58
N ASN A 50 -14.40 2.12 -5.46
CA ASN A 50 -14.50 3.54 -5.72
C ASN A 50 -14.94 3.81 -7.16
N LEU A 51 -14.02 3.58 -8.09
CA LEU A 51 -14.30 3.79 -9.51
C LEU A 51 -13.12 3.36 -10.38
N GLY A 52 -13.42 2.80 -11.54
CA GLY A 52 -12.37 2.35 -12.44
C GLY A 52 -10.99 2.44 -11.81
N LYS A 53 -10.66 1.44 -10.99
CA LYS A 53 -9.37 1.40 -10.33
C LYS A 53 -9.11 0.03 -9.71
N VAL A 54 -7.89 -0.17 -9.21
CA VAL A 54 -7.53 -1.44 -8.60
C VAL A 54 -6.90 -1.22 -7.22
N ASP A 55 -7.15 -2.14 -6.31
CA ASP A 55 -6.61 -2.06 -4.96
C ASP A 55 -5.49 -3.08 -4.75
N ILE A 56 -4.28 -2.59 -4.54
CA ILE A 56 -3.13 -3.46 -4.32
C ILE A 56 -2.97 -3.81 -2.85
N PHE A 57 -3.34 -5.03 -2.49
CA PHE A 57 -3.24 -5.49 -1.11
C PHE A 57 -1.99 -6.33 -0.91
N VAL A 58 -1.26 -6.06 0.16
CA VAL A 58 -0.03 -6.80 0.47
C VAL A 58 -0.35 -8.20 0.97
N LYS A 59 -0.06 -9.20 0.14
CA LYS A 59 -0.31 -10.58 0.50
C LYS A 59 0.99 -11.35 0.65
N ASP A 60 0.92 -12.50 1.33
CA ASP A 60 2.11 -13.32 1.55
C ASP A 60 3.25 -12.50 2.13
N VAL A 61 2.96 -11.77 3.20
CA VAL A 61 3.97 -10.94 3.85
C VAL A 61 4.94 -11.79 4.66
N GLN A 62 6.05 -12.18 4.04
CA GLN A 62 7.05 -12.99 4.70
C GLN A 62 7.51 -12.34 6.00
N PRO A 63 7.32 -13.05 7.13
CA PRO A 63 7.71 -12.55 8.45
C PRO A 63 9.22 -12.50 8.62
N GLY A 64 9.95 -13.08 7.68
CA GLY A 64 11.40 -13.08 7.75
C GLY A 64 12.04 -12.44 6.53
N SER A 65 11.50 -11.30 6.11
CA SER A 65 12.02 -10.58 4.96
C SER A 65 11.93 -9.07 5.16
N VAL A 66 12.92 -8.35 4.65
CA VAL A 66 12.96 -6.90 4.77
C VAL A 66 11.55 -6.31 4.73
N ALA A 67 10.69 -6.89 3.91
CA ALA A 67 9.32 -6.43 3.78
C ALA A 67 8.77 -5.95 5.12
N ASP A 68 8.95 -6.77 6.15
CA ASP A 68 8.48 -6.44 7.49
C ASP A 68 9.65 -6.34 8.47
N ARG A 69 10.37 -7.44 8.61
CA ARG A 69 11.52 -7.49 9.52
C ARG A 69 12.23 -6.13 9.57
N ASP A 70 12.30 -5.47 8.42
CA ASP A 70 12.97 -4.17 8.31
C ASP A 70 12.41 -3.21 9.36
N GLN A 71 11.12 -2.89 9.23
CA GLN A 71 10.47 -1.97 10.16
C GLN A 71 9.14 -2.54 10.65
N ARG A 72 8.16 -2.59 9.75
CA ARG A 72 6.84 -3.11 10.10
C ARG A 72 5.94 -3.16 8.86
N LEU A 73 5.14 -4.21 8.77
CA LEU A 73 4.22 -4.38 7.64
C LEU A 73 3.23 -5.51 7.90
N LYS A 74 1.95 -5.21 7.70
CA LYS A 74 0.90 -6.21 7.92
C LYS A 74 0.31 -6.65 6.59
N GLU A 75 -0.40 -7.78 6.62
CA GLU A 75 -1.03 -8.32 5.41
C GLU A 75 -2.33 -7.58 5.09
N ASN A 76 -2.85 -7.79 3.89
CA ASN A 76 -4.09 -7.16 3.47
C ASN A 76 -3.97 -5.64 3.56
N ASP A 77 -2.77 -5.12 3.34
CA ASP A 77 -2.53 -3.68 3.40
C ASP A 77 -2.73 -3.04 2.04
N GLN A 78 -3.88 -2.39 1.85
CA GLN A 78 -4.19 -1.73 0.59
C GLN A 78 -3.25 -0.56 0.34
N ILE A 79 -2.24 -0.78 -0.49
CA ILE A 79 -1.26 0.25 -0.80
C ILE A 79 -1.92 1.41 -1.56
N LEU A 80 -2.17 2.51 -0.85
CA LEU A 80 -2.79 3.69 -1.45
C LEU A 80 -1.83 4.39 -2.40
N ALA A 81 -0.60 4.61 -1.93
CA ALA A 81 0.42 5.27 -2.74
C ALA A 81 1.76 4.56 -2.62
N ILE A 82 2.58 4.67 -3.67
CA ILE A 82 3.89 4.04 -3.67
C ILE A 82 4.97 5.02 -4.11
N ASN A 83 5.86 5.37 -3.19
CA ASN A 83 6.94 6.30 -3.47
C ASN A 83 6.40 7.68 -3.81
N HIS A 84 5.43 8.15 -3.02
CA HIS A 84 4.82 9.45 -3.25
C HIS A 84 4.02 9.47 -4.55
N THR A 85 3.15 8.47 -4.70
CA THR A 85 2.33 8.37 -5.90
C THR A 85 1.13 7.46 -5.66
N PRO A 86 -0.06 8.06 -5.55
CA PRO A 86 -1.31 7.32 -5.31
C PRO A 86 -1.73 6.51 -6.53
N LEU A 87 -2.31 5.34 -6.28
CA LEU A 87 -2.76 4.46 -7.36
C LEU A 87 -4.23 4.74 -7.70
N ASP A 88 -4.59 6.01 -7.77
CA ASP A 88 -5.95 6.40 -8.09
C ASP A 88 -6.32 5.98 -9.52
N GLN A 89 -7.58 6.17 -9.88
CA GLN A 89 -8.07 5.80 -11.20
C GLN A 89 -7.00 6.04 -12.26
N ASN A 90 -6.16 7.05 -12.02
CA ASN A 90 -5.08 7.38 -12.95
C ASN A 90 -4.19 6.17 -13.20
N ILE A 91 -3.62 5.63 -12.13
CA ILE A 91 -2.75 4.47 -12.24
C ILE A 91 -3.52 3.17 -12.02
N SER A 92 -3.16 2.14 -12.77
CA SER A 92 -3.82 0.84 -12.65
C SER A 92 -3.06 -0.08 -11.71
N HIS A 93 -3.53 -1.31 -11.58
CA HIS A 93 -2.89 -2.29 -10.72
C HIS A 93 -1.48 -2.62 -11.21
N GLN A 94 -1.34 -2.71 -12.53
CA GLN A 94 -0.04 -3.03 -13.13
C GLN A 94 1.00 -1.98 -12.76
N GLN A 95 0.80 -0.75 -13.24
CA GLN A 95 1.72 0.33 -12.95
C GLN A 95 2.20 0.29 -11.50
N ALA A 96 1.27 0.11 -10.58
CA ALA A 96 1.60 0.03 -9.17
C ALA A 96 2.73 -0.96 -8.91
N ILE A 97 2.58 -2.18 -9.43
CA ILE A 97 3.58 -3.21 -9.27
C ILE A 97 4.93 -2.75 -9.79
N ALA A 98 4.93 -2.14 -10.97
CA ALA A 98 6.16 -1.65 -11.58
C ALA A 98 6.95 -0.77 -10.61
N LEU A 99 6.34 0.33 -10.18
CA LEU A 99 6.97 1.24 -9.25
C LEU A 99 7.83 0.49 -8.24
N LEU A 100 7.31 -0.61 -7.74
CA LEU A 100 8.03 -1.43 -6.77
C LEU A 100 9.24 -2.11 -7.42
N GLN A 101 9.01 -2.71 -8.59
CA GLN A 101 10.07 -3.40 -9.31
C GLN A 101 11.01 -2.40 -9.98
N GLN A 102 10.61 -1.14 -9.97
CA GLN A 102 11.42 -0.08 -10.57
C GLN A 102 11.75 1.01 -9.57
N THR A 103 12.05 0.61 -8.34
CA THR A 103 12.37 1.54 -7.28
C THR A 103 13.47 0.99 -6.37
N THR A 104 14.67 1.54 -6.52
CA THR A 104 15.82 1.11 -5.72
C THR A 104 15.96 1.96 -4.46
N GLY A 105 16.35 1.31 -3.37
CA GLY A 105 16.52 2.02 -2.11
C GLY A 105 15.21 2.13 -1.33
N SER A 106 15.25 2.86 -0.22
CA SER A 106 14.08 3.04 0.62
C SER A 106 12.81 3.07 -0.23
N LEU A 107 11.88 2.16 0.08
CA LEU A 107 10.62 2.08 -0.66
C LEU A 107 9.46 2.49 0.23
N ARG A 108 8.95 3.70 0.03
CA ARG A 108 7.83 4.20 0.81
C ARG A 108 6.51 3.67 0.28
N LEU A 109 5.71 3.07 1.17
CA LEU A 109 4.43 2.51 0.78
C LEU A 109 3.33 2.95 1.76
N ILE A 110 2.42 3.80 1.27
CA ILE A 110 1.32 4.29 2.10
C ILE A 110 0.14 3.34 2.06
N VAL A 111 0.02 2.52 3.11
CA VAL A 111 -1.08 1.56 3.20
C VAL A 111 -2.12 2.02 4.22
N ALA A 112 -3.34 1.49 4.08
CA ALA A 112 -4.43 1.85 4.98
C ALA A 112 -4.69 0.74 5.99
N ARG A 113 -5.38 1.08 7.08
CA ARG A 113 -5.68 0.12 8.13
C ARG A 113 -7.15 0.21 8.53
N GLU A 114 -7.66 -0.86 9.12
CA GLU A 114 -9.06 -0.90 9.56
C GLU A 114 -9.14 -1.03 11.07
N PRO A 115 -9.96 -0.16 11.69
CA PRO A 115 -10.15 -0.16 13.15
C PRO A 115 -10.91 -1.39 13.63
N VAL A 116 -11.10 -1.48 14.95
CA VAL A 116 -11.82 -2.60 15.54
C VAL A 116 -13.08 -2.13 16.24
N HIS A 117 -14.22 -2.73 15.88
CA HIS A 117 -15.50 -2.37 16.47
C HIS A 117 -16.08 -3.54 17.25
N THR A 118 -16.15 -4.71 16.61
CA THR A 118 -16.69 -5.90 17.24
C THR A 118 -15.98 -7.15 16.75
N LYS A 119 -15.81 -8.12 17.64
CA LYS A 119 -15.15 -9.37 17.30
C LYS A 119 -16.17 -10.49 17.06
N SER A 120 -15.92 -11.32 16.06
CA SER A 120 -16.82 -12.42 15.73
C SER A 120 -16.06 -13.74 15.66
N SER A 121 -16.77 -14.84 15.90
CA SER A 121 -16.16 -16.16 15.86
C SER A 121 -17.06 -17.16 15.13
N THR A 122 -16.47 -18.26 14.68
CA THR A 122 -17.21 -19.28 13.96
C THR A 122 -16.50 -20.63 14.02
N SER A 123 -17.26 -21.69 14.24
CA SER A 123 -16.71 -23.03 14.35
C SER A 123 -16.13 -23.47 13.00
N GLY A 124 -15.21 -24.43 13.05
CA GLY A 124 -14.60 -24.93 11.82
C GLY A 124 -13.16 -25.35 12.04
N PRO A 125 -12.89 -26.66 11.86
CA PRO A 125 -11.54 -27.21 12.03
C PRO A 125 -10.59 -26.76 10.92
N SER A 126 -9.31 -27.13 11.07
CA SER A 126 -8.30 -26.76 10.09
C SER A 126 -7.14 -27.76 10.11
N SER A 127 -6.46 -27.88 8.98
CA SER A 127 -5.32 -28.79 8.86
C SER A 127 -4.06 -28.16 9.43
N GLY A 128 -3.10 -29.01 9.79
CA GLY A 128 -1.85 -28.51 10.34
C GLY A 128 -0.64 -28.93 9.52
#